data_5K8F
#
_entry.id   5K8F
#
_cell.length_a   71.370
_cell.length_b   83.920
_cell.length_c   101.570
_cell.angle_alpha   110.060
_cell.angle_beta   105.240
_cell.angle_gamma   87.650
#
_symmetry.space_group_name_H-M   'P 1'
#
loop_
_entity.id
_entity.type
_entity.pdbx_description
1 polymer 'Acetyl-coenzyme A synthetase'
2 non-polymer "ADENOSINE-5'-TRIPHOSPHATE"
3 non-polymer '[[(2~{R},3~{S},4~{R},5~{R})-5-(6-aminopurin-9-yl)-3,4-bis(oxidanyl)oxolan-2-yl]methoxy-oxidanyl-phosphoryl] ethanoate'
4 non-polymer 'MAGNESIUM ION'
5 non-polymer 1,2-ETHANEDIOL
6 non-polymer 'PHOSPHATE ION'
7 water water
#
_entity_poly.entity_id   1
_entity_poly.type   'polypeptide(L)'
_entity_poly.pdbx_seq_one_letter_code
;MHHHHHHHHENLYFQGKTEVAPGVHHVHPLPDSVPESEDLFAPPPRMQGKEGRPKPHIGPNYESYVKEWAKTVGPNSDEW
WAAKARETLDWYDDFKTVRAGGFEHGDVQWFPEGTLNAAYNCLDRHYYKNPKKTAIIYEADEPSESREVSYEELMQETCR
VANVLKSYGVKKGDAVSIYLPMTWQAAAAFLACARIGAIHSAVFAGFSAESLRDRVNDCECKVLITTDEGRRGGKTIATK
QIVDAALQQCPLVENVLVLRRTGNKVPMTEGRDKWWDEECAKMPAYCPCERMASEDPLFILYTSGSTGKPKGVVHSTAGY
LLGTALTLKYVFDAHPDDRFACMADIGWITGHSYIIYGPLANGITTAVFESTPVYPTPSRYWDFVDKWKATQLYTAPTAI
RLLRRMGEDHVKNHDLSSLRVLGSVGEPINPEAWHWYNDFAGKNQCAIVDTYWMTETGSISIAPLPGAISTKPGSATFPF
FGMDVDIIDPQTGQVLEGNDVEGVLVARRPWPSIARTVYRDHKRYLETYMKPYPGYFFFGDGAARDYDGYMWIKGRVDDV
INVSGHRLSTAEVESALILHKGVAETAVVGCADDLTGQAVYAFVTMKPEFDLKATKEADLSKELAIQVRKVIGPFAAPKK
IYLVSDLPKTRSGKIMRRVLRKIVAGEGDQLGDLSSIADPQIVEEVKQKVTGSA
;
_entity_poly.pdbx_strand_id   A,B,C
#
# COMPACT_ATOMS: atom_id res chain seq x y z
N VAL A 24 -24.65 44.14 -38.56
CA VAL A 24 -25.89 43.62 -38.02
C VAL A 24 -25.63 42.40 -37.15
N HIS A 25 -24.45 42.38 -36.52
CA HIS A 25 -24.07 41.31 -35.60
C HIS A 25 -24.21 41.82 -34.17
N HIS A 26 -25.02 41.14 -33.37
CA HIS A 26 -25.17 41.53 -31.98
C HIS A 26 -23.86 41.36 -31.20
N VAL A 27 -23.07 40.35 -31.56
CA VAL A 27 -21.79 40.09 -30.90
C VAL A 27 -20.68 40.70 -31.75
N HIS A 28 -19.96 41.65 -31.16
CA HIS A 28 -18.86 42.32 -31.83
C HIS A 28 -17.52 41.84 -31.28
N PRO A 29 -16.48 41.81 -32.09
CA PRO A 29 -15.15 41.46 -31.58
C PRO A 29 -14.62 42.54 -30.66
N LEU A 30 -13.58 42.19 -29.91
CA LEU A 30 -12.91 43.18 -29.09
C LEU A 30 -12.35 44.29 -29.99
N PRO A 31 -12.45 45.55 -29.58
CA PRO A 31 -12.06 46.65 -30.47
C PRO A 31 -10.61 46.53 -30.93
N ASP A 32 -10.41 46.73 -32.23
CA ASP A 32 -9.09 46.58 -32.84
C ASP A 32 -8.92 47.63 -33.92
N SER A 33 -7.68 48.13 -34.07
CA SER A 33 -7.39 49.09 -35.13
C SER A 33 -7.47 48.44 -36.50
N VAL A 34 -7.26 47.14 -36.59
CA VAL A 34 -7.35 46.43 -37.86
C VAL A 34 -8.82 46.14 -38.17
N PRO A 35 -9.28 46.41 -39.39
CA PRO A 35 -10.68 46.09 -39.73
C PRO A 35 -10.93 44.59 -39.68
N GLU A 36 -12.18 44.25 -39.39
CA GLU A 36 -12.55 42.84 -39.24
C GLU A 36 -12.31 42.05 -40.52
N SER A 37 -12.42 42.69 -41.68
CA SER A 37 -12.21 41.98 -42.94
C SER A 37 -10.75 41.61 -43.16
N GLU A 38 -9.83 42.23 -42.43
CA GLU A 38 -8.40 41.97 -42.56
C GLU A 38 -7.79 41.47 -41.26
N ASP A 39 -8.60 40.82 -40.41
CA ASP A 39 -8.19 40.49 -39.06
C ASP A 39 -8.35 39.01 -38.76
N LEU A 40 -8.26 38.16 -39.78
CA LEU A 40 -8.34 36.71 -39.63
C LEU A 40 -7.02 36.11 -40.10
N PHE A 41 -6.36 35.38 -39.21
CA PHE A 41 -4.98 34.94 -39.43
C PHE A 41 -4.93 33.42 -39.51
N ALA A 42 -4.80 32.89 -40.72
CA ALA A 42 -4.69 31.45 -40.93
C ALA A 42 -3.34 30.96 -40.41
N PRO A 43 -3.23 29.66 -40.13
CA PRO A 43 -1.95 29.10 -39.66
C PRO A 43 -0.82 29.42 -40.62
N PRO A 44 0.25 30.03 -40.13
CA PRO A 44 1.34 30.46 -41.00
C PRO A 44 2.18 29.28 -41.47
N PRO A 45 3.07 29.49 -42.45
CA PRO A 45 3.87 28.36 -42.98
C PRO A 45 4.63 27.58 -41.94
N ARG A 46 5.07 28.19 -40.84
CA ARG A 46 5.74 27.44 -39.79
C ARG A 46 4.81 26.41 -39.17
N MET A 47 3.51 26.66 -39.17
CA MET A 47 2.51 25.71 -38.70
C MET A 47 1.82 24.97 -39.85
N GLN A 48 2.48 24.89 -41.01
CA GLN A 48 1.96 24.13 -42.14
C GLN A 48 2.86 22.96 -42.51
N GLY A 49 3.83 22.62 -41.67
CA GLY A 49 4.78 21.58 -42.01
C GLY A 49 5.78 21.97 -43.08
N LYS A 50 5.99 23.25 -43.29
CA LYS A 50 6.90 23.76 -44.31
C LYS A 50 8.24 24.14 -43.67
N GLU A 51 9.22 24.41 -44.53
CA GLU A 51 10.57 24.78 -44.10
C GLU A 51 11.22 23.71 -43.23
N GLY A 52 10.74 22.47 -43.31
CA GLY A 52 11.23 21.41 -42.46
C GLY A 52 10.67 21.40 -41.05
N ARG A 53 9.69 22.26 -40.76
CA ARG A 53 9.08 22.27 -39.44
C ARG A 53 8.24 21.01 -39.25
N PRO A 54 7.98 20.62 -37.99
CA PRO A 54 7.15 19.43 -37.75
C PRO A 54 5.74 19.61 -38.27
N LYS A 55 5.18 18.55 -38.83
CA LYS A 55 3.82 18.59 -39.32
C LYS A 55 2.84 18.68 -38.15
N PRO A 56 1.81 19.52 -38.24
CA PRO A 56 0.89 19.68 -37.11
C PRO A 56 0.10 18.42 -36.83
N HIS A 57 -0.17 18.18 -35.55
CA HIS A 57 -0.96 17.01 -35.15
C HIS A 57 -2.40 17.13 -35.64
N ILE A 58 -2.95 18.33 -35.66
CA ILE A 58 -4.30 18.58 -36.15
C ILE A 58 -4.22 19.67 -37.22
N GLY A 59 -4.80 19.41 -38.39
CA GLY A 59 -4.79 20.36 -39.47
C GLY A 59 -5.44 19.81 -40.72
N PRO A 60 -5.56 20.65 -41.76
CA PRO A 60 -5.02 22.01 -41.77
C PRO A 60 -6.06 23.11 -41.58
N ASN A 61 -7.29 22.77 -41.21
CA ASN A 61 -8.37 23.76 -41.17
C ASN A 61 -9.28 23.49 -39.97
N TYR A 62 -10.36 24.28 -39.90
CA TYR A 62 -11.30 24.18 -38.79
C TYR A 62 -12.01 22.84 -38.76
N GLU A 63 -12.33 22.29 -39.93
CA GLU A 63 -13.06 21.02 -39.97
C GLU A 63 -12.22 19.87 -39.42
N SER A 64 -10.91 19.92 -39.65
CA SER A 64 -10.03 18.89 -39.08
C SER A 64 -10.07 18.92 -37.56
N TYR A 65 -10.21 20.10 -36.97
CA TYR A 65 -10.36 20.20 -35.52
C TYR A 65 -11.67 19.58 -35.06
N VAL A 66 -12.76 19.87 -35.77
CA VAL A 66 -14.07 19.37 -35.36
C VAL A 66 -14.16 17.87 -35.54
N LYS A 67 -13.55 17.34 -36.61
CA LYS A 67 -13.61 15.92 -36.90
C LYS A 67 -13.03 15.10 -35.74
N GLU A 68 -12.00 15.62 -35.08
CA GLU A 68 -11.40 14.95 -33.94
C GLU A 68 -12.09 15.31 -32.63
N TRP A 69 -12.47 16.58 -32.47
CA TRP A 69 -13.14 17.03 -31.25
C TRP A 69 -14.45 16.29 -31.03
N ALA A 70 -15.17 15.99 -32.13
CA ALA A 70 -16.44 15.29 -32.02
C ALA A 70 -16.29 13.89 -31.43
N LYS A 71 -15.09 13.31 -31.51
CA LYS A 71 -14.84 12.01 -30.89
C LYS A 71 -14.64 12.09 -29.38
N THR A 72 -14.43 13.30 -28.84
CA THR A 72 -14.06 13.48 -27.45
C THR A 72 -15.21 13.94 -26.57
N VAL A 73 -16.37 14.25 -27.14
CA VAL A 73 -17.54 14.66 -26.38
C VAL A 73 -18.74 13.83 -26.84
N GLY A 74 -19.76 13.80 -25.99
CA GLY A 74 -20.99 13.11 -26.33
C GLY A 74 -21.08 11.72 -25.73
N PRO A 75 -22.11 10.97 -26.12
CA PRO A 75 -22.37 9.66 -25.49
C PRO A 75 -21.53 8.52 -26.03
N ASN A 76 -20.66 8.75 -27.01
CA ASN A 76 -19.79 7.70 -27.53
C ASN A 76 -18.33 8.13 -27.51
N SER A 77 -17.97 9.00 -26.57
CA SER A 77 -16.60 9.49 -26.46
C SER A 77 -15.71 8.63 -25.58
N ASP A 78 -16.27 7.60 -24.94
CA ASP A 78 -15.46 6.75 -24.06
C ASP A 78 -14.36 6.05 -24.84
N GLU A 79 -14.64 5.61 -26.06
CA GLU A 79 -13.66 4.89 -26.86
C GLU A 79 -12.41 5.74 -27.10
N TRP A 80 -12.60 7.03 -27.41
CA TRP A 80 -11.47 7.91 -27.67
C TRP A 80 -10.66 8.16 -26.40
N TRP A 81 -11.34 8.39 -25.28
CA TRP A 81 -10.64 8.72 -24.04
C TRP A 81 -9.93 7.50 -23.46
N ALA A 82 -10.55 6.32 -23.53
CA ALA A 82 -9.88 5.11 -23.06
C ALA A 82 -8.63 4.83 -23.87
N ALA A 83 -8.68 5.09 -25.18
CA ALA A 83 -7.51 4.90 -26.03
C ALA A 83 -6.43 5.93 -25.71
N LYS A 84 -6.82 7.20 -25.60
CA LYS A 84 -5.85 8.26 -25.33
C LYS A 84 -5.17 8.05 -23.98
N ALA A 85 -5.93 7.58 -22.98
CA ALA A 85 -5.36 7.37 -21.66
C ALA A 85 -4.30 6.27 -21.68
N ARG A 86 -4.58 5.16 -22.38
CA ARG A 86 -3.62 4.07 -22.42
C ARG A 86 -2.44 4.37 -23.33
N GLU A 87 -2.63 5.22 -24.34
CA GLU A 87 -1.54 5.57 -25.24
C GLU A 87 -0.63 6.64 -24.65
N THR A 88 -1.14 7.50 -23.78
CA THR A 88 -0.38 8.65 -23.30
C THR A 88 0.37 8.37 -22.02
N LEU A 89 -0.16 7.53 -21.13
CA LEU A 89 0.43 7.31 -19.83
C LEU A 89 0.84 5.86 -19.65
N ASP A 90 1.87 5.64 -18.85
CA ASP A 90 2.28 4.30 -18.43
C ASP A 90 1.51 3.94 -17.16
N TRP A 91 0.83 2.81 -17.19
CA TRP A 91 -0.01 2.37 -16.08
C TRP A 91 0.61 1.17 -15.38
N TYR A 92 0.43 1.12 -14.06
CA TYR A 92 0.80 -0.07 -13.30
C TYR A 92 -0.30 -1.12 -13.37
N ASP A 93 -1.55 -0.69 -13.29
CA ASP A 93 -2.71 -1.55 -13.48
C ASP A 93 -3.68 -0.84 -14.40
N ASP A 94 -4.26 -1.59 -15.34
CA ASP A 94 -5.21 -1.01 -16.28
C ASP A 94 -6.50 -0.64 -15.55
N PHE A 95 -7.26 0.25 -16.17
CA PHE A 95 -8.58 0.64 -15.67
C PHE A 95 -9.66 -0.15 -16.40
N LYS A 96 -10.83 -0.22 -15.77
CA LYS A 96 -12.00 -0.84 -16.36
C LYS A 96 -13.06 0.18 -16.76
N THR A 97 -13.45 1.06 -15.83
CA THR A 97 -14.40 2.12 -16.11
C THR A 97 -13.67 3.33 -16.66
N VAL A 98 -14.29 3.99 -17.64
CA VAL A 98 -13.70 5.20 -18.22
C VAL A 98 -14.09 6.44 -17.42
N ARG A 99 -15.37 6.58 -17.09
CA ARG A 99 -15.83 7.77 -16.38
C ARG A 99 -17.08 7.44 -15.59
N ALA A 100 -17.31 8.21 -14.53
CA ALA A 100 -18.50 8.10 -13.71
C ALA A 100 -18.60 9.34 -12.84
N GLY A 101 -19.77 9.51 -12.20
CA GLY A 101 -20.00 10.67 -11.35
C GLY A 101 -20.41 11.89 -12.15
N GLY A 102 -20.55 13.00 -11.44
CA GLY A 102 -20.97 14.22 -12.08
C GLY A 102 -20.83 15.43 -11.19
N PHE A 103 -21.45 16.53 -11.62
CA PHE A 103 -21.32 17.81 -10.95
C PHE A 103 -22.16 17.91 -9.69
N GLU A 104 -23.34 17.26 -9.67
CA GLU A 104 -24.35 17.57 -8.66
C GLU A 104 -23.83 17.34 -7.26
N HIS A 105 -23.17 16.21 -7.03
CA HIS A 105 -22.60 15.90 -5.72
C HIS A 105 -21.09 15.91 -5.70
N GLY A 106 -20.45 16.18 -6.83
CA GLY A 106 -19.01 16.21 -6.90
C GLY A 106 -18.38 14.86 -6.62
N ASP A 107 -18.69 13.87 -7.45
CA ASP A 107 -18.13 12.53 -7.36
C ASP A 107 -17.52 12.11 -8.68
N VAL A 108 -16.84 13.06 -9.35
CA VAL A 108 -16.32 12.81 -10.69
C VAL A 108 -15.20 11.79 -10.62
N GLN A 109 -15.27 10.78 -11.49
CA GLN A 109 -14.29 9.71 -11.56
C GLN A 109 -13.85 9.51 -13.00
N TRP A 110 -12.55 9.27 -13.19
CA TRP A 110 -12.00 8.93 -14.49
C TRP A 110 -10.97 7.82 -14.32
N PHE A 111 -11.16 6.73 -15.06
CA PHE A 111 -10.28 5.57 -15.02
C PHE A 111 -10.06 5.05 -13.59
N PRO A 112 -11.14 4.86 -12.82
CA PRO A 112 -10.96 4.70 -11.37
C PRO A 112 -10.18 3.47 -10.94
N GLU A 113 -10.22 2.39 -11.70
CA GLU A 113 -9.52 1.16 -11.30
C GLU A 113 -8.05 1.16 -11.69
N GLY A 114 -7.58 2.16 -12.43
CA GLY A 114 -6.19 2.17 -12.84
C GLY A 114 -5.25 2.68 -11.75
N THR A 115 -4.00 2.24 -11.84
CA THR A 115 -2.96 2.70 -10.94
C THR A 115 -1.77 3.21 -11.74
N LEU A 116 -1.17 4.29 -11.27
CA LEU A 116 -0.05 4.93 -11.96
C LEU A 116 0.70 5.79 -10.96
N ASN A 117 1.75 6.44 -11.44
CA ASN A 117 2.50 7.41 -10.65
C ASN A 117 2.92 8.56 -11.55
N ALA A 118 2.67 9.80 -11.10
CA ALA A 118 2.99 10.96 -11.92
C ALA A 118 4.49 11.08 -12.14
N ALA A 119 5.29 10.82 -11.10
CA ALA A 119 6.74 10.93 -11.24
C ALA A 119 7.28 9.88 -12.21
N TYR A 120 6.69 8.69 -12.25
CA TYR A 120 7.14 7.68 -13.20
C TYR A 120 6.89 8.13 -14.63
N ASN A 121 5.76 8.79 -14.88
CA ASN A 121 5.44 9.23 -16.24
C ASN A 121 6.21 10.48 -16.63
N CYS A 122 6.56 11.34 -15.66
CA CYS A 122 7.27 12.58 -15.95
C CYS A 122 8.79 12.41 -15.90
N LEU A 123 9.30 11.28 -15.40
CA LEU A 123 10.74 11.13 -15.24
C LEU A 123 11.24 9.77 -15.72
N ASP A 124 10.89 8.71 -14.98
CA ASP A 124 11.56 7.42 -15.15
C ASP A 124 11.46 6.90 -16.58
N ARG A 125 10.24 6.88 -17.14
CA ARG A 125 10.05 6.27 -18.45
C ARG A 125 10.81 7.02 -19.53
N HIS A 126 11.02 8.33 -19.36
CA HIS A 126 11.84 9.09 -20.29
C HIS A 126 13.33 8.91 -20.00
N TYR A 127 13.68 8.77 -18.72
CA TYR A 127 15.06 8.47 -18.35
C TYR A 127 15.50 7.13 -18.92
N TYR A 128 14.60 6.15 -18.94
CA TYR A 128 14.95 4.82 -19.43
C TYR A 128 15.23 4.84 -20.93
N LYS A 129 14.61 5.75 -21.67
CA LYS A 129 14.80 5.81 -23.12
C LYS A 129 15.97 6.70 -23.51
N ASN A 130 16.10 7.88 -22.88
CA ASN A 130 17.18 8.81 -23.20
C ASN A 130 17.52 9.59 -21.94
N PRO A 131 18.43 9.06 -21.12
CA PRO A 131 18.76 9.75 -19.86
C PRO A 131 19.44 11.10 -20.06
N LYS A 132 20.22 11.25 -21.12
CA LYS A 132 20.98 12.47 -21.34
C LYS A 132 20.15 13.59 -21.96
N LYS A 133 18.92 13.32 -22.37
CA LYS A 133 18.07 14.37 -22.93
C LYS A 133 17.78 15.44 -21.89
N THR A 134 17.73 16.69 -22.34
CA THR A 134 17.49 17.81 -21.44
C THR A 134 16.05 17.81 -20.96
N ALA A 135 15.86 17.69 -19.65
CA ALA A 135 14.52 17.79 -19.09
C ALA A 135 14.13 19.24 -18.83
N ILE A 136 15.05 20.02 -18.28
CA ILE A 136 14.77 21.40 -17.88
C ILE A 136 15.89 22.30 -18.42
N ILE A 137 15.50 23.37 -19.10
CA ILE A 137 16.39 24.48 -19.40
C ILE A 137 16.27 25.46 -18.26
N TYR A 138 17.26 25.47 -17.37
CA TYR A 138 17.24 26.33 -16.19
C TYR A 138 17.83 27.69 -16.57
N GLU A 139 16.95 28.64 -16.86
CA GLU A 139 17.37 30.01 -17.13
C GLU A 139 17.45 30.72 -15.79
N ALA A 140 18.67 30.94 -15.29
CA ALA A 140 18.86 31.55 -14.00
C ALA A 140 18.54 33.04 -14.06
N ASP A 141 18.41 33.65 -12.87
CA ASP A 141 18.18 35.08 -12.79
C ASP A 141 19.31 35.84 -13.45
N GLU A 142 20.55 35.45 -13.18
CA GLU A 142 21.70 35.94 -13.94
C GLU A 142 21.90 35.04 -15.16
N PRO A 143 21.90 35.61 -16.38
CA PRO A 143 21.92 34.76 -17.58
C PRO A 143 23.14 33.84 -17.66
N SER A 144 24.29 34.28 -17.16
CA SER A 144 25.50 33.48 -17.25
C SER A 144 25.44 32.20 -16.42
N GLU A 145 24.54 32.14 -15.43
CA GLU A 145 24.43 30.99 -14.55
C GLU A 145 23.45 29.94 -15.08
N SER A 146 22.95 30.10 -16.30
CA SER A 146 22.00 29.15 -16.85
C SER A 146 22.71 27.86 -17.26
N ARG A 147 21.94 26.77 -17.28
CA ARG A 147 22.45 25.47 -17.71
C ARG A 147 21.29 24.52 -17.97
N GLU A 148 21.59 23.44 -18.69
CA GLU A 148 20.62 22.41 -18.99
C GLU A 148 20.64 21.33 -17.92
N VAL A 149 19.47 20.81 -17.60
CA VAL A 149 19.31 19.74 -16.61
C VAL A 149 18.73 18.53 -17.31
N SER A 150 19.50 17.44 -17.36
CA SER A 150 19.07 16.24 -18.05
C SER A 150 18.01 15.50 -17.23
N TYR A 151 17.33 14.55 -17.89
CA TYR A 151 16.36 13.72 -17.20
C TYR A 151 17.01 12.87 -16.12
N GLU A 152 18.27 12.45 -16.34
CA GLU A 152 18.97 11.68 -15.33
C GLU A 152 19.19 12.50 -14.07
N GLU A 153 19.63 13.76 -14.22
CA GLU A 153 19.88 14.59 -13.05
C GLU A 153 18.59 14.96 -12.33
N LEU A 154 17.53 15.27 -13.09
CA LEU A 154 16.27 15.63 -12.45
C LEU A 154 15.64 14.44 -11.75
N MET A 155 15.77 13.25 -12.32
CA MET A 155 15.22 12.06 -11.67
C MET A 155 16.02 11.70 -10.42
N GLN A 156 17.34 11.80 -10.48
CA GLN A 156 18.17 11.47 -9.33
C GLN A 156 17.90 12.41 -8.16
N GLU A 157 17.84 13.72 -8.45
CA GLU A 157 17.54 14.68 -7.38
C GLU A 157 16.13 14.48 -6.85
N THR A 158 15.19 14.10 -7.71
CA THR A 158 13.83 13.82 -7.26
C THR A 158 13.80 12.63 -6.32
N CYS A 159 14.58 11.59 -6.63
CA CYS A 159 14.59 10.39 -5.78
C CYS A 159 15.29 10.66 -4.46
N ARG A 160 16.29 11.53 -4.44
CA ARG A 160 16.94 11.89 -3.19
C ARG A 160 15.97 12.62 -2.26
N VAL A 161 15.22 13.58 -2.82
CA VAL A 161 14.27 14.33 -2.01
C VAL A 161 13.14 13.42 -1.53
N ALA A 162 12.70 12.50 -2.39
CA ALA A 162 11.68 11.53 -1.98
C ALA A 162 12.19 10.65 -0.85
N ASN A 163 13.45 10.27 -0.90
CA ASN A 163 14.04 9.49 0.20
C ASN A 163 14.13 10.31 1.48
N VAL A 164 14.38 11.62 1.35
CA VAL A 164 14.45 12.47 2.54
C VAL A 164 13.07 12.61 3.17
N LEU A 165 12.04 12.79 2.35
CA LEU A 165 10.68 12.90 2.88
C LEU A 165 10.24 11.62 3.57
N LYS A 166 10.56 10.47 2.97
CA LYS A 166 10.20 9.20 3.59
C LYS A 166 10.89 9.01 4.93
N SER A 167 12.12 9.51 5.07
CA SER A 167 12.81 9.44 6.35
C SER A 167 12.18 10.36 7.39
N TYR A 168 11.45 11.39 6.95
CA TYR A 168 10.71 12.25 7.86
C TYR A 168 9.37 11.65 8.29
N GLY A 169 9.01 10.48 7.77
CA GLY A 169 7.74 9.88 8.10
C GLY A 169 6.58 10.31 7.22
N VAL A 170 6.86 10.86 6.04
CA VAL A 170 5.79 11.29 5.15
C VAL A 170 5.19 10.05 4.49
N LYS A 171 3.87 9.94 4.55
CA LYS A 171 3.16 8.78 4.03
C LYS A 171 2.28 9.16 2.84
N LYS A 172 1.73 8.14 2.20
CA LYS A 172 0.77 8.32 1.12
C LYS A 172 -0.44 9.08 1.62
N GLY A 173 -0.74 10.21 0.97
CA GLY A 173 -1.88 11.03 1.34
C GLY A 173 -1.57 12.19 2.27
N ASP A 174 -0.34 12.30 2.76
CA ASP A 174 0.04 13.43 3.60
C ASP A 174 0.30 14.66 2.75
N ALA A 175 -0.05 15.82 3.30
CA ALA A 175 0.20 17.08 2.62
C ALA A 175 1.61 17.57 2.91
N VAL A 176 2.24 18.20 1.93
CA VAL A 176 3.57 18.76 2.06
C VAL A 176 3.56 20.15 1.43
N SER A 177 3.88 21.16 2.22
CA SER A 177 3.92 22.53 1.71
C SER A 177 5.23 22.78 0.97
N ILE A 178 5.14 23.52 -0.14
CA ILE A 178 6.29 23.88 -0.95
C ILE A 178 6.30 25.39 -1.07
N TYR A 179 7.44 26.01 -0.73
CA TYR A 179 7.61 27.46 -0.77
C TYR A 179 8.96 27.75 -1.46
N LEU A 180 9.02 27.43 -2.76
CA LEU A 180 10.25 27.51 -3.53
C LEU A 180 10.14 28.53 -4.65
N PRO A 181 11.23 29.26 -4.95
CA PRO A 181 11.21 30.15 -6.11
C PRO A 181 11.45 29.39 -7.41
N MET A 182 11.63 30.12 -8.51
CA MET A 182 11.73 29.51 -9.84
C MET A 182 13.16 29.02 -10.12
N THR A 183 13.62 28.12 -9.27
CA THR A 183 14.83 27.36 -9.52
C THR A 183 14.44 25.94 -9.91
N TRP A 184 15.33 25.27 -10.66
CA TRP A 184 14.95 24.01 -11.29
C TRP A 184 14.63 22.93 -10.27
N GLN A 185 15.19 23.03 -9.05
CA GLN A 185 14.90 22.03 -8.02
C GLN A 185 13.44 22.06 -7.59
N ALA A 186 12.70 23.11 -7.92
CA ALA A 186 11.28 23.16 -7.57
C ALA A 186 10.51 22.03 -8.24
N ALA A 187 10.88 21.68 -9.48
CA ALA A 187 10.27 20.54 -10.14
C ALA A 187 10.61 19.25 -9.42
N ALA A 188 11.84 19.15 -8.89
CA ALA A 188 12.21 17.95 -8.14
C ALA A 188 11.39 17.82 -6.87
N ALA A 189 11.04 18.95 -6.24
CA ALA A 189 10.22 18.90 -5.03
C ALA A 189 8.79 18.50 -5.35
N PHE A 190 8.22 19.08 -6.42
CA PHE A 190 6.91 18.66 -6.90
C PHE A 190 6.85 17.16 -7.11
N LEU A 191 7.75 16.65 -7.95
CA LEU A 191 7.70 15.25 -8.36
C LEU A 191 8.13 14.30 -7.24
N ALA A 192 8.92 14.77 -6.27
CA ALA A 192 9.25 13.90 -5.14
C ALA A 192 8.02 13.60 -4.30
N CYS A 193 7.17 14.61 -4.08
CA CYS A 193 5.91 14.36 -3.37
C CYS A 193 5.02 13.42 -4.17
N ALA A 194 4.92 13.64 -5.49
CA ALA A 194 4.11 12.78 -6.33
C ALA A 194 4.68 11.36 -6.40
N ARG A 195 6.00 11.22 -6.28
CA ARG A 195 6.61 9.90 -6.36
C ARG A 195 6.19 9.03 -5.17
N ILE A 196 6.06 9.62 -3.98
CA ILE A 196 5.70 8.88 -2.78
C ILE A 196 4.23 9.02 -2.43
N GLY A 197 3.44 9.69 -3.26
CA GLY A 197 2.03 9.83 -3.00
C GLY A 197 1.64 10.93 -2.05
N ALA A 198 2.56 11.83 -1.72
CA ALA A 198 2.23 12.96 -0.85
C ALA A 198 1.59 14.08 -1.66
N ILE A 199 0.69 14.80 -1.02
CA ILE A 199 -0.03 15.91 -1.64
C ILE A 199 0.80 17.17 -1.47
N HIS A 200 1.40 17.66 -2.55
CA HIS A 200 2.18 18.89 -2.44
C HIS A 200 1.26 20.10 -2.59
N SER A 201 1.59 21.17 -1.85
CA SER A 201 0.81 22.41 -1.85
C SER A 201 1.79 23.56 -2.06
N ALA A 202 2.00 23.92 -3.31
CA ALA A 202 2.95 24.98 -3.65
C ALA A 202 2.37 26.35 -3.36
N VAL A 203 3.22 27.24 -2.85
CA VAL A 203 2.85 28.62 -2.56
C VAL A 203 3.84 29.53 -3.26
N PHE A 204 3.32 30.56 -3.94
CA PHE A 204 4.14 31.59 -4.57
C PHE A 204 5.26 32.04 -3.65
N ALA A 205 6.50 31.88 -4.11
CA ALA A 205 7.63 32.43 -3.37
C ALA A 205 7.56 33.95 -3.40
N GLY A 206 7.35 34.55 -2.24
CA GLY A 206 7.13 35.98 -2.12
C GLY A 206 5.86 36.35 -1.39
N PHE A 207 4.93 35.42 -1.24
CA PHE A 207 3.74 35.65 -0.42
C PHE A 207 4.16 35.97 1.01
N SER A 208 3.35 36.78 1.69
CA SER A 208 3.67 37.21 3.04
C SER A 208 3.65 36.02 4.00
N ALA A 209 4.25 36.22 5.17
CA ALA A 209 4.21 35.20 6.21
C ALA A 209 2.78 34.89 6.63
N GLU A 210 1.91 35.90 6.63
CA GLU A 210 0.51 35.66 6.95
C GLU A 210 -0.14 34.78 5.89
N SER A 211 0.08 35.10 4.61
CA SER A 211 -0.50 34.30 3.54
C SER A 211 0.03 32.88 3.53
N LEU A 212 1.34 32.72 3.73
CA LEU A 212 1.93 31.38 3.78
C LEU A 212 1.38 30.60 4.97
N ARG A 213 1.22 31.25 6.12
CA ARG A 213 0.71 30.58 7.32
C ARG A 213 -0.67 30.00 7.07
N ASP A 214 -1.56 30.79 6.46
CA ASP A 214 -2.94 30.33 6.25
C ASP A 214 -2.98 29.09 5.38
N ARG A 215 -2.12 29.03 4.36
CA ARG A 215 -2.10 27.87 3.47
C ARG A 215 -1.38 26.68 4.11
N VAL A 216 -0.39 26.94 4.95
CA VAL A 216 0.29 25.84 5.65
C VAL A 216 -0.62 25.23 6.70
N ASN A 217 -1.39 26.06 7.41
CA ASN A 217 -2.29 25.54 8.43
C ASN A 217 -3.51 24.86 7.83
N ASP A 218 -3.98 25.34 6.67
CA ASP A 218 -5.19 24.77 6.07
C ASP A 218 -4.94 23.36 5.56
N CYS A 219 -3.77 23.11 4.97
CA CYS A 219 -3.46 21.77 4.46
C CYS A 219 -2.94 20.83 5.54
N GLU A 220 -2.66 21.34 6.74
CA GLU A 220 -2.26 20.52 7.89
C GLU A 220 -1.00 19.72 7.62
N CYS A 221 -0.11 20.25 6.78
CA CYS A 221 1.14 19.55 6.48
C CYS A 221 2.05 19.51 7.71
N LYS A 222 2.91 18.50 7.74
CA LYS A 222 3.93 18.37 8.78
C LYS A 222 5.34 18.65 8.26
N VAL A 223 5.51 18.81 6.95
CA VAL A 223 6.81 19.07 6.34
C VAL A 223 6.68 20.25 5.40
N LEU A 224 7.69 21.11 5.38
CA LEU A 224 7.75 22.25 4.47
C LEU A 224 9.08 22.25 3.75
N ILE A 225 9.05 22.59 2.47
CA ILE A 225 10.25 22.68 1.64
C ILE A 225 10.37 24.11 1.14
N THR A 226 11.54 24.71 1.35
CA THR A 226 11.77 26.10 0.95
C THR A 226 13.26 26.28 0.67
N THR A 227 13.62 27.50 0.27
CA THR A 227 15.00 27.90 0.06
C THR A 227 15.44 28.83 1.18
N ASP A 228 16.74 29.09 1.22
CA ASP A 228 17.25 30.14 2.10
C ASP A 228 16.83 31.52 1.59
N GLU A 229 17.06 31.79 0.31
CA GLU A 229 16.65 33.03 -0.32
C GLU A 229 16.33 32.76 -1.78
N GLY A 230 15.52 33.65 -2.36
CA GLY A 230 15.23 33.61 -3.77
C GLY A 230 15.80 34.81 -4.50
N ARG A 231 16.01 34.69 -5.80
CA ARG A 231 16.53 35.78 -6.62
C ARG A 231 15.63 35.95 -7.83
N ARG A 232 14.96 37.09 -7.93
CA ARG A 232 14.07 37.39 -9.04
C ARG A 232 14.34 38.81 -9.52
N GLY A 233 14.87 38.94 -10.72
CA GLY A 233 15.13 40.26 -11.28
C GLY A 233 16.13 41.08 -10.50
N GLY A 234 17.21 40.43 -10.03
CA GLY A 234 18.21 41.12 -9.24
C GLY A 234 17.79 41.49 -7.84
N LYS A 235 16.64 41.00 -7.38
CA LYS A 235 16.15 41.25 -6.04
C LYS A 235 16.15 39.96 -5.23
N THR A 236 16.24 40.10 -3.91
CA THR A 236 16.32 38.96 -3.00
C THR A 236 14.98 38.74 -2.31
N ILE A 237 14.47 37.52 -2.39
CA ILE A 237 13.30 37.10 -1.64
C ILE A 237 13.79 36.38 -0.39
N ALA A 238 13.50 36.94 0.79
CA ALA A 238 13.94 36.36 2.05
C ALA A 238 12.99 35.22 2.43
N THR A 239 13.10 34.12 1.68
CA THR A 239 12.16 33.02 1.84
C THR A 239 12.25 32.39 3.22
N LYS A 240 13.48 32.08 3.66
CA LYS A 240 13.63 31.43 4.95
C LYS A 240 13.21 32.34 6.10
N GLN A 241 13.46 33.65 5.97
CA GLN A 241 13.02 34.58 7.00
C GLN A 241 11.51 34.69 7.05
N ILE A 242 10.85 34.60 5.89
CA ILE A 242 9.39 34.61 5.87
C ILE A 242 8.82 33.32 6.44
N VAL A 243 9.48 32.19 6.15
CA VAL A 243 9.04 30.90 6.69
C VAL A 243 9.11 30.91 8.21
N ASP A 244 10.20 31.46 8.77
CA ASP A 244 10.34 31.51 10.22
C ASP A 244 9.21 32.31 10.86
N ALA A 245 8.83 33.43 10.26
CA ALA A 245 7.75 34.24 10.81
C ALA A 245 6.41 33.51 10.75
N ALA A 246 6.16 32.80 9.65
CA ALA A 246 4.88 32.10 9.51
C ALA A 246 4.80 30.89 10.44
N LEU A 247 5.91 30.15 10.58
CA LEU A 247 5.87 28.88 11.32
C LEU A 247 5.63 29.09 12.81
N GLN A 248 5.79 30.31 13.32
CA GLN A 248 5.47 30.56 14.72
C GLN A 248 4.00 30.34 15.01
N GLN A 249 3.15 30.52 14.00
CA GLN A 249 1.72 30.26 14.11
C GLN A 249 1.30 29.00 13.35
N CYS A 250 2.25 28.13 13.03
CA CYS A 250 2.00 26.86 12.34
C CYS A 250 2.54 25.73 13.22
N PRO A 251 1.74 25.27 14.19
CA PRO A 251 2.26 24.33 15.19
C PRO A 251 2.40 22.90 14.70
N LEU A 252 1.98 22.58 13.48
CA LEU A 252 2.05 21.20 13.00
C LEU A 252 3.33 20.89 12.24
N VAL A 253 4.00 21.90 11.68
CA VAL A 253 5.21 21.66 10.90
C VAL A 253 6.34 21.25 11.82
N GLU A 254 6.89 20.05 11.60
CA GLU A 254 7.99 19.54 12.39
C GLU A 254 9.30 19.48 11.64
N ASN A 255 9.28 19.44 10.30
CA ASN A 255 10.48 19.32 9.50
C ASN A 255 10.46 20.36 8.39
N VAL A 256 11.58 21.05 8.19
CA VAL A 256 11.74 22.04 7.14
C VAL A 256 13.01 21.71 6.37
N LEU A 257 12.87 21.52 5.05
CA LEU A 257 14.00 21.25 4.18
C LEU A 257 14.37 22.52 3.44
N VAL A 258 15.59 23.00 3.64
CA VAL A 258 16.04 24.30 3.14
C VAL A 258 17.04 24.07 2.02
N LEU A 259 16.74 24.60 0.84
CA LEU A 259 17.64 24.54 -0.30
C LEU A 259 18.59 25.73 -0.26
N ARG A 260 19.88 25.46 -0.47
CA ARG A 260 20.92 26.50 -0.41
C ARG A 260 21.00 27.17 -1.79
N ARG A 261 20.08 28.09 -2.03
CA ARG A 261 19.98 28.74 -3.34
C ARG A 261 21.02 29.86 -3.48
N THR A 262 21.11 30.75 -2.49
CA THR A 262 22.02 31.88 -2.56
C THR A 262 23.29 31.69 -1.75
N GLY A 263 23.24 30.92 -0.67
CA GLY A 263 24.40 30.73 0.17
C GLY A 263 24.61 31.81 1.21
N ASN A 264 23.67 32.74 1.37
CA ASN A 264 23.79 33.78 2.38
C ASN A 264 23.31 33.24 3.72
N LYS A 265 23.80 33.86 4.80
CA LYS A 265 23.47 33.42 6.15
C LYS A 265 22.00 33.67 6.44
N VAL A 266 21.28 32.61 6.78
CA VAL A 266 19.87 32.71 7.18
C VAL A 266 19.69 31.92 8.47
N PRO A 267 18.71 32.25 9.30
CA PRO A 267 18.51 31.48 10.53
C PRO A 267 18.06 30.05 10.25
N MET A 268 18.57 29.12 11.06
CA MET A 268 18.20 27.71 10.99
C MET A 268 17.90 27.22 12.39
N THR A 269 16.73 26.62 12.57
CA THR A 269 16.33 26.10 13.87
C THR A 269 16.83 24.68 14.04
N GLU A 270 17.52 24.42 15.15
CA GLU A 270 18.11 23.11 15.40
C GLU A 270 17.04 22.04 15.45
N GLY A 271 17.30 20.93 14.77
CA GLY A 271 16.34 19.83 14.72
C GLY A 271 15.22 19.99 13.71
N ARG A 272 14.61 21.18 13.66
CA ARG A 272 13.50 21.41 12.74
C ARG A 272 14.00 21.65 11.31
N ASP A 273 15.08 22.40 11.16
CA ASP A 273 15.56 22.83 9.85
C ASP A 273 16.81 22.05 9.47
N LYS A 274 16.78 21.45 8.28
CA LYS A 274 17.92 20.73 7.73
C LYS A 274 18.22 21.26 6.33
N TRP A 275 19.47 21.13 5.91
CA TRP A 275 19.87 21.59 4.60
C TRP A 275 19.52 20.55 3.54
N TRP A 276 18.96 21.02 2.43
CA TRP A 276 18.62 20.16 1.30
C TRP A 276 19.83 19.32 0.86
N ASP A 277 20.98 19.97 0.69
CA ASP A 277 22.14 19.27 0.16
C ASP A 277 22.74 18.29 1.17
N GLU A 278 22.63 18.58 2.46
CA GLU A 278 23.16 17.67 3.46
C GLU A 278 22.27 16.46 3.68
N GLU A 279 20.95 16.63 3.57
CA GLU A 279 20.04 15.49 3.69
C GLU A 279 20.14 14.59 2.46
N CYS A 280 20.09 15.18 1.27
CA CYS A 280 20.10 14.37 0.05
C CYS A 280 21.40 13.59 -0.10
N ALA A 281 22.51 14.15 0.37
CA ALA A 281 23.80 13.47 0.27
C ALA A 281 23.82 12.17 1.05
N LYS A 282 22.94 12.01 2.04
CA LYS A 282 22.84 10.79 2.81
C LYS A 282 21.98 9.72 2.15
N MET A 283 21.18 10.08 1.13
CA MET A 283 20.17 9.21 0.58
C MET A 283 20.61 8.63 -0.77
N PRO A 284 20.08 7.47 -1.14
CA PRO A 284 20.36 6.92 -2.47
C PRO A 284 19.71 7.76 -3.56
N ALA A 285 20.20 7.56 -4.79
CA ALA A 285 19.74 8.33 -5.93
C ALA A 285 18.56 7.68 -6.65
N TYR A 286 18.04 6.57 -6.14
CA TYR A 286 16.80 5.99 -6.65
C TYR A 286 15.83 5.75 -5.50
N CYS A 287 14.54 5.91 -5.81
CA CYS A 287 13.48 5.67 -4.85
C CYS A 287 12.33 5.02 -5.59
N PRO A 288 11.70 3.99 -5.02
CA PRO A 288 10.56 3.36 -5.70
C PRO A 288 9.38 4.32 -5.81
N CYS A 289 8.47 3.99 -6.73
CA CYS A 289 7.29 4.80 -6.98
C CYS A 289 6.09 4.21 -6.25
N GLU A 290 5.37 5.06 -5.51
CA GLU A 290 4.13 4.63 -4.90
C GLU A 290 3.06 4.47 -5.98
N ARG A 291 2.40 3.31 -5.96
N ARG A 291 2.39 3.32 -5.96
CA ARG A 291 1.37 3.00 -6.95
CA ARG A 291 1.36 3.00 -6.95
C ARG A 291 0.08 3.69 -6.56
C ARG A 291 0.07 3.68 -6.57
N MET A 292 -0.25 4.78 -7.26
CA MET A 292 -1.39 5.62 -6.92
C MET A 292 -2.63 5.24 -7.72
N ALA A 293 -3.76 5.19 -7.04
CA ALA A 293 -5.04 5.09 -7.73
C ALA A 293 -5.28 6.34 -8.56
N SER A 294 -6.10 6.21 -9.60
CA SER A 294 -6.33 7.32 -10.51
CA SER A 294 -6.34 7.32 -10.51
C SER A 294 -6.91 8.53 -9.77
N GLU A 295 -7.75 8.30 -8.78
CA GLU A 295 -8.42 9.37 -8.07
C GLU A 295 -7.74 9.74 -6.75
N ASP A 296 -6.53 9.24 -6.51
CA ASP A 296 -5.76 9.73 -5.38
C ASP A 296 -5.37 11.18 -5.62
N PRO A 297 -5.47 12.04 -4.61
CA PRO A 297 -5.16 13.46 -4.82
C PRO A 297 -3.70 13.68 -5.15
N LEU A 298 -3.45 14.52 -6.15
CA LEU A 298 -2.09 14.81 -6.58
C LEU A 298 -1.52 16.03 -5.88
N PHE A 299 -2.29 17.12 -5.83
CA PHE A 299 -1.79 18.32 -5.17
C PHE A 299 -2.95 19.22 -4.77
N ILE A 300 -2.64 20.15 -3.87
CA ILE A 300 -3.52 21.26 -3.51
C ILE A 300 -2.88 22.53 -4.02
N LEU A 301 -3.68 23.39 -4.64
CA LEU A 301 -3.20 24.69 -5.12
C LEU A 301 -4.23 25.75 -4.75
N TYR A 302 -3.79 26.74 -3.98
CA TYR A 302 -4.67 27.83 -3.55
C TYR A 302 -4.70 28.92 -4.61
N THR A 303 -5.90 29.43 -4.89
N THR A 303 -5.90 29.43 -4.89
CA THR A 303 -6.08 30.43 -5.93
CA THR A 303 -6.08 30.43 -5.93
C THR A 303 -5.47 31.77 -5.49
C THR A 303 -5.48 31.77 -5.49
N SER A 304 -5.58 32.76 -6.38
CA SER A 304 -5.02 34.07 -6.08
C SER A 304 -6.00 34.92 -5.31
N GLY A 305 -7.29 34.79 -5.60
CA GLY A 305 -8.31 35.52 -4.88
C GLY A 305 -8.64 36.88 -5.43
N SER A 306 -8.59 37.05 -6.75
CA SER A 306 -8.92 38.34 -7.36
C SER A 306 -10.36 38.74 -7.06
N THR A 307 -11.25 37.78 -6.82
CA THR A 307 -12.65 38.05 -6.57
C THR A 307 -13.07 37.78 -5.13
N GLY A 308 -12.23 37.14 -4.33
CA GLY A 308 -12.60 36.86 -2.95
C GLY A 308 -11.52 36.05 -2.26
N LYS A 309 -11.95 35.33 -1.23
CA LYS A 309 -11.01 34.49 -0.48
C LYS A 309 -10.57 33.31 -1.35
N PRO A 310 -9.26 33.03 -1.44
CA PRO A 310 -8.81 31.93 -2.30
C PRO A 310 -9.21 30.57 -1.75
N LYS A 311 -9.38 29.62 -2.66
CA LYS A 311 -9.75 28.25 -2.33
C LYS A 311 -8.62 27.29 -2.68
N GLY A 312 -8.50 26.23 -1.88
CA GLY A 312 -7.54 25.18 -2.12
C GLY A 312 -8.01 24.14 -3.11
N VAL A 313 -7.70 24.35 -4.38
CA VAL A 313 -8.16 23.46 -5.44
C VAL A 313 -7.38 22.15 -5.39
N VAL A 314 -8.11 21.03 -5.45
CA VAL A 314 -7.53 19.70 -5.38
C VAL A 314 -7.73 18.99 -6.72
N HIS A 315 -6.62 18.49 -7.27
CA HIS A 315 -6.64 17.70 -8.49
C HIS A 315 -6.18 16.27 -8.19
N SER A 316 -6.79 15.31 -8.86
CA SER A 316 -6.38 13.91 -8.71
C SER A 316 -5.26 13.63 -9.70
N THR A 317 -4.99 12.35 -9.98
CA THR A 317 -3.74 12.01 -10.66
C THR A 317 -3.92 11.77 -12.15
N ALA A 318 -4.65 10.73 -12.51
CA ALA A 318 -4.69 10.29 -13.91
C ALA A 318 -5.38 11.32 -14.79
N GLY A 319 -6.54 11.81 -14.38
CA GLY A 319 -7.28 12.75 -15.22
C GLY A 319 -6.52 14.04 -15.44
N TYR A 320 -5.94 14.59 -14.37
CA TYR A 320 -5.15 15.81 -14.49
C TYR A 320 -3.94 15.59 -15.39
N LEU A 321 -3.18 14.53 -15.13
CA LEU A 321 -1.98 14.26 -15.92
C LEU A 321 -2.31 14.07 -17.39
N LEU A 322 -3.38 13.33 -17.69
CA LEU A 322 -3.78 13.13 -19.08
C LEU A 322 -4.20 14.45 -19.71
N GLY A 323 -4.89 15.30 -18.96
CA GLY A 323 -5.34 16.56 -19.50
C GLY A 323 -4.20 17.50 -19.84
N THR A 324 -3.22 17.62 -18.93
CA THR A 324 -2.06 18.47 -19.20
C THR A 324 -1.20 17.89 -20.31
N ALA A 325 -1.15 16.57 -20.43
CA ALA A 325 -0.36 15.96 -21.50
C ALA A 325 -0.98 16.21 -22.86
N LEU A 326 -2.30 16.01 -22.97
CA LEU A 326 -2.97 16.20 -24.25
C LEU A 326 -2.98 17.67 -24.66
N THR A 327 -3.28 18.57 -23.72
CA THR A 327 -3.34 19.99 -24.05
C THR A 327 -1.99 20.48 -24.55
N LEU A 328 -0.90 20.13 -23.88
CA LEU A 328 0.41 20.54 -24.34
C LEU A 328 0.70 20.00 -25.74
N LYS A 329 0.36 18.74 -25.99
CA LYS A 329 0.65 18.15 -27.29
C LYS A 329 -0.14 18.83 -28.41
N TYR A 330 -1.38 19.21 -28.14
CA TYR A 330 -2.25 19.71 -29.20
C TYR A 330 -2.41 21.22 -29.22
N VAL A 331 -2.51 21.88 -28.07
CA VAL A 331 -2.65 23.32 -28.06
C VAL A 331 -1.36 24.00 -28.54
N PHE A 332 -0.21 23.39 -28.25
CA PHE A 332 1.06 23.96 -28.67
C PHE A 332 1.77 23.14 -29.74
N ASP A 333 1.13 22.08 -30.23
CA ASP A 333 1.68 21.21 -31.27
C ASP A 333 3.12 20.81 -30.96
N ALA A 334 3.29 20.18 -29.80
CA ALA A 334 4.60 19.79 -29.30
C ALA A 334 5.07 18.50 -29.96
N HIS A 335 6.35 18.46 -30.29
CA HIS A 335 6.99 17.33 -30.94
C HIS A 335 8.22 16.93 -30.12
N PRO A 336 8.73 15.71 -30.31
CA PRO A 336 9.75 15.19 -29.37
C PRO A 336 10.93 16.10 -29.10
N ASP A 337 11.50 16.72 -30.13
CA ASP A 337 12.70 17.53 -29.96
C ASP A 337 12.40 19.00 -29.64
N ASP A 338 11.16 19.33 -29.32
CA ASP A 338 10.82 20.71 -29.01
C ASP A 338 11.35 21.11 -27.63
N ARG A 339 11.55 22.42 -27.46
CA ARG A 339 11.93 23.02 -26.19
CA ARG A 339 11.91 23.00 -26.17
C ARG A 339 10.84 24.02 -25.82
N PHE A 340 9.92 23.61 -24.94
CA PHE A 340 8.79 24.44 -24.55
C PHE A 340 9.21 25.45 -23.49
N ALA A 341 8.78 26.70 -23.66
CA ALA A 341 9.20 27.82 -22.81
C ALA A 341 7.97 28.53 -22.25
N CYS A 342 7.42 27.98 -21.17
CA CYS A 342 6.42 28.67 -20.37
C CYS A 342 7.14 29.48 -19.30
N MET A 343 7.01 30.80 -19.37
CA MET A 343 7.77 31.70 -18.50
C MET A 343 7.04 32.05 -17.22
N ALA A 344 6.00 31.30 -16.87
CA ALA A 344 5.21 31.60 -15.67
C ALA A 344 5.94 31.05 -14.44
N ASP A 345 5.28 31.15 -13.29
CA ASP A 345 5.84 30.70 -12.02
C ASP A 345 5.07 29.46 -11.55
N ILE A 346 5.79 28.51 -10.95
CA ILE A 346 5.17 27.25 -10.54
C ILE A 346 4.21 27.42 -9.36
N GLY A 347 4.20 28.57 -8.71
CA GLY A 347 3.14 28.85 -7.74
C GLY A 347 1.78 29.05 -8.37
N TRP A 348 1.73 29.13 -9.70
CA TRP A 348 0.50 29.32 -10.46
C TRP A 348 0.15 28.02 -11.17
N ILE A 349 -1.14 27.84 -11.48
CA ILE A 349 -1.58 26.63 -12.17
C ILE A 349 -0.93 26.52 -13.54
N THR A 350 -0.57 27.66 -14.14
CA THR A 350 0.14 27.62 -15.42
C THR A 350 1.50 26.94 -15.27
N GLY A 351 2.16 27.14 -14.13
CA GLY A 351 3.43 26.47 -13.90
C GLY A 351 3.27 25.00 -13.58
N HIS A 352 2.24 24.65 -12.80
CA HIS A 352 1.94 23.25 -12.52
C HIS A 352 1.76 22.47 -13.82
N SER A 353 0.88 22.95 -14.69
CA SER A 353 0.41 22.17 -15.83
C SER A 353 1.29 22.31 -17.07
N TYR A 354 1.91 23.47 -17.29
CA TYR A 354 2.61 23.71 -18.55
C TYR A 354 4.07 24.13 -18.36
N ILE A 355 4.61 23.97 -17.15
CA ILE A 355 6.05 23.94 -16.93
C ILE A 355 6.51 22.53 -16.56
N ILE A 356 5.85 21.93 -15.56
CA ILE A 356 6.29 20.66 -15.01
C ILE A 356 5.51 19.50 -15.62
N TYR A 357 4.24 19.35 -15.24
CA TYR A 357 3.53 18.10 -15.49
C TYR A 357 3.29 17.87 -16.98
N GLY A 358 2.73 18.87 -17.67
CA GLY A 358 2.44 18.75 -19.08
C GLY A 358 3.66 18.45 -19.94
N PRO A 359 4.66 19.33 -19.90
CA PRO A 359 5.86 19.11 -20.74
C PRO A 359 6.64 17.85 -20.40
N LEU A 360 6.81 17.55 -19.12
CA LEU A 360 7.63 16.39 -18.74
C LEU A 360 6.90 15.08 -18.98
N ALA A 361 5.58 15.06 -18.86
CA ALA A 361 4.83 13.85 -19.21
C ALA A 361 5.04 13.50 -20.68
N ASN A 362 5.05 14.50 -21.56
CA ASN A 362 5.34 14.28 -22.97
C ASN A 362 6.81 13.99 -23.23
N GLY A 363 7.68 14.13 -22.23
CA GLY A 363 9.08 13.80 -22.39
C GLY A 363 9.90 14.81 -23.17
N ILE A 364 9.46 16.05 -23.24
CA ILE A 364 10.19 17.08 -23.99
C ILE A 364 10.99 17.94 -23.03
N THR A 365 11.63 18.98 -23.56
CA THR A 365 12.38 19.92 -22.76
C THR A 365 11.47 21.08 -22.34
N THR A 366 11.55 21.44 -21.06
CA THR A 366 10.77 22.54 -20.52
C THR A 366 11.70 23.57 -19.89
N ALA A 367 11.21 24.80 -19.77
CA ALA A 367 12.01 25.92 -19.29
C ALA A 367 11.56 26.32 -17.89
N VAL A 368 12.53 26.54 -17.01
CA VAL A 368 12.31 27.09 -15.68
C VAL A 368 12.97 28.47 -15.68
N PHE A 369 12.17 29.52 -15.85
CA PHE A 369 12.65 30.87 -15.99
C PHE A 369 12.61 31.57 -14.63
N GLU A 370 13.78 31.96 -14.12
CA GLU A 370 13.90 32.49 -12.78
C GLU A 370 13.76 34.00 -12.71
N SER A 371 13.97 34.71 -13.81
CA SER A 371 14.08 36.15 -13.80
C SER A 371 12.73 36.80 -14.15
N THR A 372 12.76 38.06 -14.58
CA THR A 372 11.59 38.83 -14.97
C THR A 372 11.68 39.16 -16.45
N PRO A 373 10.59 39.61 -17.08
CA PRO A 373 10.68 39.96 -18.51
C PRO A 373 11.60 41.13 -18.83
N VAL A 374 12.01 41.92 -17.83
CA VAL A 374 12.80 43.13 -18.10
C VAL A 374 14.15 43.11 -17.38
N TYR A 375 14.55 41.97 -16.82
CA TYR A 375 15.86 41.91 -16.17
C TYR A 375 16.77 40.95 -16.94
N PRO A 376 18.00 41.35 -17.27
CA PRO A 376 18.59 42.67 -16.97
C PRO A 376 18.04 43.81 -17.84
N THR A 377 17.60 43.50 -19.06
CA THR A 377 17.00 44.45 -19.98
C THR A 377 15.71 43.86 -20.51
N PRO A 378 14.82 44.70 -21.09
CA PRO A 378 13.56 44.19 -21.63
C PRO A 378 13.72 43.26 -22.82
N SER A 379 14.96 42.94 -23.17
CA SER A 379 15.24 41.97 -24.22
C SER A 379 15.49 40.57 -23.67
N ARG A 380 15.14 40.33 -22.40
CA ARG A 380 15.48 39.06 -21.76
C ARG A 380 14.72 37.90 -22.40
N TYR A 381 13.43 38.07 -22.68
CA TYR A 381 12.64 37.04 -23.34
C TYR A 381 13.30 36.58 -24.63
N TRP A 382 13.83 37.52 -25.41
CA TRP A 382 14.29 37.23 -26.75
C TRP A 382 15.75 36.82 -26.81
N ASP A 383 16.58 37.35 -25.90
CA ASP A 383 17.89 36.74 -25.70
C ASP A 383 17.76 35.30 -25.25
N PHE A 384 16.72 35.00 -24.48
CA PHE A 384 16.46 33.62 -24.06
C PHE A 384 16.06 32.75 -25.24
N VAL A 385 15.16 33.25 -26.10
CA VAL A 385 14.62 32.43 -27.19
C VAL A 385 15.74 32.06 -28.17
N ASP A 386 16.61 33.01 -28.51
CA ASP A 386 17.68 32.73 -29.44
C ASP A 386 18.82 31.92 -28.83
N LYS A 387 18.99 31.98 -27.51
CA LYS A 387 20.07 31.23 -26.88
C LYS A 387 19.79 29.74 -26.90
N TRP A 388 18.57 29.34 -26.54
CA TRP A 388 18.19 27.93 -26.46
C TRP A 388 17.40 27.46 -27.66
N LYS A 389 17.07 28.36 -28.59
CA LYS A 389 16.23 28.04 -29.75
C LYS A 389 14.91 27.42 -29.31
N ALA A 390 14.19 28.15 -28.47
CA ALA A 390 12.89 27.71 -28.00
C ALA A 390 11.91 27.61 -29.17
N THR A 391 11.04 26.61 -29.10
CA THR A 391 10.07 26.36 -30.17
C THR A 391 8.68 26.87 -29.85
N GLN A 392 8.35 27.07 -28.57
CA GLN A 392 7.09 27.69 -28.18
C GLN A 392 7.34 28.61 -27.00
N LEU A 393 6.58 29.70 -26.94
CA LEU A 393 6.64 30.64 -25.83
C LEU A 393 5.25 30.79 -25.22
N TYR A 394 5.20 30.86 -23.89
CA TYR A 394 3.94 30.88 -23.16
C TYR A 394 4.09 31.90 -22.03
N THR A 395 3.25 32.94 -22.05
CA THR A 395 3.32 33.98 -21.02
C THR A 395 1.95 34.61 -20.88
N ALA A 396 1.87 35.64 -20.04
CA ALA A 396 0.63 36.31 -19.69
C ALA A 396 0.51 37.66 -20.38
N PRO A 397 -0.72 38.14 -20.62
CA PRO A 397 -0.88 39.46 -21.26
C PRO A 397 -0.24 40.59 -20.48
N THR A 398 -0.10 40.46 -19.16
CA THR A 398 0.51 41.53 -18.38
C THR A 398 1.97 41.71 -18.74
N ALA A 399 2.67 40.62 -19.05
CA ALA A 399 4.05 40.70 -19.52
C ALA A 399 4.12 41.16 -20.98
N ILE A 400 3.12 40.79 -21.79
CA ILE A 400 3.09 41.24 -23.17
C ILE A 400 2.87 42.74 -23.23
N ARG A 401 1.96 43.27 -22.41
CA ARG A 401 1.75 44.71 -22.35
C ARG A 401 2.91 45.44 -21.68
N LEU A 402 3.73 44.72 -20.91
CA LEU A 402 4.91 45.32 -20.31
C LEU A 402 6.02 45.51 -21.34
N LEU A 403 6.26 44.49 -22.16
CA LEU A 403 7.33 44.58 -23.16
C LEU A 403 6.93 45.54 -24.28
N ARG A 404 5.65 45.56 -24.65
CA ARG A 404 5.18 46.53 -25.63
C ARG A 404 5.40 47.96 -25.15
N ARG A 405 5.37 48.18 -23.84
CA ARG A 405 5.55 49.51 -23.29
C ARG A 405 7.01 49.97 -23.34
N MET A 406 7.96 49.04 -23.43
CA MET A 406 9.37 49.36 -23.38
C MET A 406 9.99 49.62 -24.76
N GLY A 407 9.19 49.58 -25.81
CA GLY A 407 9.72 49.89 -27.13
C GLY A 407 10.02 48.64 -27.94
N GLU A 408 9.99 48.79 -29.26
CA GLU A 408 10.24 47.69 -30.18
C GLU A 408 11.72 47.48 -30.46
N ASP A 409 12.61 48.28 -29.88
CA ASP A 409 14.04 48.15 -30.13
C ASP A 409 14.69 47.03 -29.34
N HIS A 410 13.97 46.43 -28.40
CA HIS A 410 14.45 45.25 -27.71
C HIS A 410 14.02 43.95 -28.38
N VAL A 411 13.21 44.04 -29.43
CA VAL A 411 12.69 42.86 -30.10
C VAL A 411 12.99 42.84 -31.61
N LYS A 412 13.23 44.00 -32.22
CA LYS A 412 13.27 44.07 -33.68
C LYS A 412 14.48 43.34 -34.28
N ASN A 413 15.61 43.32 -33.57
CA ASN A 413 16.85 42.77 -34.11
C ASN A 413 17.23 41.45 -33.44
N HIS A 414 16.25 40.56 -33.27
CA HIS A 414 16.50 39.20 -32.84
C HIS A 414 16.07 38.24 -33.95
N ASP A 415 16.55 37.00 -33.84
CA ASP A 415 16.18 35.97 -34.81
C ASP A 415 14.78 35.45 -34.55
N LEU A 416 14.61 34.71 -33.46
CA LEU A 416 13.33 34.20 -32.99
C LEU A 416 12.66 33.22 -33.96
N SER A 417 13.35 32.82 -35.04
CA SER A 417 12.76 31.93 -36.02
C SER A 417 12.57 30.51 -35.50
N SER A 418 13.22 30.15 -34.39
CA SER A 418 12.99 28.83 -33.81
C SER A 418 11.58 28.67 -33.29
N LEU A 419 10.89 29.76 -32.99
CA LEU A 419 9.52 29.69 -32.48
C LEU A 419 8.55 29.33 -33.59
N ARG A 420 7.50 28.60 -33.21
CA ARG A 420 6.36 28.33 -34.08
C ARG A 420 5.04 28.76 -33.47
N VAL A 421 4.92 28.70 -32.14
CA VAL A 421 3.67 28.98 -31.45
C VAL A 421 3.95 29.93 -30.28
N LEU A 422 3.12 30.96 -30.15
CA LEU A 422 3.18 31.90 -29.04
C LEU A 422 1.88 31.81 -28.26
N GLY A 423 1.99 31.75 -26.93
CA GLY A 423 0.82 31.57 -26.11
C GLY A 423 0.50 32.73 -25.18
N SER A 424 -0.76 32.84 -24.75
CA SER A 424 -1.21 33.89 -23.85
C SER A 424 -2.23 33.29 -22.89
N VAL A 425 -2.09 33.61 -21.60
CA VAL A 425 -2.90 33.00 -20.55
C VAL A 425 -3.00 33.95 -19.38
N GLY A 426 -4.17 33.98 -18.74
CA GLY A 426 -4.39 34.71 -17.50
C GLY A 426 -5.51 35.73 -17.57
N GLU A 427 -5.69 36.35 -18.73
CA GLU A 427 -6.68 37.41 -18.89
C GLU A 427 -7.00 37.52 -20.37
N PRO A 428 -8.06 38.26 -20.73
CA PRO A 428 -8.26 38.60 -22.14
C PRO A 428 -7.10 39.43 -22.65
N ILE A 429 -6.61 39.08 -23.83
CA ILE A 429 -5.51 39.80 -24.46
C ILE A 429 -6.11 40.82 -25.42
N ASN A 430 -5.80 42.09 -25.19
CA ASN A 430 -6.33 43.14 -26.05
C ASN A 430 -5.79 42.96 -27.46
N PRO A 431 -6.61 43.17 -28.50
CA PRO A 431 -6.11 43.06 -29.87
C PRO A 431 -4.87 43.91 -30.13
N GLU A 432 -4.78 45.09 -29.51
CA GLU A 432 -3.59 45.91 -29.65
C GLU A 432 -2.36 45.19 -29.09
N ALA A 433 -2.50 44.57 -27.91
CA ALA A 433 -1.42 43.76 -27.38
C ALA A 433 -1.24 42.46 -28.17
N TRP A 434 -2.35 41.92 -28.70
CA TRP A 434 -2.27 40.73 -29.54
C TRP A 434 -1.41 40.99 -30.77
N HIS A 435 -1.58 42.15 -31.41
CA HIS A 435 -0.85 42.45 -32.64
C HIS A 435 0.63 42.68 -32.36
N TRP A 436 0.96 43.34 -31.25
CA TRP A 436 2.36 43.52 -30.88
C TRP A 436 3.05 42.17 -30.68
N TYR A 437 2.39 41.27 -29.96
CA TYR A 437 2.86 39.89 -29.84
C TYR A 437 3.05 39.27 -31.22
N ASN A 438 2.08 39.47 -32.11
CA ASN A 438 2.10 38.82 -33.41
C ASN A 438 3.18 39.40 -34.32
N ASP A 439 3.44 40.70 -34.22
CA ASP A 439 4.31 41.37 -35.17
C ASP A 439 5.79 41.29 -34.81
N PHE A 440 6.12 41.32 -33.53
CA PHE A 440 7.52 41.40 -33.10
C PHE A 440 8.03 40.09 -32.51
N ALA A 441 7.25 39.44 -31.64
CA ALA A 441 7.70 38.17 -31.09
C ALA A 441 7.61 37.06 -32.12
N GLY A 442 6.62 37.11 -33.01
CA GLY A 442 6.45 36.06 -34.00
C GLY A 442 6.86 36.47 -35.40
N LYS A 443 7.01 37.76 -35.63
CA LYS A 443 7.36 38.31 -36.95
C LYS A 443 6.37 37.84 -38.00
N ASN A 444 5.10 37.73 -37.61
CA ASN A 444 4.01 37.31 -38.49
C ASN A 444 4.28 35.94 -39.11
N GLN A 445 4.93 35.07 -38.33
CA GLN A 445 5.20 33.70 -38.76
C GLN A 445 4.86 32.67 -37.70
N CYS A 446 4.33 33.09 -36.56
CA CYS A 446 3.90 32.18 -35.50
C CYS A 446 2.39 32.23 -35.35
N ALA A 447 1.82 31.13 -34.88
CA ALA A 447 0.41 31.10 -34.50
C ALA A 447 0.29 31.53 -33.04
N ILE A 448 -0.79 32.26 -32.75
CA ILE A 448 -1.02 32.81 -31.42
C ILE A 448 -2.16 32.04 -30.78
N VAL A 449 -1.86 31.31 -29.71
CA VAL A 449 -2.84 30.52 -29.00
C VAL A 449 -3.25 31.30 -27.75
N ASP A 450 -4.44 31.88 -27.80
CA ASP A 450 -5.07 32.49 -26.62
C ASP A 450 -5.76 31.38 -25.84
N THR A 451 -5.13 30.94 -24.76
CA THR A 451 -5.57 29.78 -23.99
C THR A 451 -6.36 30.24 -22.78
N TYR A 452 -7.66 29.91 -22.78
CA TYR A 452 -8.55 30.22 -21.67
C TYR A 452 -8.76 28.96 -20.84
N TRP A 453 -8.60 29.12 -19.54
CA TRP A 453 -8.85 28.04 -18.57
C TRP A 453 -8.66 28.63 -17.18
N MET A 454 -8.87 27.79 -16.16
CA MET A 454 -8.83 28.19 -14.77
C MET A 454 -8.04 27.16 -13.99
N THR A 455 -7.67 27.52 -12.76
CA THR A 455 -7.08 26.56 -11.84
C THR A 455 -8.01 25.36 -11.61
N GLU A 456 -9.31 25.60 -11.61
CA GLU A 456 -10.26 24.53 -11.37
C GLU A 456 -10.39 23.59 -12.57
N THR A 457 -10.08 24.08 -13.78
CA THR A 457 -10.19 23.23 -14.96
C THR A 457 -8.99 22.30 -15.13
N GLY A 458 -7.87 22.61 -14.48
CA GLY A 458 -6.68 21.77 -14.60
C GLY A 458 -5.86 21.94 -15.86
N SER A 459 -6.53 21.97 -17.02
CA SER A 459 -5.84 22.10 -18.29
C SER A 459 -6.61 23.11 -19.15
N ILE A 460 -6.03 23.42 -20.32
CA ILE A 460 -6.56 24.47 -21.17
C ILE A 460 -7.96 24.09 -21.65
N SER A 461 -8.90 25.01 -21.47
CA SER A 461 -10.30 24.73 -21.76
C SER A 461 -10.70 25.13 -23.18
N ILE A 462 -10.38 26.38 -23.57
CA ILE A 462 -10.71 26.91 -24.89
C ILE A 462 -9.45 27.54 -25.46
N ALA A 463 -9.04 27.10 -26.65
CA ALA A 463 -7.84 27.60 -27.29
C ALA A 463 -7.80 27.16 -28.75
N PRO A 464 -7.10 27.88 -29.62
CA PRO A 464 -6.97 27.44 -31.02
C PRO A 464 -5.91 26.36 -31.14
N LEU A 465 -6.19 25.38 -31.98
CA LEU A 465 -5.16 24.42 -32.37
C LEU A 465 -4.30 25.06 -33.46
N PRO A 466 -3.01 25.30 -33.21
CA PRO A 466 -2.26 26.22 -34.07
C PRO A 466 -2.11 25.77 -35.51
N GLY A 467 -2.26 24.48 -35.80
CA GLY A 467 -2.20 24.04 -37.18
C GLY A 467 -3.54 23.96 -37.88
N ALA A 468 -4.61 24.39 -37.23
CA ALA A 468 -5.95 24.21 -37.78
C ALA A 468 -6.81 25.47 -37.74
N ILE A 469 -6.70 26.28 -36.70
CA ILE A 469 -7.64 27.37 -36.46
C ILE A 469 -7.05 28.68 -36.94
N SER A 470 -7.82 29.40 -37.76
CA SER A 470 -7.50 30.78 -38.10
C SER A 470 -7.94 31.69 -36.96
N THR A 471 -7.01 32.52 -36.46
CA THR A 471 -7.22 33.22 -35.21
C THR A 471 -7.80 34.60 -35.42
N LYS A 472 -8.50 35.08 -34.39
CA LYS A 472 -8.97 36.46 -34.30
C LYS A 472 -8.38 37.10 -33.06
N PRO A 473 -7.88 38.33 -33.14
CA PRO A 473 -7.21 38.92 -31.97
C PRO A 473 -8.18 39.08 -30.80
N GLY A 474 -7.88 38.37 -29.71
CA GLY A 474 -8.68 38.44 -28.51
C GLY A 474 -9.72 37.35 -28.34
N SER A 475 -9.73 36.35 -29.22
CA SER A 475 -10.70 35.26 -29.15
C SER A 475 -9.98 33.95 -28.83
N ALA A 476 -10.56 33.19 -27.90
CA ALA A 476 -10.04 31.88 -27.55
C ALA A 476 -10.47 30.79 -28.53
N THR A 477 -11.34 31.13 -29.47
CA THR A 477 -11.82 30.25 -30.54
C THR A 477 -12.65 29.10 -30.00
N PHE A 478 -12.13 27.87 -30.06
CA PHE A 478 -13.00 26.72 -29.89
C PHE A 478 -12.55 25.82 -28.74
N PRO A 479 -13.48 25.15 -28.07
CA PRO A 479 -13.10 24.39 -26.88
C PRO A 479 -12.24 23.19 -27.20
N PHE A 480 -11.42 22.80 -26.23
CA PHE A 480 -10.50 21.69 -26.40
C PHE A 480 -11.25 20.36 -26.29
N PHE A 481 -10.55 19.29 -26.67
CA PHE A 481 -11.08 17.94 -26.56
C PHE A 481 -11.65 17.68 -25.17
N GLY A 482 -12.81 17.04 -25.13
CA GLY A 482 -13.49 16.76 -23.89
C GLY A 482 -14.29 17.90 -23.30
N MET A 483 -14.16 19.11 -23.85
CA MET A 483 -14.86 20.28 -23.35
C MET A 483 -16.05 20.58 -24.24
N ASP A 484 -17.25 20.53 -23.67
CA ASP A 484 -18.49 20.85 -24.36
C ASP A 484 -19.13 22.04 -23.64
N VAL A 485 -18.86 23.24 -24.13
CA VAL A 485 -19.28 24.46 -23.44
C VAL A 485 -20.53 25.03 -24.09
N ASP A 486 -21.30 25.78 -23.30
CA ASP A 486 -22.53 26.42 -23.76
C ASP A 486 -22.65 27.80 -23.14
N ILE A 487 -23.49 28.63 -23.74
CA ILE A 487 -23.77 29.97 -23.27
C ILE A 487 -25.16 29.99 -22.66
N ILE A 488 -25.27 30.49 -21.43
CA ILE A 488 -26.54 30.52 -20.71
C ILE A 488 -26.91 31.97 -20.43
N ASP A 489 -28.14 32.33 -20.74
CA ASP A 489 -28.68 33.62 -20.33
C ASP A 489 -28.80 33.65 -18.82
N PRO A 490 -28.06 34.52 -18.12
CA PRO A 490 -28.17 34.55 -16.65
C PRO A 490 -29.54 34.98 -16.16
N GLN A 491 -30.26 35.76 -16.95
CA GLN A 491 -31.60 36.20 -16.54
C GLN A 491 -32.58 35.05 -16.47
N THR A 492 -32.42 34.04 -17.34
CA THR A 492 -33.36 32.93 -17.41
C THR A 492 -32.76 31.59 -17.02
N GLY A 493 -31.42 31.47 -16.96
CA GLY A 493 -30.81 30.18 -16.70
C GLY A 493 -30.91 29.20 -17.84
N GLN A 494 -31.38 29.62 -19.01
CA GLN A 494 -31.52 28.75 -20.16
C GLN A 494 -30.32 28.89 -21.10
N VAL A 495 -30.03 27.81 -21.80
CA VAL A 495 -28.92 27.80 -22.76
C VAL A 495 -29.34 28.54 -24.01
N LEU A 496 -28.47 29.43 -24.48
CA LEU A 496 -28.71 30.18 -25.71
C LEU A 496 -28.13 29.39 -26.87
N GLU A 497 -29.01 28.80 -27.69
CA GLU A 497 -28.58 27.95 -28.79
C GLU A 497 -28.18 28.80 -30.00
N GLY A 498 -27.18 28.31 -30.73
CA GLY A 498 -26.77 28.95 -31.97
C GLY A 498 -25.58 29.88 -31.81
N ASN A 499 -25.48 30.82 -32.74
CA ASN A 499 -24.38 31.78 -32.79
C ASN A 499 -24.92 33.19 -32.61
N ASP A 500 -23.99 34.14 -32.47
CA ASP A 500 -24.31 35.53 -32.18
C ASP A 500 -25.06 35.66 -30.86
N VAL A 501 -24.63 34.89 -29.86
CA VAL A 501 -25.26 34.89 -28.54
C VAL A 501 -24.21 35.28 -27.50
N GLU A 502 -24.68 35.84 -26.39
CA GLU A 502 -23.82 36.34 -25.33
C GLU A 502 -24.43 36.00 -23.98
N GLY A 503 -23.59 35.66 -23.01
CA GLY A 503 -24.05 35.32 -21.69
C GLY A 503 -22.94 34.85 -20.76
N VAL A 504 -23.20 33.80 -19.99
CA VAL A 504 -22.23 33.23 -19.08
C VAL A 504 -21.78 31.88 -19.63
N LEU A 505 -20.50 31.56 -19.45
CA LEU A 505 -19.92 30.34 -19.97
C LEU A 505 -20.12 29.19 -18.99
N VAL A 506 -20.56 28.04 -19.49
CA VAL A 506 -20.74 26.85 -18.69
C VAL A 506 -20.29 25.63 -19.49
N ALA A 507 -19.97 24.56 -18.78
CA ALA A 507 -19.66 23.27 -19.37
C ALA A 507 -20.75 22.26 -19.03
N ARG A 508 -21.01 21.34 -19.96
CA ARG A 508 -22.14 20.43 -19.82
C ARG A 508 -21.80 19.13 -19.13
N ARG A 509 -20.58 18.63 -19.30
CA ARG A 509 -20.17 17.34 -18.76
C ARG A 509 -18.81 17.49 -18.11
N PRO A 510 -18.47 16.61 -17.16
CA PRO A 510 -17.11 16.63 -16.60
C PRO A 510 -16.07 16.28 -17.65
N TRP A 511 -14.86 16.75 -17.41
CA TRP A 511 -13.69 16.43 -18.21
C TRP A 511 -12.61 15.84 -17.30
N PRO A 512 -11.66 15.09 -17.85
CA PRO A 512 -10.71 14.36 -16.99
C PRO A 512 -9.99 15.20 -15.94
N SER A 513 -9.50 16.38 -16.32
CA SER A 513 -8.65 17.18 -15.44
C SER A 513 -9.43 18.16 -14.58
N ILE A 514 -10.73 17.97 -14.42
CA ILE A 514 -11.52 18.90 -13.61
C ILE A 514 -11.13 18.75 -12.14
N ALA A 515 -11.16 19.86 -11.41
CA ALA A 515 -10.93 19.82 -9.97
C ALA A 515 -11.94 18.90 -9.31
N ARG A 516 -11.46 18.07 -8.39
CA ARG A 516 -12.33 17.11 -7.73
C ARG A 516 -13.01 17.69 -6.50
N THR A 517 -12.40 18.67 -5.84
CA THR A 517 -12.98 19.27 -4.64
C THR A 517 -12.17 20.52 -4.28
N VAL A 518 -12.65 21.23 -3.27
CA VAL A 518 -11.88 22.25 -2.56
C VAL A 518 -11.49 21.66 -1.21
N TYR A 519 -10.20 21.70 -0.88
CA TYR A 519 -9.65 20.91 0.22
C TYR A 519 -10.41 21.14 1.51
N ARG A 520 -11.02 20.06 2.03
CA ARG A 520 -11.76 20.07 3.28
C ARG A 520 -12.91 21.07 3.27
N ASP A 521 -13.43 21.37 2.09
CA ASP A 521 -14.53 22.33 1.94
C ASP A 521 -15.30 22.00 0.67
N HIS A 522 -15.87 20.79 0.61
CA HIS A 522 -16.58 20.36 -0.59
C HIS A 522 -17.86 21.16 -0.82
N LYS A 523 -18.44 21.71 0.26
CA LYS A 523 -19.65 22.51 0.10
C LYS A 523 -19.35 23.78 -0.70
N ARG A 524 -18.24 24.45 -0.39
CA ARG A 524 -17.83 25.61 -1.19
C ARG A 524 -17.56 25.23 -2.64
N TYR A 525 -17.11 23.99 -2.86
CA TYR A 525 -16.85 23.52 -4.22
C TYR A 525 -18.15 23.36 -5.00
N LEU A 526 -19.20 22.83 -4.37
CA LEU A 526 -20.47 22.66 -5.07
C LEU A 526 -21.22 23.98 -5.19
N GLU A 527 -21.19 24.80 -4.15
CA GLU A 527 -21.91 26.07 -4.18
C GLU A 527 -21.32 27.03 -5.19
N THR A 528 -19.99 27.02 -5.36
CA THR A 528 -19.35 27.97 -6.26
C THR A 528 -19.52 27.57 -7.72
N TYR A 529 -19.28 26.29 -8.03
CA TYR A 529 -19.19 25.86 -9.42
C TYR A 529 -20.37 25.03 -9.91
N MET A 530 -21.09 24.35 -9.02
CA MET A 530 -22.09 23.38 -9.44
C MET A 530 -23.53 23.80 -9.19
N LYS A 531 -23.78 24.71 -8.25
CA LYS A 531 -25.15 25.06 -7.90
C LYS A 531 -25.73 26.28 -8.60
N PRO A 532 -24.93 27.27 -9.06
CA PRO A 532 -25.55 28.40 -9.78
C PRO A 532 -26.38 27.98 -10.98
N TYR A 533 -25.91 27.02 -11.77
CA TYR A 533 -26.65 26.51 -12.91
C TYR A 533 -26.61 24.99 -12.85
N PRO A 534 -27.63 24.37 -12.23
CA PRO A 534 -27.57 22.93 -11.97
C PRO A 534 -27.47 22.12 -13.26
N GLY A 535 -26.62 21.09 -13.23
CA GLY A 535 -26.31 20.31 -14.39
C GLY A 535 -25.10 20.78 -15.17
N TYR A 536 -24.58 21.97 -14.87
CA TYR A 536 -23.46 22.56 -15.59
C TYR A 536 -22.34 22.92 -14.63
N PHE A 537 -21.18 23.22 -15.19
CA PHE A 537 -20.06 23.79 -14.46
C PHE A 537 -19.98 25.27 -14.75
N PHE A 538 -19.93 26.09 -13.71
CA PHE A 538 -19.99 27.54 -13.83
C PHE A 538 -18.58 28.11 -13.71
N PHE A 539 -18.06 28.66 -14.81
CA PHE A 539 -16.71 29.22 -14.81
C PHE A 539 -16.64 30.53 -14.02
N GLY A 540 -17.71 31.31 -14.03
CA GLY A 540 -17.69 32.64 -13.46
C GLY A 540 -17.30 33.74 -14.43
N ASP A 541 -17.11 33.42 -15.71
CA ASP A 541 -16.70 34.38 -16.71
C ASP A 541 -17.85 34.69 -17.66
N GLY A 542 -17.85 35.91 -18.19
CA GLY A 542 -18.76 36.24 -19.27
C GLY A 542 -18.18 35.82 -20.60
N ALA A 543 -19.05 35.39 -21.50
CA ALA A 543 -18.59 34.86 -22.77
C ALA A 543 -19.62 35.15 -23.86
N ALA A 544 -19.14 35.20 -25.10
CA ALA A 544 -19.99 35.37 -26.26
C ALA A 544 -19.48 34.46 -27.38
N ARG A 545 -20.40 34.00 -28.21
CA ARG A 545 -20.07 33.18 -29.39
C ARG A 545 -20.54 33.95 -30.61
N ASP A 546 -19.59 34.40 -31.44
CA ASP A 546 -19.91 35.29 -32.54
C ASP A 546 -20.60 34.52 -33.66
N TYR A 547 -20.74 35.16 -34.83
CA TYR A 547 -21.47 34.54 -35.92
C TYR A 547 -20.74 33.31 -36.47
N ASP A 548 -19.41 33.34 -36.48
CA ASP A 548 -18.62 32.22 -36.99
C ASP A 548 -18.46 31.10 -35.97
N GLY A 549 -19.02 31.25 -34.78
CA GLY A 549 -18.88 30.24 -33.74
C GLY A 549 -17.70 30.44 -32.82
N TYR A 550 -16.92 31.50 -33.00
CA TYR A 550 -15.77 31.76 -32.15
C TYR A 550 -16.22 32.23 -30.77
N MET A 551 -15.59 31.69 -29.74
CA MET A 551 -15.87 32.08 -28.37
CA MET A 551 -15.87 32.08 -28.37
C MET A 551 -15.03 33.29 -27.98
N TRP A 552 -15.64 34.21 -27.25
CA TRP A 552 -14.97 35.41 -26.77
C TRP A 552 -15.18 35.52 -25.27
N ILE A 553 -14.10 35.41 -24.50
CA ILE A 553 -14.18 35.58 -23.05
C ILE A 553 -14.14 37.09 -22.75
N LYS A 554 -15.25 37.61 -22.22
CA LYS A 554 -15.42 39.04 -22.04
C LYS A 554 -14.88 39.56 -20.71
N GLY A 555 -14.66 38.68 -19.74
CA GLY A 555 -14.21 39.07 -18.43
C GLY A 555 -15.02 38.42 -17.33
N ARG A 556 -14.66 38.74 -16.09
CA ARG A 556 -15.36 38.18 -14.94
C ARG A 556 -16.80 38.68 -14.89
N VAL A 557 -17.72 37.78 -14.51
CA VAL A 557 -19.11 38.17 -14.35
C VAL A 557 -19.25 39.22 -13.26
N ASP A 558 -18.46 39.09 -12.19
CA ASP A 558 -18.51 40.07 -11.12
C ASP A 558 -18.06 41.46 -11.59
N ASP A 559 -17.19 41.51 -12.60
CA ASP A 559 -16.64 42.78 -13.07
C ASP A 559 -17.55 43.48 -14.07
N VAL A 560 -18.72 42.90 -14.39
CA VAL A 560 -19.62 43.51 -15.37
C VAL A 560 -20.20 44.81 -14.79
N ILE A 561 -20.33 45.82 -15.65
CA ILE A 561 -20.91 47.10 -15.28
C ILE A 561 -22.18 47.31 -16.10
N ASN A 562 -23.27 47.66 -15.41
CA ASN A 562 -24.58 47.80 -16.04
C ASN A 562 -24.98 49.27 -16.02
N VAL A 563 -24.85 49.94 -17.15
CA VAL A 563 -25.15 51.37 -17.28
C VAL A 563 -26.44 51.48 -18.08
N SER A 564 -27.55 51.77 -17.39
CA SER A 564 -28.86 51.98 -18.03
C SER A 564 -29.30 50.74 -18.80
N GLY A 565 -29.14 49.56 -18.19
CA GLY A 565 -29.50 48.35 -18.89
C GLY A 565 -28.52 47.88 -19.92
N HIS A 566 -27.39 48.58 -20.07
CA HIS A 566 -26.31 48.16 -20.97
C HIS A 566 -25.26 47.45 -20.14
N ARG A 567 -25.16 46.13 -20.31
CA ARG A 567 -24.17 45.32 -19.61
C ARG A 567 -22.84 45.43 -20.35
N LEU A 568 -21.86 46.07 -19.72
CA LEU A 568 -20.54 46.29 -20.31
C LEU A 568 -19.52 45.37 -19.65
N SER A 569 -18.68 44.75 -20.48
CA SER A 569 -17.61 43.91 -19.98
C SER A 569 -16.32 44.72 -19.85
N THR A 570 -15.36 44.15 -19.12
CA THR A 570 -14.08 44.84 -18.92
C THR A 570 -13.21 44.78 -20.17
N ALA A 571 -13.24 43.66 -20.89
CA ALA A 571 -12.40 43.51 -22.08
C ALA A 571 -12.80 44.44 -23.20
N GLU A 572 -14.05 44.91 -23.23
CA GLU A 572 -14.46 45.85 -24.26
C GLU A 572 -13.82 47.21 -24.07
N VAL A 573 -14.06 47.83 -22.91
CA VAL A 573 -13.61 49.20 -22.68
C VAL A 573 -12.09 49.27 -22.62
N GLU A 574 -11.46 48.33 -21.92
CA GLU A 574 -10.01 48.35 -21.80
C GLU A 574 -9.33 48.19 -23.16
N SER A 575 -9.90 47.35 -24.03
CA SER A 575 -9.36 47.22 -25.38
C SER A 575 -9.63 48.47 -26.21
N ALA A 576 -10.74 49.17 -25.93
CA ALA A 576 -10.98 50.44 -26.60
C ALA A 576 -10.05 51.52 -26.09
N LEU A 577 -9.80 51.55 -24.78
CA LEU A 577 -8.92 52.56 -24.21
C LEU A 577 -7.49 52.39 -24.71
N ILE A 578 -7.02 51.15 -24.85
CA ILE A 578 -5.65 50.90 -25.27
C ILE A 578 -5.41 51.25 -26.73
N LEU A 579 -6.48 51.47 -27.51
CA LEU A 579 -6.32 51.91 -28.89
C LEU A 579 -5.83 53.34 -29.00
N HIS A 580 -5.80 54.09 -27.89
CA HIS A 580 -5.28 55.45 -27.89
C HIS A 580 -3.76 55.43 -27.74
N LYS A 581 -3.10 56.36 -28.43
CA LYS A 581 -1.65 56.42 -28.42
C LYS A 581 -1.13 56.75 -27.03
N GLY A 582 -0.05 56.07 -26.64
CA GLY A 582 0.55 56.27 -25.33
C GLY A 582 -0.06 55.47 -24.20
N VAL A 583 -1.23 54.88 -24.40
CA VAL A 583 -1.88 54.09 -23.36
C VAL A 583 -1.17 52.74 -23.23
N ALA A 584 -0.77 52.41 -22.01
CA ALA A 584 -0.07 51.15 -21.74
C ALA A 584 -1.01 50.08 -21.17
N GLU A 585 -1.82 50.43 -20.19
CA GLU A 585 -2.65 49.46 -19.50
C GLU A 585 -3.80 50.17 -18.80
N THR A 586 -4.99 49.57 -18.84
CA THR A 586 -6.18 50.17 -18.25
C THR A 586 -6.93 49.12 -17.44
N ALA A 587 -7.91 49.60 -16.69
CA ALA A 587 -8.79 48.74 -15.89
C ALA A 587 -10.02 49.54 -15.52
N VAL A 588 -11.19 49.07 -15.94
CA VAL A 588 -12.45 49.75 -15.68
C VAL A 588 -13.23 48.98 -14.62
N VAL A 589 -13.83 49.72 -13.67
CA VAL A 589 -14.70 49.15 -12.66
C VAL A 589 -15.97 49.98 -12.62
N GLY A 590 -17.01 49.42 -11.99
CA GLY A 590 -18.28 50.08 -11.88
C GLY A 590 -18.52 50.66 -10.50
N CYS A 591 -19.55 51.50 -10.42
CA CYS A 591 -19.99 52.08 -9.16
C CYS A 591 -21.40 52.62 -9.36
N ALA A 592 -22.16 52.66 -8.27
CA ALA A 592 -23.56 53.04 -8.35
C ALA A 592 -23.72 54.47 -8.86
N ASP A 593 -24.65 54.67 -9.78
CA ASP A 593 -25.00 55.97 -10.30
C ASP A 593 -26.52 56.13 -10.29
N ASP A 594 -26.97 57.36 -10.05
CA ASP A 594 -28.39 57.61 -9.85
C ASP A 594 -29.18 57.70 -11.15
N LEU A 595 -28.53 57.96 -12.27
CA LEU A 595 -29.19 58.06 -13.56
C LEU A 595 -29.01 56.82 -14.42
N THR A 596 -27.81 56.24 -14.42
CA THR A 596 -27.50 55.10 -15.28
C THR A 596 -27.42 53.78 -14.50
N GLY A 597 -27.80 53.79 -13.22
CA GLY A 597 -27.68 52.59 -12.41
C GLY A 597 -26.26 52.35 -11.95
N GLN A 598 -25.34 52.19 -12.90
CA GLN A 598 -23.92 52.10 -12.62
C GLN A 598 -23.15 52.94 -13.63
N ALA A 599 -22.05 53.52 -13.17
CA ALA A 599 -21.18 54.34 -14.00
C ALA A 599 -19.82 53.68 -14.14
N VAL A 600 -19.13 54.02 -15.22
CA VAL A 600 -17.83 53.44 -15.54
C VAL A 600 -16.72 54.38 -15.05
N TYR A 601 -15.76 53.81 -14.33
CA TYR A 601 -14.58 54.53 -13.89
C TYR A 601 -13.35 53.83 -14.45
N ALA A 602 -12.43 54.61 -15.02
CA ALA A 602 -11.27 54.06 -15.71
C ALA A 602 -10.00 54.46 -14.98
N PHE A 603 -9.11 53.47 -14.78
CA PHE A 603 -7.77 53.70 -14.25
C PHE A 603 -6.79 53.41 -15.37
N VAL A 604 -6.10 54.44 -15.84
CA VAL A 604 -5.29 54.38 -17.05
C VAL A 604 -3.82 54.58 -16.68
N THR A 605 -2.95 53.78 -17.30
CA THR A 605 -1.50 53.93 -17.17
C THR A 605 -0.93 54.25 -18.53
N MET A 606 -0.28 55.41 -18.64
CA MET A 606 0.34 55.82 -19.89
C MET A 606 1.77 55.29 -19.97
N LYS A 607 2.29 55.24 -21.19
CA LYS A 607 3.69 54.86 -21.39
C LYS A 607 4.58 55.87 -20.67
N PRO A 608 5.73 55.44 -20.15
CA PRO A 608 6.57 56.35 -19.36
C PRO A 608 7.09 57.53 -20.15
N GLU A 609 7.22 57.40 -21.48
CA GLU A 609 7.71 58.49 -22.30
C GLU A 609 6.64 59.52 -22.61
N PHE A 610 5.38 59.23 -22.33
CA PHE A 610 4.29 60.14 -22.68
C PHE A 610 4.38 61.44 -21.88
N ASP A 611 4.23 62.56 -22.57
CA ASP A 611 4.31 63.88 -21.95
C ASP A 611 2.93 64.26 -21.42
N LEU A 612 2.79 64.27 -20.10
CA LEU A 612 1.53 64.65 -19.47
C LEU A 612 1.39 66.16 -19.29
N LYS A 613 2.44 66.94 -19.57
CA LYS A 613 2.38 68.38 -19.46
C LYS A 613 1.99 69.04 -20.78
N ALA A 614 2.55 68.57 -21.90
CA ALA A 614 2.18 69.11 -23.20
C ALA A 614 0.76 68.72 -23.58
N THR A 615 0.31 67.55 -23.15
CA THR A 615 -1.06 67.10 -23.38
C THR A 615 -1.85 67.29 -22.09
N LYS A 616 -2.80 68.23 -22.11
CA LYS A 616 -3.63 68.47 -20.94
C LYS A 616 -4.43 67.22 -20.59
N GLU A 617 -4.58 66.96 -19.28
CA GLU A 617 -5.24 65.73 -18.85
C GLU A 617 -6.72 65.75 -19.21
N ALA A 618 -7.40 66.88 -19.01
CA ALA A 618 -8.82 66.95 -19.32
C ALA A 618 -9.09 66.62 -20.78
N ASP A 619 -8.18 67.02 -21.67
CA ASP A 619 -8.33 66.68 -23.08
C ASP A 619 -7.99 65.22 -23.37
N LEU A 620 -7.07 64.64 -22.60
CA LEU A 620 -6.80 63.21 -22.73
C LEU A 620 -8.01 62.39 -22.32
N SER A 621 -8.65 62.74 -21.20
CA SER A 621 -9.86 62.05 -20.79
C SER A 621 -10.97 62.19 -21.82
N LYS A 622 -11.10 63.38 -22.42
CA LYS A 622 -12.12 63.58 -23.45
C LYS A 622 -11.84 62.72 -24.67
N GLU A 623 -10.56 62.63 -25.07
CA GLU A 623 -10.21 61.78 -26.20
C GLU A 623 -10.48 60.31 -25.89
N LEU A 624 -10.24 59.90 -24.65
CA LEU A 624 -10.54 58.53 -24.26
C LEU A 624 -12.04 58.26 -24.24
N ALA A 625 -12.83 59.24 -23.80
CA ALA A 625 -14.28 59.07 -23.80
C ALA A 625 -14.85 59.00 -25.20
N ILE A 626 -14.24 59.71 -26.15
CA ILE A 626 -14.69 59.64 -27.54
C ILE A 626 -14.21 58.35 -28.20
N GLN A 627 -12.98 57.93 -27.88
CA GLN A 627 -12.47 56.67 -28.41
C GLN A 627 -13.36 55.50 -28.01
N VAL A 628 -13.87 55.51 -26.78
CA VAL A 628 -14.74 54.44 -26.32
C VAL A 628 -16.11 54.54 -26.98
N ARG A 629 -16.64 55.76 -27.11
CA ARG A 629 -17.95 55.95 -27.73
C ARG A 629 -17.94 55.54 -29.21
N LYS A 630 -16.83 55.77 -29.91
CA LYS A 630 -16.77 55.45 -31.34
C LYS A 630 -16.65 53.97 -31.62
N VAL A 631 -16.20 53.17 -30.64
CA VAL A 631 -15.93 51.76 -30.88
C VAL A 631 -17.03 50.90 -30.25
N ILE A 632 -17.56 51.33 -29.11
CA ILE A 632 -18.51 50.55 -28.33
C ILE A 632 -19.91 51.15 -28.39
N GLY A 633 -20.07 52.40 -27.97
CA GLY A 633 -21.36 53.04 -27.97
C GLY A 633 -21.40 54.25 -27.06
N PRO A 634 -22.50 55.02 -27.14
CA PRO A 634 -22.59 56.24 -26.32
C PRO A 634 -22.63 55.97 -24.83
N PHE A 635 -23.21 54.86 -24.43
CA PHE A 635 -23.39 54.53 -23.01
C PHE A 635 -22.08 54.16 -22.32
N ALA A 636 -21.07 53.74 -23.08
CA ALA A 636 -19.88 53.11 -22.50
C ALA A 636 -18.79 54.10 -22.12
N ALA A 637 -19.02 55.39 -22.27
CA ALA A 637 -17.98 56.37 -21.94
C ALA A 637 -17.77 56.40 -20.43
N PRO A 638 -16.52 56.37 -19.95
CA PRO A 638 -16.29 56.44 -18.50
C PRO A 638 -16.72 57.79 -17.94
N LYS A 639 -17.43 57.74 -16.81
CA LYS A 639 -17.83 58.97 -16.14
C LYS A 639 -16.64 59.70 -15.53
N LYS A 640 -15.63 58.95 -15.08
CA LYS A 640 -14.41 59.52 -14.53
C LYS A 640 -13.23 58.66 -14.93
N ILE A 641 -12.08 59.30 -15.12
CA ILE A 641 -10.86 58.63 -15.55
C ILE A 641 -9.73 59.06 -14.62
N TYR A 642 -9.08 58.10 -13.98
CA TYR A 642 -7.96 58.35 -13.09
C TYR A 642 -6.67 57.88 -13.76
N LEU A 643 -5.63 58.71 -13.69
CA LEU A 643 -4.31 58.37 -14.22
C LEU A 643 -3.44 57.87 -13.07
N VAL A 644 -2.92 56.65 -13.21
CA VAL A 644 -2.13 56.03 -12.16
C VAL A 644 -0.79 55.57 -12.74
N SER A 645 0.17 55.34 -11.85
CA SER A 645 1.46 54.82 -12.26
C SER A 645 1.42 53.31 -12.49
N ASP A 646 0.53 52.61 -11.81
CA ASP A 646 0.33 51.17 -12.02
C ASP A 646 -0.98 50.77 -11.36
N LEU A 647 -1.40 49.55 -11.64
CA LEU A 647 -2.64 48.97 -11.15
C LEU A 647 -2.37 47.89 -10.11
N PRO A 648 -3.32 47.63 -9.21
CA PRO A 648 -3.15 46.51 -8.25
C PRO A 648 -3.23 45.18 -8.97
N LYS A 649 -2.20 44.36 -8.81
CA LYS A 649 -2.10 43.08 -9.50
C LYS A 649 -1.68 42.00 -8.52
N THR A 650 -2.24 40.81 -8.70
CA THR A 650 -1.82 39.65 -7.93
C THR A 650 -0.44 39.19 -8.40
N ARG A 651 0.15 38.26 -7.63
CA ARG A 651 1.39 37.64 -8.06
C ARG A 651 1.21 36.87 -9.36
N SER A 652 -0.02 36.42 -9.63
CA SER A 652 -0.30 35.78 -10.91
C SER A 652 -0.21 36.76 -12.08
N GLY A 653 -0.49 38.04 -11.82
CA GLY A 653 -0.52 39.05 -12.86
C GLY A 653 -1.90 39.59 -13.18
N LYS A 654 -2.96 39.00 -12.62
CA LYS A 654 -4.31 39.49 -12.86
C LYS A 654 -4.52 40.84 -12.21
N ILE A 655 -5.27 41.71 -12.89
CA ILE A 655 -5.64 43.00 -12.34
C ILE A 655 -6.74 42.80 -11.30
N MET A 656 -6.54 43.36 -10.11
CA MET A 656 -7.50 43.22 -9.02
C MET A 656 -8.53 44.36 -9.12
N ARG A 657 -9.48 44.17 -10.03
CA ARG A 657 -10.55 45.15 -10.19
C ARG A 657 -11.48 45.20 -8.98
N ARG A 658 -11.52 44.13 -8.19
CA ARG A 658 -12.31 44.15 -6.96
C ARG A 658 -11.79 45.21 -5.99
N VAL A 659 -10.47 45.42 -5.97
CA VAL A 659 -9.89 46.42 -5.09
C VAL A 659 -10.25 47.82 -5.56
N LEU A 660 -10.10 48.08 -6.87
CA LEU A 660 -10.40 49.41 -7.41
C LEU A 660 -11.88 49.75 -7.24
N ARG A 661 -12.75 48.75 -7.39
CA ARG A 661 -14.18 48.97 -7.19
C ARG A 661 -14.48 49.41 -5.77
N LYS A 662 -13.81 48.81 -4.78
CA LYS A 662 -14.01 49.21 -3.39
C LYS A 662 -13.41 50.59 -3.11
N ILE A 663 -12.32 50.94 -3.78
CA ILE A 663 -11.74 52.27 -3.57
C ILE A 663 -12.68 53.32 -4.12
N VAL A 664 -13.36 53.00 -5.22
CA VAL A 664 -14.21 53.97 -5.91
C VAL A 664 -15.53 54.00 -5.19
N ALA A 665 -15.66 53.16 -4.16
CA ALA A 665 -16.83 53.09 -3.32
C ALA A 665 -16.58 53.52 -1.89
N GLY A 666 -15.34 53.81 -1.49
CA GLY A 666 -15.02 54.30 -0.16
C GLY A 666 -14.35 53.27 0.74
N GLU A 667 -14.56 51.98 0.52
CA GLU A 667 -13.95 50.96 1.37
C GLU A 667 -12.46 50.76 1.06
N PRO A 680 1.19 45.96 -4.05
CA PRO A 680 1.15 46.22 -2.62
C PRO A 680 1.14 47.71 -2.28
N GLN A 681 2.22 48.42 -2.62
CA GLN A 681 2.29 49.85 -2.40
C GLN A 681 1.44 50.64 -3.37
N ILE A 682 0.98 50.02 -4.46
CA ILE A 682 0.17 50.73 -5.45
C ILE A 682 -1.21 51.06 -4.92
N VAL A 683 -1.66 50.39 -3.85
CA VAL A 683 -2.97 50.69 -3.28
C VAL A 683 -2.96 52.04 -2.59
N GLU A 684 -1.80 52.47 -2.10
CA GLU A 684 -1.71 53.80 -1.48
C GLU A 684 -1.86 54.90 -2.52
N GLU A 685 -1.29 54.71 -3.70
CA GLU A 685 -1.41 55.72 -4.75
C GLU A 685 -2.83 55.76 -5.32
N VAL A 686 -3.57 54.66 -5.25
CA VAL A 686 -4.93 54.64 -5.78
C VAL A 686 -5.90 55.30 -4.81
N LYS A 687 -5.76 55.02 -3.51
CA LYS A 687 -6.65 55.63 -2.53
C LYS A 687 -6.44 57.13 -2.46
N GLN A 688 -5.20 57.59 -2.65
CA GLN A 688 -4.92 59.02 -2.61
C GLN A 688 -5.50 59.73 -3.83
N LYS A 689 -5.29 59.16 -5.01
CA LYS A 689 -5.78 59.79 -6.25
C LYS A 689 -7.30 59.75 -6.34
N VAL A 690 -7.96 58.84 -5.62
CA VAL A 690 -9.41 58.77 -5.65
C VAL A 690 -10.07 59.82 -4.77
N THR A 691 -9.29 60.67 -4.12
CA THR A 691 -9.84 61.72 -3.26
C THR A 691 -9.17 63.06 -3.52
N HIS B 25 -37.38 -46.37 13.49
CA HIS B 25 -36.34 -45.35 13.37
C HIS B 25 -35.78 -44.98 14.73
N HIS B 26 -34.45 -45.01 14.85
CA HIS B 26 -33.81 -44.64 16.11
C HIS B 26 -33.81 -43.13 16.33
N VAL B 27 -33.69 -42.35 15.27
CA VAL B 27 -33.70 -40.89 15.34
C VAL B 27 -35.09 -40.40 14.94
N HIS B 28 -35.69 -39.55 15.78
CA HIS B 28 -37.05 -39.12 15.57
C HIS B 28 -37.12 -37.61 15.34
N PRO B 29 -38.00 -37.15 14.45
CA PRO B 29 -38.15 -35.72 14.24
C PRO B 29 -38.76 -35.04 15.46
N LEU B 30 -38.58 -33.72 15.51
CA LEU B 30 -39.12 -32.95 16.62
C LEU B 30 -40.65 -33.11 16.67
N PRO B 31 -41.23 -33.18 17.86
CA PRO B 31 -42.66 -33.53 17.95
C PRO B 31 -43.54 -32.54 17.22
N ASP B 32 -44.51 -33.07 16.48
CA ASP B 32 -45.40 -32.27 15.66
C ASP B 32 -46.79 -32.87 15.68
N SER B 33 -47.81 -32.02 15.51
CA SER B 33 -49.18 -32.50 15.42
C SER B 33 -49.43 -33.20 14.09
N VAL B 34 -48.69 -32.83 13.06
CA VAL B 34 -48.87 -33.44 11.73
C VAL B 34 -48.09 -34.74 11.69
N PRO B 35 -48.71 -35.85 11.29
CA PRO B 35 -47.96 -37.11 11.19
C PRO B 35 -46.88 -37.03 10.11
N GLU B 36 -45.88 -37.89 10.24
CA GLU B 36 -44.76 -37.89 9.31
C GLU B 36 -45.20 -38.21 7.89
N SER B 37 -46.32 -38.92 7.73
CA SER B 37 -46.80 -39.24 6.39
C SER B 37 -47.27 -38.00 5.64
N GLU B 38 -47.70 -36.96 6.37
CA GLU B 38 -48.25 -35.75 5.77
C GLU B 38 -47.38 -34.52 6.08
N ASP B 39 -46.13 -34.72 6.47
CA ASP B 39 -45.27 -33.63 6.92
C ASP B 39 -44.13 -33.32 5.96
N LEU B 40 -44.20 -33.82 4.73
CA LEU B 40 -43.21 -33.51 3.70
C LEU B 40 -43.78 -32.47 2.75
N PHE B 41 -43.01 -31.43 2.46
CA PHE B 41 -43.47 -30.29 1.67
C PHE B 41 -42.52 -30.05 0.51
N ALA B 42 -42.89 -30.55 -0.67
CA ALA B 42 -42.12 -30.34 -1.88
C ALA B 42 -42.11 -28.85 -2.24
N PRO B 43 -41.16 -28.43 -3.07
CA PRO B 43 -41.12 -27.02 -3.50
C PRO B 43 -42.45 -26.58 -4.10
N PRO B 44 -43.02 -25.49 -3.59
CA PRO B 44 -44.35 -25.06 -4.04
C PRO B 44 -44.31 -24.42 -5.41
N PRO B 45 -45.47 -24.15 -6.02
CA PRO B 45 -45.47 -23.58 -7.38
C PRO B 45 -44.64 -22.31 -7.56
N ARG B 46 -44.56 -21.46 -6.54
CA ARG B 46 -43.77 -20.23 -6.69
C ARG B 46 -42.28 -20.54 -6.84
N MET B 47 -41.82 -21.66 -6.31
CA MET B 47 -40.43 -22.08 -6.45
C MET B 47 -40.24 -23.09 -7.57
N GLN B 48 -41.14 -23.12 -8.54
CA GLN B 48 -41.04 -24.02 -9.69
C GLN B 48 -40.92 -23.29 -11.01
N GLY B 49 -40.87 -21.96 -11.01
CA GLY B 49 -40.93 -21.20 -12.24
C GLY B 49 -42.32 -20.93 -12.77
N LYS B 50 -43.36 -21.37 -12.05
CA LYS B 50 -44.73 -21.12 -12.46
C LYS B 50 -45.18 -19.75 -11.97
N GLU B 51 -46.36 -19.32 -12.44
CA GLU B 51 -46.97 -18.05 -12.08
C GLU B 51 -46.07 -16.85 -12.41
N GLY B 52 -45.16 -17.01 -13.36
CA GLY B 52 -44.26 -15.94 -13.74
C GLY B 52 -43.06 -15.76 -12.85
N ARG B 53 -42.93 -16.56 -11.79
CA ARG B 53 -41.79 -16.45 -10.89
C ARG B 53 -40.52 -16.91 -11.60
N PRO B 54 -39.36 -16.45 -11.14
CA PRO B 54 -38.10 -16.89 -11.76
C PRO B 54 -37.86 -18.38 -11.56
N LYS B 55 -37.12 -18.96 -12.50
CA LYS B 55 -36.76 -20.36 -12.37
C LYS B 55 -35.67 -20.52 -11.31
N PRO B 56 -35.78 -21.53 -10.45
CA PRO B 56 -34.79 -21.67 -9.36
C PRO B 56 -33.41 -22.03 -9.91
N HIS B 57 -32.38 -21.49 -9.25
CA HIS B 57 -31.01 -21.74 -9.68
C HIS B 57 -30.65 -23.20 -9.56
N ILE B 58 -31.21 -23.91 -8.59
CA ILE B 58 -31.04 -25.35 -8.43
C ILE B 58 -32.42 -25.98 -8.42
N GLY B 59 -32.61 -27.01 -9.24
CA GLY B 59 -33.89 -27.67 -9.33
C GLY B 59 -33.91 -28.81 -10.31
N PRO B 60 -34.99 -29.61 -10.28
CA PRO B 60 -36.13 -29.34 -9.39
C PRO B 60 -36.28 -30.33 -8.24
N ASN B 61 -35.25 -31.11 -7.93
CA ASN B 61 -35.41 -32.19 -6.96
C ASN B 61 -34.11 -32.35 -6.17
N TYR B 62 -34.08 -33.38 -5.32
CA TYR B 62 -32.94 -33.61 -4.44
C TYR B 62 -31.68 -33.96 -5.24
N GLU B 63 -31.83 -34.78 -6.28
CA GLU B 63 -30.68 -35.17 -7.08
C GLU B 63 -30.02 -33.96 -7.73
N SER B 64 -30.82 -32.96 -8.11
CA SER B 64 -30.26 -31.76 -8.70
C SER B 64 -29.40 -30.99 -7.70
N TYR B 65 -29.78 -31.02 -6.42
CA TYR B 65 -28.93 -30.41 -5.39
C TYR B 65 -27.65 -31.20 -5.18
N VAL B 66 -27.74 -32.54 -5.25
CA VAL B 66 -26.57 -33.37 -5.02
C VAL B 66 -25.56 -33.20 -6.15
N LYS B 67 -26.04 -33.11 -7.39
CA LYS B 67 -25.15 -33.04 -8.54
C LYS B 67 -24.22 -31.84 -8.47
N GLU B 68 -24.73 -30.70 -7.99
CA GLU B 68 -23.92 -29.49 -7.87
C GLU B 68 -23.15 -29.43 -6.57
N TRP B 69 -23.69 -30.00 -5.48
CA TRP B 69 -23.00 -29.99 -4.20
C TRP B 69 -21.71 -30.82 -4.26
N ALA B 70 -21.75 -31.96 -4.95
CA ALA B 70 -20.58 -32.81 -5.04
C ALA B 70 -19.44 -32.15 -5.79
N LYS B 71 -19.72 -31.11 -6.57
CA LYS B 71 -18.66 -30.34 -7.22
C LYS B 71 -17.92 -29.44 -6.24
N THR B 72 -18.48 -29.19 -5.07
CA THR B 72 -17.96 -28.20 -4.13
C THR B 72 -17.19 -28.80 -2.96
N VAL B 73 -17.25 -30.12 -2.79
CA VAL B 73 -16.50 -30.81 -1.74
C VAL B 73 -15.68 -31.91 -2.38
N GLY B 74 -14.72 -32.42 -1.61
CA GLY B 74 -13.86 -33.49 -2.08
C GLY B 74 -12.55 -32.95 -2.62
N PRO B 75 -11.65 -33.87 -3.02
CA PRO B 75 -10.33 -33.46 -3.50
C PRO B 75 -10.32 -32.89 -4.91
N ASN B 76 -11.47 -32.78 -5.57
CA ASN B 76 -11.55 -32.26 -6.94
C ASN B 76 -12.43 -31.01 -7.03
N SER B 77 -12.61 -30.29 -5.92
CA SER B 77 -13.51 -29.16 -5.87
C SER B 77 -12.82 -27.82 -6.11
N ASP B 78 -11.51 -27.83 -6.36
CA ASP B 78 -10.81 -26.56 -6.61
C ASP B 78 -11.33 -25.88 -7.87
N GLU B 79 -11.59 -26.66 -8.92
CA GLU B 79 -12.06 -26.08 -10.18
C GLU B 79 -13.39 -25.35 -10.01
N TRP B 80 -14.29 -25.90 -9.19
CA TRP B 80 -15.58 -25.26 -8.97
C TRP B 80 -15.42 -23.96 -8.18
N TRP B 81 -14.59 -23.98 -7.14
CA TRP B 81 -14.44 -22.79 -6.29
C TRP B 81 -13.66 -21.69 -7.00
N ALA B 82 -12.67 -22.06 -7.81
CA ALA B 82 -11.94 -21.05 -8.58
C ALA B 82 -12.86 -20.36 -9.58
N ALA B 83 -13.77 -21.13 -10.19
CA ALA B 83 -14.70 -20.54 -11.14
C ALA B 83 -15.69 -19.61 -10.45
N LYS B 84 -16.32 -20.09 -9.37
CA LYS B 84 -17.27 -19.25 -8.65
C LYS B 84 -16.62 -17.99 -8.11
N ALA B 85 -15.35 -18.08 -7.69
CA ALA B 85 -14.65 -16.92 -7.16
C ALA B 85 -14.43 -15.87 -8.25
N ARG B 86 -14.12 -16.31 -9.46
CA ARG B 86 -13.86 -15.35 -10.55
C ARG B 86 -15.15 -14.81 -11.14
N GLU B 87 -16.23 -15.59 -11.12
CA GLU B 87 -17.50 -15.12 -11.69
C GLU B 87 -18.29 -14.24 -10.72
N THR B 88 -18.20 -14.53 -9.42
CA THR B 88 -19.03 -13.81 -8.45
C THR B 88 -18.43 -12.47 -8.07
N LEU B 89 -17.10 -12.38 -7.97
CA LEU B 89 -16.44 -11.20 -7.46
C LEU B 89 -15.57 -10.56 -8.54
N ASP B 90 -15.43 -9.23 -8.46
CA ASP B 90 -14.49 -8.50 -9.29
C ASP B 90 -13.18 -8.35 -8.52
N TRP B 91 -12.09 -8.78 -9.12
CA TRP B 91 -10.78 -8.78 -8.49
C TRP B 91 -9.88 -7.72 -9.12
N TYR B 92 -9.00 -7.13 -8.30
CA TYR B 92 -7.95 -6.28 -8.83
C TYR B 92 -6.78 -7.12 -9.32
N ASP B 93 -6.36 -8.11 -8.53
CA ASP B 93 -5.36 -9.09 -8.92
C ASP B 93 -5.96 -10.47 -8.77
N ASP B 94 -5.81 -11.30 -9.80
CA ASP B 94 -6.29 -12.67 -9.72
C ASP B 94 -5.47 -13.47 -8.71
N PHE B 95 -6.06 -14.55 -8.22
CA PHE B 95 -5.36 -15.43 -7.30
C PHE B 95 -4.73 -16.59 -8.07
N LYS B 96 -3.80 -17.26 -7.41
CA LYS B 96 -3.11 -18.42 -7.97
C LYS B 96 -3.43 -19.71 -7.22
N THR B 97 -3.45 -19.67 -5.90
CA THR B 97 -3.79 -20.83 -5.08
C THR B 97 -5.26 -20.75 -4.68
N VAL B 98 -5.94 -21.89 -4.71
CA VAL B 98 -7.35 -21.91 -4.34
C VAL B 98 -7.51 -21.94 -2.83
N ARG B 99 -6.85 -22.89 -2.17
CA ARG B 99 -7.00 -23.04 -0.72
C ARG B 99 -5.72 -23.62 -0.14
N ALA B 100 -5.55 -23.40 1.16
CA ALA B 100 -4.41 -23.92 1.90
C ALA B 100 -4.73 -23.87 3.39
N GLY B 101 -3.81 -24.34 4.21
CA GLY B 101 -4.00 -24.33 5.66
C GLY B 101 -5.08 -25.31 6.09
N GLY B 102 -5.28 -25.37 7.41
CA GLY B 102 -6.24 -26.30 7.96
C GLY B 102 -6.68 -25.91 9.35
N PHE B 103 -7.39 -26.84 10.00
CA PHE B 103 -7.94 -26.58 11.32
C PHE B 103 -6.88 -26.60 12.40
N GLU B 104 -5.86 -27.47 12.24
CA GLU B 104 -4.99 -27.82 13.36
C GLU B 104 -4.31 -26.60 13.97
N HIS B 105 -3.80 -25.71 13.13
CA HIS B 105 -3.07 -24.53 13.61
C HIS B 105 -3.80 -23.23 13.34
N GLY B 106 -4.94 -23.27 12.65
CA GLY B 106 -5.67 -22.06 12.36
C GLY B 106 -4.96 -21.16 11.37
N ASP B 107 -4.64 -21.70 10.20
CA ASP B 107 -3.95 -20.98 9.13
C ASP B 107 -4.70 -21.13 7.82
N VAL B 108 -6.04 -21.15 7.88
CA VAL B 108 -6.85 -21.37 6.70
C VAL B 108 -6.65 -20.24 5.70
N GLN B 109 -6.48 -20.59 4.43
CA GLN B 109 -6.25 -19.63 3.37
C GLN B 109 -7.16 -19.94 2.19
N TRP B 110 -7.71 -18.88 1.58
CA TRP B 110 -8.52 -19.01 0.38
C TRP B 110 -8.15 -17.88 -0.57
N PHE B 111 -7.74 -18.24 -1.78
CA PHE B 111 -7.36 -17.28 -2.81
C PHE B 111 -6.30 -16.29 -2.32
N PRO B 112 -5.19 -16.77 -1.75
CA PRO B 112 -4.32 -15.86 -0.99
C PRO B 112 -3.68 -14.75 -1.82
N GLU B 113 -3.25 -15.03 -3.05
CA GLU B 113 -2.56 -14.03 -3.83
C GLU B 113 -3.49 -12.98 -4.43
N GLY B 114 -4.80 -13.20 -4.40
CA GLY B 114 -5.73 -12.29 -5.04
C GLY B 114 -5.96 -11.03 -4.23
N THR B 115 -6.31 -9.95 -4.92
CA THR B 115 -6.64 -8.68 -4.30
C THR B 115 -8.01 -8.22 -4.77
N LEU B 116 -8.74 -7.58 -3.87
CA LEU B 116 -10.10 -7.12 -4.14
C LEU B 116 -10.48 -6.10 -3.08
N ASN B 117 -11.73 -5.64 -3.14
CA ASN B 117 -12.28 -4.74 -2.13
C ASN B 117 -13.76 -5.06 -1.97
N ALA B 118 -14.20 -5.13 -0.71
CA ALA B 118 -15.59 -5.46 -0.43
C ALA B 118 -16.53 -4.34 -0.85
N ALA B 119 -16.13 -3.09 -0.63
CA ALA B 119 -16.99 -1.98 -1.01
C ALA B 119 -17.13 -1.86 -2.52
N TYR B 120 -16.07 -2.16 -3.26
CA TYR B 120 -16.16 -2.13 -4.72
C TYR B 120 -17.15 -3.16 -5.24
N ASN B 121 -17.23 -4.32 -4.57
CA ASN B 121 -18.12 -5.39 -5.03
C ASN B 121 -19.55 -5.18 -4.57
N CYS B 122 -19.75 -4.46 -3.46
CA CYS B 122 -21.10 -4.20 -2.95
C CYS B 122 -21.67 -2.88 -3.44
N LEU B 123 -20.84 -2.00 -4.01
CA LEU B 123 -21.31 -0.68 -4.41
C LEU B 123 -20.87 -0.30 -5.82
N ASP B 124 -19.56 -0.13 -6.01
CA ASP B 124 -19.06 0.53 -7.21
C ASP B 124 -19.51 -0.17 -8.49
N ARG B 125 -19.33 -1.50 -8.56
CA ARG B 125 -19.61 -2.21 -9.79
C ARG B 125 -21.09 -2.17 -10.14
N HIS B 126 -21.97 -2.15 -9.13
CA HIS B 126 -23.40 -2.03 -9.41
C HIS B 126 -23.79 -0.58 -9.69
N TYR B 127 -23.06 0.38 -9.11
CA TYR B 127 -23.29 1.79 -9.43
C TYR B 127 -22.94 2.07 -10.89
N TYR B 128 -21.85 1.46 -11.39
CA TYR B 128 -21.44 1.69 -12.76
C TYR B 128 -22.44 1.10 -13.76
N LYS B 129 -23.20 0.09 -13.35
CA LYS B 129 -24.15 -0.57 -14.25
C LYS B 129 -25.52 0.07 -14.22
N ASN B 130 -26.06 0.32 -13.02
CA ASN B 130 -27.38 0.92 -12.87
C ASN B 130 -27.38 1.75 -11.59
N PRO B 131 -26.98 3.01 -11.67
CA PRO B 131 -26.86 3.82 -10.46
C PRO B 131 -28.20 4.11 -9.77
N LYS B 132 -29.30 4.12 -10.52
CA LYS B 132 -30.60 4.48 -9.96
C LYS B 132 -31.33 3.30 -9.32
N LYS B 133 -30.80 2.09 -9.45
CA LYS B 133 -31.43 0.92 -8.84
C LYS B 133 -31.39 1.02 -7.33
N THR B 134 -32.51 0.64 -6.69
CA THR B 134 -32.62 0.74 -5.24
C THR B 134 -31.70 -0.29 -4.57
N ALA B 135 -30.78 0.20 -3.76
CA ALA B 135 -29.89 -0.68 -2.99
C ALA B 135 -30.50 -1.08 -1.65
N ILE B 136 -31.11 -0.13 -0.95
CA ILE B 136 -31.66 -0.36 0.37
C ILE B 136 -33.10 0.15 0.42
N ILE B 137 -34.00 -0.71 0.89
CA ILE B 137 -35.33 -0.27 1.31
C ILE B 137 -35.25 0.03 2.79
N TYR B 138 -35.23 1.32 3.14
CA TYR B 138 -35.09 1.75 4.52
C TYR B 138 -36.47 1.83 5.15
N GLU B 139 -36.81 0.81 5.95
CA GLU B 139 -38.08 0.78 6.68
C GLU B 139 -37.83 1.37 8.06
N ALA B 140 -38.20 2.64 8.23
CA ALA B 140 -37.95 3.33 9.49
C ALA B 140 -38.85 2.80 10.60
N ASP B 141 -38.57 3.24 11.83
CA ASP B 141 -39.40 2.85 12.96
C ASP B 141 -40.83 3.34 12.78
N GLU B 142 -41.00 4.57 12.29
CA GLU B 142 -42.31 5.06 11.90
C GLU B 142 -42.54 4.70 10.43
N PRO B 143 -43.63 4.00 10.09
CA PRO B 143 -43.79 3.54 8.70
C PRO B 143 -43.78 4.64 7.66
N SER B 144 -44.33 5.81 7.99
CA SER B 144 -44.43 6.89 7.01
C SER B 144 -43.08 7.47 6.62
N GLU B 145 -42.04 7.26 7.43
CA GLU B 145 -40.72 7.82 7.18
C GLU B 145 -39.86 6.95 6.26
N SER B 146 -40.42 5.88 5.70
CA SER B 146 -39.65 4.97 4.87
C SER B 146 -39.38 5.58 3.50
N ARG B 147 -38.28 5.14 2.89
CA ARG B 147 -37.91 5.56 1.54
C ARG B 147 -36.85 4.61 1.01
N GLU B 148 -36.66 4.64 -0.31
CA GLU B 148 -35.65 3.83 -0.96
C GLU B 148 -34.34 4.59 -1.04
N VAL B 149 -33.24 3.85 -1.07
CA VAL B 149 -31.90 4.40 -1.17
C VAL B 149 -31.20 3.74 -2.35
N SER B 150 -30.98 4.50 -3.42
CA SER B 150 -30.36 3.95 -4.62
C SER B 150 -28.89 3.60 -4.36
N TYR B 151 -28.32 2.83 -5.28
CA TYR B 151 -26.90 2.51 -5.19
C TYR B 151 -26.03 3.74 -5.31
N GLU B 152 -26.49 4.75 -6.07
CA GLU B 152 -25.72 5.99 -6.19
C GLU B 152 -25.64 6.71 -4.85
N GLU B 153 -26.79 6.90 -4.19
CA GLU B 153 -26.79 7.60 -2.91
C GLU B 153 -26.00 6.83 -1.85
N LEU B 154 -26.10 5.50 -1.86
CA LEU B 154 -25.38 4.70 -0.87
C LEU B 154 -23.87 4.76 -1.10
N MET B 155 -23.45 4.73 -2.36
CA MET B 155 -22.02 4.82 -2.66
C MET B 155 -21.47 6.20 -2.33
N GLN B 156 -22.25 7.25 -2.61
CA GLN B 156 -21.81 8.60 -2.29
C GLN B 156 -21.67 8.79 -0.78
N GLU B 157 -22.64 8.28 -0.01
CA GLU B 157 -22.55 8.39 1.44
C GLU B 157 -21.39 7.57 1.98
N THR B 158 -21.14 6.40 1.39
CA THR B 158 -20.02 5.57 1.81
C THR B 158 -18.70 6.27 1.56
N CYS B 159 -18.56 6.91 0.39
CA CYS B 159 -17.30 7.56 0.06
C CYS B 159 -17.05 8.78 0.95
N ARG B 160 -18.10 9.52 1.30
CA ARG B 160 -17.93 10.66 2.19
C ARG B 160 -17.42 10.21 3.56
N VAL B 161 -18.05 9.18 4.13
CA VAL B 161 -17.60 8.66 5.42
C VAL B 161 -16.19 8.10 5.31
N ALA B 162 -15.88 7.45 4.18
CA ALA B 162 -14.53 6.94 3.97
C ALA B 162 -13.51 8.09 3.94
N ASN B 163 -13.85 9.19 3.27
CA ASN B 163 -12.96 10.35 3.27
C ASN B 163 -12.85 10.97 4.65
N VAL B 164 -13.92 10.94 5.44
CA VAL B 164 -13.86 11.47 6.80
C VAL B 164 -12.92 10.63 7.65
N LEU B 165 -13.04 9.31 7.55
CA LEU B 165 -12.18 8.42 8.35
C LEU B 165 -10.72 8.61 8.00
N LYS B 166 -10.40 8.74 6.70
CA LYS B 166 -9.02 8.96 6.29
C LYS B 166 -8.49 10.28 6.82
N SER B 167 -9.34 11.30 6.92
CA SER B 167 -8.91 12.57 7.52
C SER B 167 -8.63 12.42 9.00
N TYR B 168 -9.19 11.42 9.66
CA TYR B 168 -8.87 11.14 11.06
C TYR B 168 -7.58 10.35 11.22
N GLY B 169 -6.97 9.91 10.11
CA GLY B 169 -5.76 9.11 10.17
C GLY B 169 -5.99 7.62 10.11
N VAL B 170 -7.22 7.16 9.89
CA VAL B 170 -7.51 5.74 9.83
C VAL B 170 -6.78 5.13 8.63
N LYS B 171 -5.91 4.16 8.89
CA LYS B 171 -5.12 3.51 7.85
C LYS B 171 -5.64 2.09 7.62
N LYS B 172 -5.14 1.49 6.55
CA LYS B 172 -5.42 0.08 6.28
C LYS B 172 -4.94 -0.77 7.45
N GLY B 173 -5.83 -1.62 7.96
CA GLY B 173 -5.52 -2.48 9.09
C GLY B 173 -5.99 -1.96 10.43
N ASP B 174 -6.34 -0.68 10.52
CA ASP B 174 -6.85 -0.13 11.77
C ASP B 174 -8.27 -0.61 12.03
N ALA B 175 -8.64 -0.63 13.31
CA ALA B 175 -9.98 -1.02 13.72
C ALA B 175 -10.86 0.22 13.92
N VAL B 176 -12.15 0.06 13.65
CA VAL B 176 -13.13 1.14 13.80
C VAL B 176 -14.37 0.55 14.45
N SER B 177 -14.76 1.09 15.60
CA SER B 177 -15.96 0.63 16.28
C SER B 177 -17.20 1.30 15.69
N ILE B 178 -18.27 0.52 15.58
CA ILE B 178 -19.54 1.00 15.03
C ILE B 178 -20.62 0.67 16.05
N TYR B 179 -21.23 1.71 16.62
CA TYR B 179 -22.33 1.57 17.58
C TYR B 179 -23.57 2.24 16.99
N LEU B 180 -24.11 1.64 15.94
CA LEU B 180 -25.19 2.25 15.17
C LEU B 180 -26.46 1.41 15.23
N PRO B 181 -27.62 2.04 15.31
CA PRO B 181 -28.89 1.32 15.23
C PRO B 181 -29.24 1.03 13.78
N MET B 182 -30.43 0.45 13.58
CA MET B 182 -30.82 -0.05 12.27
C MET B 182 -31.36 1.04 11.35
N THR B 183 -30.60 2.11 11.17
CA THR B 183 -30.85 3.08 10.12
C THR B 183 -29.94 2.77 8.94
N TRP B 184 -30.36 3.24 7.75
CA TRP B 184 -29.70 2.80 6.52
C TRP B 184 -28.24 3.25 6.46
N GLN B 185 -27.86 4.30 7.19
CA GLN B 185 -26.47 4.74 7.18
C GLN B 185 -25.52 3.72 7.80
N ALA B 186 -26.04 2.71 8.51
CA ALA B 186 -25.18 1.69 9.08
C ALA B 186 -24.42 0.93 7.99
N ALA B 187 -25.08 0.65 6.88
CA ALA B 187 -24.40 0.01 5.75
C ALA B 187 -23.30 0.91 5.21
N ALA B 188 -23.54 2.22 5.16
CA ALA B 188 -22.51 3.15 4.72
C ALA B 188 -21.30 3.10 5.64
N ALA B 189 -21.53 3.02 6.95
CA ALA B 189 -20.43 2.95 7.90
C ALA B 189 -19.67 1.64 7.74
N PHE B 190 -20.40 0.53 7.62
CA PHE B 190 -19.77 -0.77 7.36
C PHE B 190 -18.88 -0.71 6.13
N LEU B 191 -19.44 -0.27 5.00
CA LEU B 191 -18.72 -0.33 3.73
C LEU B 191 -17.63 0.74 3.64
N ALA B 192 -17.81 1.88 4.32
CA ALA B 192 -16.75 2.88 4.33
C ALA B 192 -15.49 2.35 5.00
N CYS B 193 -15.65 1.55 6.05
CA CYS B 193 -14.49 0.89 6.66
C CYS B 193 -13.87 -0.11 5.70
N ALA B 194 -14.70 -0.95 5.08
CA ALA B 194 -14.18 -1.93 4.12
C ALA B 194 -13.58 -1.26 2.90
N ARG B 195 -14.02 -0.03 2.58
CA ARG B 195 -13.50 0.65 1.41
C ARG B 195 -12.05 1.08 1.60
N ILE B 196 -11.65 1.44 2.82
CA ILE B 196 -10.28 1.88 3.09
C ILE B 196 -9.45 0.79 3.74
N GLY B 197 -10.01 -0.39 3.94
CA GLY B 197 -9.28 -1.47 4.57
C GLY B 197 -9.29 -1.48 6.08
N ALA B 198 -10.20 -0.74 6.71
CA ALA B 198 -10.30 -0.72 8.16
C ALA B 198 -11.18 -1.86 8.65
N ILE B 199 -10.81 -2.42 9.81
CA ILE B 199 -11.56 -3.51 10.42
C ILE B 199 -12.70 -2.90 11.24
N HIS B 200 -13.93 -3.07 10.78
CA HIS B 200 -15.05 -2.52 11.53
C HIS B 200 -15.53 -3.52 12.57
N SER B 201 -15.89 -3.02 13.75
CA SER B 201 -16.31 -3.84 14.89
C SER B 201 -17.67 -3.32 15.34
N ALA B 202 -18.73 -3.85 14.73
CA ALA B 202 -20.09 -3.41 15.05
C ALA B 202 -20.54 -3.99 16.38
N VAL B 203 -21.32 -3.20 17.13
CA VAL B 203 -21.85 -3.60 18.41
C VAL B 203 -23.33 -3.22 18.44
N PHE B 204 -24.16 -4.16 18.92
CA PHE B 204 -25.60 -3.92 18.99
CA PHE B 204 -25.61 -3.93 19.03
C PHE B 204 -25.90 -2.61 19.71
N ALA B 205 -26.67 -1.75 19.03
CA ALA B 205 -27.11 -0.51 19.66
C ALA B 205 -28.07 -0.84 20.79
N GLY B 206 -27.65 -0.55 22.02
CA GLY B 206 -28.38 -0.94 23.21
C GLY B 206 -27.55 -1.70 24.22
N PHE B 207 -26.39 -2.21 23.81
CA PHE B 207 -25.45 -2.79 24.78
C PHE B 207 -25.04 -1.72 25.79
N SER B 208 -24.88 -2.13 27.04
CA SER B 208 -24.59 -1.19 28.11
C SER B 208 -23.23 -0.53 27.89
N ALA B 209 -22.99 0.53 28.65
CA ALA B 209 -21.72 1.24 28.55
C ALA B 209 -20.53 0.34 28.91
N GLU B 210 -20.74 -0.62 29.81
CA GLU B 210 -19.66 -1.52 30.20
C GLU B 210 -19.31 -2.47 29.05
N SER B 211 -20.33 -3.08 28.43
CA SER B 211 -20.09 -4.02 27.36
C SER B 211 -19.45 -3.34 26.14
N LEU B 212 -19.92 -2.14 25.82
CA LEU B 212 -19.32 -1.39 24.71
C LEU B 212 -17.88 -1.02 25.03
N ARG B 213 -17.59 -0.66 26.28
CA ARG B 213 -16.23 -0.32 26.68
C ARG B 213 -15.26 -1.46 26.43
N ASP B 214 -15.66 -2.68 26.81
CA ASP B 214 -14.79 -3.84 26.65
C ASP B 214 -14.51 -4.14 25.19
N ARG B 215 -15.56 -4.07 24.35
CA ARG B 215 -15.38 -4.34 22.92
C ARG B 215 -14.56 -3.25 22.26
N VAL B 216 -14.74 -1.99 22.69
CA VAL B 216 -13.96 -0.90 22.11
C VAL B 216 -12.50 -1.01 22.52
N ASN B 217 -12.24 -1.36 23.79
CA ASN B 217 -10.86 -1.52 24.23
C ASN B 217 -10.21 -2.76 23.65
N ASP B 218 -10.97 -3.83 23.45
CA ASP B 218 -10.37 -5.08 22.96
C ASP B 218 -9.91 -4.95 21.52
N CYS B 219 -10.70 -4.28 20.67
CA CYS B 219 -10.32 -4.12 19.27
C CYS B 219 -9.33 -2.99 19.05
N GLU B 220 -9.03 -2.20 20.09
CA GLU B 220 -7.99 -1.18 20.05
C GLU B 220 -8.24 -0.13 18.97
N CYS B 221 -9.51 0.18 18.71
CA CYS B 221 -9.85 1.17 17.71
C CYS B 221 -9.55 2.58 18.21
N LYS B 222 -9.29 3.48 17.28
CA LYS B 222 -9.09 4.89 17.58
C LYS B 222 -10.28 5.76 17.19
N VAL B 223 -11.28 5.18 16.52
CA VAL B 223 -12.43 5.91 16.00
C VAL B 223 -13.68 5.11 16.30
N LEU B 224 -14.75 5.81 16.67
CA LEU B 224 -16.06 5.22 16.93
C LEU B 224 -17.13 5.99 16.16
N ILE B 225 -18.07 5.26 15.59
CA ILE B 225 -19.20 5.83 14.85
C ILE B 225 -20.48 5.44 15.56
N THR B 226 -21.34 6.43 15.81
CA THR B 226 -22.59 6.19 16.52
C THR B 226 -23.57 7.28 16.13
N THR B 227 -24.77 7.21 16.72
CA THR B 227 -25.81 8.20 16.53
C THR B 227 -26.03 8.99 17.81
N ASP B 228 -26.75 10.11 17.69
CA ASP B 228 -27.20 10.81 18.88
C ASP B 228 -28.16 9.94 19.69
N GLU B 229 -29.15 9.36 19.01
CA GLU B 229 -30.09 8.43 19.63
C GLU B 229 -30.50 7.40 18.58
N GLY B 230 -31.13 6.33 19.06
CA GLY B 230 -31.71 5.34 18.18
C GLY B 230 -33.21 5.21 18.41
N ARG B 231 -33.93 4.70 17.41
CA ARG B 231 -35.37 4.52 17.51
C ARG B 231 -35.71 3.07 17.20
N ARG B 232 -36.42 2.42 18.13
CA ARG B 232 -36.88 1.06 17.92
C ARG B 232 -38.16 0.84 18.70
N GLY B 233 -39.21 0.39 18.02
CA GLY B 233 -40.48 0.13 18.66
C GLY B 233 -41.11 1.32 19.34
N GLY B 234 -40.80 2.53 18.89
CA GLY B 234 -41.29 3.73 19.54
C GLY B 234 -40.55 4.11 20.80
N LYS B 235 -39.46 3.44 21.13
CA LYS B 235 -38.66 3.75 22.30
C LYS B 235 -37.31 4.31 21.87
N THR B 236 -36.73 5.15 22.73
CA THR B 236 -35.49 5.83 22.45
C THR B 236 -34.31 5.08 23.06
N ILE B 237 -33.24 4.93 22.28
CA ILE B 237 -31.99 4.37 22.74
C ILE B 237 -30.98 5.50 22.85
N ALA B 238 -30.54 5.79 24.07
CA ALA B 238 -29.61 6.90 24.31
C ALA B 238 -28.19 6.46 23.96
N THR B 239 -27.96 6.33 22.66
CA THR B 239 -26.69 5.77 22.18
C THR B 239 -25.52 6.67 22.53
N LYS B 240 -25.65 7.97 22.28
CA LYS B 240 -24.55 8.88 22.59
C LYS B 240 -24.33 8.96 24.09
N GLN B 241 -25.40 8.90 24.89
CA GLN B 241 -25.25 8.89 26.34
C GLN B 241 -24.52 7.64 26.81
N ILE B 242 -24.83 6.49 26.20
CA ILE B 242 -24.11 5.26 26.52
C ILE B 242 -22.68 5.33 26.03
N VAL B 243 -22.47 5.98 24.88
CA VAL B 243 -21.12 6.09 24.32
C VAL B 243 -20.24 6.95 25.21
N ASP B 244 -20.77 8.07 25.72
CA ASP B 244 -19.98 8.95 26.57
C ASP B 244 -19.54 8.24 27.84
N ALA B 245 -20.40 7.38 28.39
CA ALA B 245 -20.04 6.66 29.60
C ALA B 245 -18.97 5.60 29.31
N ALA B 246 -19.06 4.94 28.16
CA ALA B 246 -18.09 3.90 27.82
C ALA B 246 -16.72 4.51 27.51
N LEU B 247 -16.70 5.55 26.67
CA LEU B 247 -15.44 6.13 26.23
C LEU B 247 -14.64 6.74 27.37
N GLN B 248 -15.29 7.00 28.52
CA GLN B 248 -14.57 7.52 29.67
C GLN B 248 -13.43 6.60 30.09
N GLN B 249 -13.48 5.33 29.73
CA GLN B 249 -12.44 4.36 30.05
C GLN B 249 -11.86 3.73 28.79
N CYS B 250 -11.84 4.48 27.68
CA CYS B 250 -11.29 4.02 26.40
C CYS B 250 -10.21 4.99 25.98
N PRO B 251 -8.95 4.72 26.34
CA PRO B 251 -7.87 5.71 26.10
C PRO B 251 -7.45 5.84 24.65
N LEU B 252 -7.87 4.95 23.76
CA LEU B 252 -7.40 4.96 22.39
C LEU B 252 -8.30 5.73 21.44
N VAL B 253 -9.57 5.93 21.78
CA VAL B 253 -10.52 6.56 20.88
C VAL B 253 -10.33 8.08 20.95
N GLU B 254 -9.93 8.67 19.82
CA GLU B 254 -9.71 10.11 19.73
C GLU B 254 -10.72 10.82 18.85
N ASN B 255 -11.46 10.10 18.03
CA ASN B 255 -12.44 10.71 17.12
C ASN B 255 -13.74 9.92 17.19
N VAL B 256 -14.86 10.64 17.28
CA VAL B 256 -16.18 10.04 17.34
C VAL B 256 -17.06 10.74 16.30
N LEU B 257 -17.63 9.96 15.38
CA LEU B 257 -18.53 10.47 14.36
C LEU B 257 -19.96 10.19 14.78
N VAL B 258 -20.75 11.23 14.94
CA VAL B 258 -22.11 11.14 15.47
C VAL B 258 -23.10 11.46 14.37
N LEU B 259 -24.02 10.53 14.10
CA LEU B 259 -25.07 10.74 13.11
C LEU B 259 -26.31 11.29 13.79
N ARG B 260 -26.85 12.37 13.22
CA ARG B 260 -28.04 13.02 13.78
C ARG B 260 -29.27 12.25 13.30
N ARG B 261 -29.68 11.26 14.10
CA ARG B 261 -30.82 10.42 13.76
C ARG B 261 -32.14 10.99 14.26
N THR B 262 -32.18 11.47 15.51
CA THR B 262 -33.40 12.00 16.09
C THR B 262 -33.41 13.52 16.19
N GLY B 263 -32.25 14.16 16.30
CA GLY B 263 -32.19 15.59 16.47
C GLY B 263 -32.36 16.08 17.89
N ASN B 264 -32.56 15.19 18.85
CA ASN B 264 -32.71 15.59 20.24
C ASN B 264 -31.36 16.01 20.81
N LYS B 265 -31.42 16.88 21.82
CA LYS B 265 -30.20 17.44 22.40
C LYS B 265 -29.39 16.35 23.10
N VAL B 266 -28.18 16.10 22.59
CA VAL B 266 -27.26 15.17 23.22
C VAL B 266 -25.94 15.90 23.46
N PRO B 267 -25.16 15.52 24.47
CA PRO B 267 -23.87 16.18 24.68
C PRO B 267 -22.88 15.85 23.59
N MET B 268 -21.96 16.79 23.34
CA MET B 268 -20.90 16.61 22.35
C MET B 268 -19.61 17.15 22.93
N THR B 269 -18.57 16.31 22.94
CA THR B 269 -17.27 16.73 23.45
C THR B 269 -16.53 17.52 22.37
N GLU B 270 -16.05 18.71 22.74
CA GLU B 270 -15.32 19.54 21.80
C GLU B 270 -14.06 18.82 21.33
N GLY B 271 -13.81 18.86 20.02
CA GLY B 271 -12.65 18.21 19.46
C GLY B 271 -12.89 16.75 19.13
N ARG B 272 -13.23 15.95 20.14
CA ARG B 272 -13.37 14.52 19.92
C ARG B 272 -14.62 14.20 19.09
N ASP B 273 -15.73 14.89 19.35
CA ASP B 273 -17.01 14.57 18.74
C ASP B 273 -17.30 15.52 17.59
N LYS B 274 -17.68 14.96 16.44
CA LYS B 274 -18.03 15.72 15.26
C LYS B 274 -19.32 15.15 14.67
N TRP B 275 -20.09 16.01 14.01
CA TRP B 275 -21.36 15.59 13.43
C TRP B 275 -21.15 14.94 12.08
N TRP B 276 -21.84 13.81 11.86
CA TRP B 276 -21.73 13.06 10.62
C TRP B 276 -22.00 13.94 9.40
N ASP B 277 -23.12 14.66 9.40
CA ASP B 277 -23.48 15.48 8.25
C ASP B 277 -22.50 16.61 8.02
N GLU B 278 -22.05 17.26 9.10
CA GLU B 278 -21.12 18.39 8.95
C GLU B 278 -19.75 17.92 8.48
N GLU B 279 -19.33 16.72 8.91
CA GLU B 279 -18.04 16.20 8.45
C GLU B 279 -18.10 15.77 6.99
N CYS B 280 -19.18 15.10 6.59
CA CYS B 280 -19.28 14.62 5.21
C CYS B 280 -19.47 15.76 4.22
N ALA B 281 -20.06 16.87 4.67
CA ALA B 281 -20.29 18.01 3.77
C ALA B 281 -18.97 18.63 3.30
N LYS B 282 -17.88 18.39 4.01
CA LYS B 282 -16.58 18.91 3.62
C LYS B 282 -15.80 17.98 2.69
N MET B 283 -16.29 16.74 2.49
CA MET B 283 -15.57 15.74 1.73
C MET B 283 -16.18 15.52 0.36
N PRO B 284 -15.39 15.11 -0.63
CA PRO B 284 -15.96 14.73 -1.93
C PRO B 284 -16.74 13.43 -1.81
N ALA B 285 -17.65 13.24 -2.77
CA ALA B 285 -18.54 12.09 -2.78
C ALA B 285 -17.94 10.87 -3.45
N TYR B 286 -16.63 10.87 -3.74
CA TYR B 286 -15.94 9.68 -4.20
C TYR B 286 -14.64 9.52 -3.44
N CYS B 287 -14.29 8.26 -3.18
CA CYS B 287 -13.07 7.89 -2.49
C CYS B 287 -12.48 6.65 -3.17
N PRO B 288 -11.16 6.60 -3.36
CA PRO B 288 -10.54 5.40 -3.95
C PRO B 288 -10.70 4.19 -3.05
N CYS B 289 -10.66 3.02 -3.68
CA CYS B 289 -10.76 1.76 -2.95
C CYS B 289 -9.37 1.24 -2.62
N GLU B 290 -9.20 0.79 -1.39
CA GLU B 290 -7.95 0.16 -0.97
C GLU B 290 -7.90 -1.27 -1.52
N ARG B 291 -6.76 -1.63 -2.10
N ARG B 291 -6.76 -1.63 -2.12
CA ARG B 291 -6.60 -2.96 -2.70
CA ARG B 291 -6.58 -2.96 -2.68
C ARG B 291 -6.22 -3.96 -1.60
C ARG B 291 -6.23 -3.91 -1.55
N MET B 292 -7.18 -4.75 -1.17
CA MET B 292 -7.02 -5.67 -0.05
C MET B 292 -6.68 -7.07 -0.52
N ALA B 293 -5.71 -7.69 0.15
CA ALA B 293 -5.48 -9.11 -0.05
C ALA B 293 -6.68 -9.91 0.43
N SER B 294 -6.79 -11.15 -0.06
CA SER B 294 -7.93 -11.98 0.28
C SER B 294 -8.03 -12.24 1.77
N GLU B 295 -6.90 -12.36 2.45
CA GLU B 295 -6.88 -12.74 3.86
C GLU B 295 -6.70 -11.55 4.79
N ASP B 296 -6.72 -10.33 4.28
CA ASP B 296 -6.80 -9.18 5.16
C ASP B 296 -8.11 -9.22 5.93
N PRO B 297 -8.10 -8.96 7.24
CA PRO B 297 -9.34 -9.05 8.02
C PRO B 297 -10.37 -8.03 7.54
N LEU B 298 -11.60 -8.49 7.40
CA LEU B 298 -12.69 -7.60 6.99
C LEU B 298 -13.37 -6.95 8.20
N PHE B 299 -13.65 -7.72 9.25
CA PHE B 299 -14.32 -7.15 10.42
C PHE B 299 -14.12 -8.05 11.62
N ILE B 300 -14.44 -7.50 12.79
CA ILE B 300 -14.50 -8.22 14.06
C ILE B 300 -15.94 -8.16 14.56
N LEU B 301 -16.44 -9.27 15.08
CA LEU B 301 -17.80 -9.32 15.59
C LEU B 301 -17.83 -10.16 16.86
N TYR B 302 -18.29 -9.57 17.96
CA TYR B 302 -18.37 -10.25 19.24
C TYR B 302 -19.71 -10.97 19.34
N THR B 303 -19.67 -12.22 19.81
CA THR B 303 -20.82 -13.10 19.79
C THR B 303 -21.81 -12.72 20.89
N SER B 304 -22.93 -13.46 20.94
CA SER B 304 -24.01 -13.14 21.86
C SER B 304 -23.69 -13.56 23.29
N GLY B 305 -22.69 -14.40 23.50
CA GLY B 305 -22.38 -14.88 24.84
C GLY B 305 -23.47 -15.71 25.45
N SER B 306 -24.14 -16.54 24.63
CA SER B 306 -25.24 -17.36 25.14
C SER B 306 -24.74 -18.40 26.13
N THR B 307 -23.61 -19.03 25.85
CA THR B 307 -23.07 -20.10 26.69
C THR B 307 -21.86 -19.66 27.51
N GLY B 308 -21.49 -18.40 27.46
CA GLY B 308 -20.33 -17.93 28.22
C GLY B 308 -19.85 -16.55 27.81
N LYS B 309 -18.53 -16.35 27.84
CA LYS B 309 -17.97 -15.05 27.46
C LYS B 309 -17.99 -14.89 25.94
N PRO B 310 -18.38 -13.72 25.46
CA PRO B 310 -18.34 -13.45 24.02
C PRO B 310 -16.92 -13.25 23.51
N LYS B 311 -16.70 -13.70 22.28
CA LYS B 311 -15.38 -13.64 21.66
C LYS B 311 -15.44 -12.82 20.38
N GLY B 312 -14.35 -12.09 20.12
CA GLY B 312 -14.24 -11.30 18.92
C GLY B 312 -13.91 -12.14 17.69
N VAL B 313 -14.94 -12.49 16.93
CA VAL B 313 -14.76 -13.36 15.77
C VAL B 313 -14.25 -12.54 14.59
N VAL B 314 -13.16 -12.99 14.00
CA VAL B 314 -12.51 -12.28 12.89
C VAL B 314 -12.82 -13.01 11.59
N HIS B 315 -13.21 -12.25 10.56
CA HIS B 315 -13.48 -12.78 9.24
C HIS B 315 -12.59 -12.08 8.22
N SER B 316 -12.08 -12.86 7.26
CA SER B 316 -11.26 -12.31 6.20
C SER B 316 -12.17 -11.74 5.11
N THR B 317 -11.59 -11.42 3.96
CA THR B 317 -12.32 -10.64 2.97
C THR B 317 -12.90 -11.50 1.84
N ALA B 318 -12.04 -12.10 1.04
CA ALA B 318 -12.51 -12.78 -0.16
C ALA B 318 -13.33 -14.02 0.16
N GLY B 319 -12.89 -14.81 1.14
CA GLY B 319 -13.63 -16.02 1.47
C GLY B 319 -14.98 -15.74 2.08
N TYR B 320 -15.05 -14.78 3.01
CA TYR B 320 -16.34 -14.44 3.61
C TYR B 320 -17.29 -13.82 2.60
N LEU B 321 -16.79 -12.90 1.77
CA LEU B 321 -17.66 -12.24 0.80
C LEU B 321 -18.18 -13.23 -0.23
N LEU B 322 -17.34 -14.17 -0.66
CA LEU B 322 -17.80 -15.20 -1.59
C LEU B 322 -18.83 -16.11 -0.95
N GLY B 323 -18.63 -16.47 0.33
CA GLY B 323 -19.57 -17.35 1.00
C GLY B 323 -20.93 -16.72 1.19
N THR B 324 -20.95 -15.42 1.53
CA THR B 324 -22.24 -14.73 1.70
C THR B 324 -22.95 -14.57 0.36
N ALA B 325 -22.20 -14.34 -0.72
CA ALA B 325 -22.82 -14.14 -2.02
C ALA B 325 -23.41 -15.43 -2.56
N LEU B 326 -22.71 -16.55 -2.38
CA LEU B 326 -23.21 -17.83 -2.88
C LEU B 326 -24.40 -18.31 -2.06
N THR B 327 -24.34 -18.16 -0.73
CA THR B 327 -25.45 -18.61 0.10
C THR B 327 -26.71 -17.78 -0.18
N LEU B 328 -26.57 -16.46 -0.30
CA LEU B 328 -27.74 -15.64 -0.59
C LEU B 328 -28.35 -16.00 -1.94
N LYS B 329 -27.51 -16.23 -2.95
CA LYS B 329 -28.02 -16.53 -4.28
C LYS B 329 -28.72 -17.88 -4.33
N TYR B 330 -28.23 -18.86 -3.57
CA TYR B 330 -28.72 -20.23 -3.69
C TYR B 330 -29.66 -20.65 -2.57
N VAL B 331 -29.42 -20.22 -1.33
CA VAL B 331 -30.31 -20.62 -0.24
C VAL B 331 -31.64 -19.88 -0.33
N PHE B 332 -31.63 -18.65 -0.84
CA PHE B 332 -32.86 -17.86 -1.00
C PHE B 332 -33.27 -17.71 -2.45
N ASP B 333 -32.53 -18.30 -3.39
CA ASP B 333 -32.79 -18.19 -4.83
C ASP B 333 -32.97 -16.73 -5.24
N ALA B 334 -31.91 -15.97 -5.04
CA ALA B 334 -31.93 -14.55 -5.36
C ALA B 334 -31.81 -14.32 -6.85
N HIS B 335 -32.65 -13.43 -7.37
CA HIS B 335 -32.67 -13.05 -8.77
C HIS B 335 -32.55 -11.54 -8.87
N PRO B 336 -32.08 -11.01 -10.01
CA PRO B 336 -31.65 -9.60 -10.06
C PRO B 336 -32.67 -8.59 -9.55
N ASP B 337 -33.95 -8.80 -9.78
CA ASP B 337 -34.98 -7.84 -9.41
C ASP B 337 -35.60 -8.11 -8.05
N ASP B 338 -35.05 -9.06 -7.29
CA ASP B 338 -35.61 -9.39 -5.98
C ASP B 338 -35.44 -8.25 -4.99
N ARG B 339 -36.32 -8.22 -4.01
CA ARG B 339 -36.30 -7.25 -2.92
C ARG B 339 -36.21 -8.04 -1.62
N PHE B 340 -34.98 -8.29 -1.17
CA PHE B 340 -34.71 -9.21 -0.08
C PHE B 340 -34.92 -8.52 1.27
N ALA B 341 -35.69 -9.16 2.15
CA ALA B 341 -36.10 -8.57 3.41
C ALA B 341 -35.60 -9.43 4.58
N CYS B 342 -34.40 -9.13 5.06
CA CYS B 342 -33.89 -9.73 6.28
C CYS B 342 -34.19 -8.79 7.45
N MET B 343 -35.02 -9.26 8.39
CA MET B 343 -35.53 -8.42 9.46
C MET B 343 -34.69 -8.49 10.72
N ALA B 344 -33.39 -8.77 10.60
CA ALA B 344 -32.51 -8.88 11.75
C ALA B 344 -31.82 -7.53 12.00
N ASP B 345 -30.86 -7.51 12.92
CA ASP B 345 -30.12 -6.32 13.27
C ASP B 345 -28.67 -6.46 12.82
N ILE B 346 -28.08 -5.37 12.34
CA ILE B 346 -26.73 -5.41 11.81
C ILE B 346 -25.68 -5.66 12.88
N GLY B 347 -26.03 -5.52 14.16
CA GLY B 347 -25.11 -5.92 15.21
C GLY B 347 -24.91 -7.42 15.34
N TRP B 348 -25.69 -8.20 14.59
CA TRP B 348 -25.56 -9.65 14.62
CA TRP B 348 -25.65 -9.65 14.59
C TRP B 348 -25.06 -10.15 13.27
N ILE B 349 -24.49 -11.35 13.29
CA ILE B 349 -23.86 -11.88 12.08
C ILE B 349 -24.86 -12.06 10.95
N THR B 350 -26.14 -12.28 11.29
CA THR B 350 -27.16 -12.36 10.26
C THR B 350 -27.30 -11.03 9.52
N GLY B 351 -27.18 -9.92 10.24
CA GLY B 351 -27.21 -8.61 9.60
C GLY B 351 -25.97 -8.35 8.76
N HIS B 352 -24.81 -8.80 9.24
CA HIS B 352 -23.58 -8.66 8.47
C HIS B 352 -23.70 -9.35 7.12
N SER B 353 -24.17 -10.59 7.10
CA SER B 353 -24.08 -11.44 5.92
C SER B 353 -25.30 -11.37 5.02
N TYR B 354 -26.49 -11.12 5.58
CA TYR B 354 -27.71 -11.23 4.80
C TYR B 354 -28.56 -9.96 4.84
N ILE B 355 -28.03 -8.86 5.35
CA ILE B 355 -28.57 -7.54 5.11
C ILE B 355 -27.62 -6.71 4.24
N ILE B 356 -26.33 -6.75 4.55
CA ILE B 356 -25.36 -5.88 3.89
C ILE B 356 -24.56 -6.64 2.84
N TYR B 357 -23.65 -7.53 3.29
CA TYR B 357 -22.63 -8.03 2.38
C TYR B 357 -23.20 -8.96 1.33
N GLY B 358 -24.00 -9.93 1.73
CA GLY B 358 -24.60 -10.87 0.80
C GLY B 358 -25.46 -10.22 -0.26
N PRO B 359 -26.53 -9.53 0.16
CA PRO B 359 -27.42 -8.91 -0.83
C PRO B 359 -26.75 -7.85 -1.70
N LEU B 360 -25.91 -6.99 -1.12
CA LEU B 360 -25.33 -5.92 -1.92
C LEU B 360 -24.25 -6.43 -2.86
N ALA B 361 -23.60 -7.55 -2.53
CA ALA B 361 -22.63 -8.13 -3.44
C ALA B 361 -23.31 -8.67 -4.70
N ASN B 362 -24.48 -9.27 -4.54
CA ASN B 362 -25.26 -9.76 -5.68
C ASN B 362 -25.98 -8.64 -6.43
N GLY B 363 -25.89 -7.41 -5.95
CA GLY B 363 -26.45 -6.28 -6.68
C GLY B 363 -27.95 -6.18 -6.67
N ILE B 364 -28.60 -6.67 -5.61
CA ILE B 364 -30.06 -6.60 -5.53
C ILE B 364 -30.44 -5.60 -4.44
N THR B 365 -31.74 -5.49 -4.17
CA THR B 365 -32.25 -4.61 -3.13
C THR B 365 -32.39 -5.36 -1.82
N THR B 366 -31.98 -4.71 -0.73
CA THR B 366 -32.03 -5.31 0.60
C THR B 366 -32.78 -4.38 1.55
N ALA B 367 -33.38 -4.98 2.58
CA ALA B 367 -34.20 -4.23 3.53
C ALA B 367 -33.42 -3.95 4.80
N VAL B 368 -33.45 -2.72 5.26
CA VAL B 368 -32.93 -2.32 6.57
C VAL B 368 -34.14 -1.97 7.42
N PHE B 369 -34.54 -2.92 8.28
CA PHE B 369 -35.75 -2.78 9.09
C PHE B 369 -35.35 -2.21 10.45
N GLU B 370 -35.95 -1.08 10.83
CA GLU B 370 -35.56 -0.35 12.01
C GLU B 370 -36.41 -0.64 13.24
N SER B 371 -37.63 -1.14 13.05
CA SER B 371 -38.59 -1.26 14.13
C SER B 371 -38.58 -2.68 14.71
N THR B 372 -39.62 -3.02 15.46
CA THR B 372 -39.86 -4.35 15.99
C THR B 372 -41.00 -5.02 15.22
N PRO B 373 -41.14 -6.34 15.33
CA PRO B 373 -42.25 -7.01 14.64
C PRO B 373 -43.64 -6.58 15.10
N VAL B 374 -43.76 -5.91 16.25
CA VAL B 374 -45.06 -5.59 16.82
C VAL B 374 -45.30 -4.09 16.92
N TYR B 375 -44.41 -3.27 16.36
CA TYR B 375 -44.63 -1.83 16.41
C TYR B 375 -45.03 -1.31 15.03
N PRO B 376 -46.10 -0.53 14.93
CA PRO B 376 -47.00 -0.20 16.05
C PRO B 376 -47.96 -1.33 16.38
N THR B 377 -48.23 -2.22 15.41
CA THR B 377 -49.08 -3.37 15.62
C THR B 377 -48.36 -4.62 15.11
N PRO B 378 -48.80 -5.81 15.52
CA PRO B 378 -48.15 -7.03 15.03
C PRO B 378 -48.30 -7.27 13.51
N SER B 379 -49.04 -6.43 12.80
CA SER B 379 -49.15 -6.54 11.34
C SER B 379 -47.97 -5.90 10.61
N ARG B 380 -46.95 -5.46 11.34
CA ARG B 380 -45.89 -4.65 10.74
C ARG B 380 -45.11 -5.43 9.69
N TYR B 381 -44.71 -6.66 10.01
CA TYR B 381 -44.06 -7.52 9.02
C TYR B 381 -44.88 -7.64 7.75
N TRP B 382 -46.20 -7.78 7.90
CA TRP B 382 -47.06 -8.07 6.75
C TRP B 382 -47.48 -6.81 6.02
N ASP B 383 -47.64 -5.70 6.74
CA ASP B 383 -47.78 -4.40 6.08
C ASP B 383 -46.52 -4.08 5.28
N PHE B 384 -45.35 -4.43 5.82
CA PHE B 384 -44.09 -4.17 5.14
C PHE B 384 -43.94 -5.00 3.89
N VAL B 385 -44.35 -6.27 3.94
CA VAL B 385 -44.19 -7.16 2.78
C VAL B 385 -45.03 -6.67 1.62
N ASP B 386 -46.29 -6.30 1.88
CA ASP B 386 -47.18 -5.88 0.80
C ASP B 386 -46.89 -4.45 0.34
N LYS B 387 -46.33 -3.60 1.21
CA LYS B 387 -46.03 -2.24 0.80
C LYS B 387 -44.90 -2.21 -0.21
N TRP B 388 -43.86 -3.02 0.00
CA TRP B 388 -42.68 -3.02 -0.85
C TRP B 388 -42.64 -4.21 -1.80
N LYS B 389 -43.59 -5.13 -1.70
CA LYS B 389 -43.63 -6.34 -2.52
C LYS B 389 -42.33 -7.14 -2.37
N ALA B 390 -41.98 -7.43 -1.12
CA ALA B 390 -40.77 -8.20 -0.85
C ALA B 390 -40.91 -9.62 -1.39
N THR B 391 -39.79 -10.15 -1.89
CA THR B 391 -39.78 -11.48 -2.48
C THR B 391 -39.28 -12.57 -1.53
N GLN B 392 -38.46 -12.20 -0.54
CA GLN B 392 -38.01 -13.14 0.48
C GLN B 392 -38.09 -12.47 1.84
N LEU B 393 -38.32 -13.28 2.87
CA LEU B 393 -38.35 -12.81 4.25
C LEU B 393 -37.45 -13.69 5.09
N TYR B 394 -36.63 -13.05 5.94
CA TYR B 394 -35.64 -13.73 6.75
C TYR B 394 -35.75 -13.21 8.18
N THR B 395 -36.07 -14.11 9.12
CA THR B 395 -36.28 -13.70 10.50
C THR B 395 -35.86 -14.84 11.42
N ALA B 396 -36.17 -14.69 12.72
CA ALA B 396 -35.79 -15.60 13.77
C ALA B 396 -37.01 -16.29 14.38
N PRO B 397 -36.83 -17.48 14.97
CA PRO B 397 -37.98 -18.13 15.64
C PRO B 397 -38.56 -17.32 16.78
N THR B 398 -37.73 -16.55 17.49
CA THR B 398 -38.24 -15.74 18.59
C THR B 398 -39.22 -14.68 18.09
N ALA B 399 -39.06 -14.23 16.85
CA ALA B 399 -40.03 -13.31 16.26
C ALA B 399 -41.24 -14.07 15.70
N ILE B 400 -41.01 -15.26 15.14
CA ILE B 400 -42.11 -16.06 14.62
C ILE B 400 -43.02 -16.53 15.75
N ARG B 401 -42.42 -16.99 16.86
CA ARG B 401 -43.24 -17.41 18.00
C ARG B 401 -43.90 -16.21 18.68
N LEU B 402 -43.30 -15.03 18.59
CA LEU B 402 -43.91 -13.84 19.15
C LEU B 402 -45.19 -13.48 18.41
N LEU B 403 -45.15 -13.49 17.08
CA LEU B 403 -46.33 -13.13 16.30
C LEU B 403 -47.40 -14.22 16.39
N ARG B 404 -46.98 -15.49 16.48
CA ARG B 404 -47.94 -16.57 16.67
C ARG B 404 -48.73 -16.36 17.96
N ARG B 405 -48.08 -15.84 19.00
CA ARG B 405 -48.77 -15.56 20.25
C ARG B 405 -49.78 -14.43 20.11
N MET B 406 -49.49 -13.45 19.25
CA MET B 406 -50.31 -12.25 19.18
C MET B 406 -51.65 -12.48 18.47
N GLY B 407 -51.76 -13.54 17.66
CA GLY B 407 -53.02 -13.83 17.02
C GLY B 407 -52.95 -13.84 15.50
N GLU B 408 -53.96 -14.44 14.86
CA GLU B 408 -53.98 -14.58 13.42
C GLU B 408 -54.66 -13.42 12.71
N ASP B 409 -55.27 -12.48 13.45
CA ASP B 409 -55.96 -11.37 12.81
C ASP B 409 -55.01 -10.45 12.07
N HIS B 410 -53.77 -10.33 12.55
CA HIS B 410 -52.80 -9.42 11.95
C HIS B 410 -52.15 -9.98 10.70
N VAL B 411 -52.44 -11.21 10.31
CA VAL B 411 -51.78 -11.85 9.18
C VAL B 411 -52.80 -12.28 8.13
N LYS B 412 -54.04 -12.56 8.59
CA LYS B 412 -55.03 -13.18 7.72
C LYS B 412 -55.34 -12.32 6.50
N ASN B 413 -55.83 -11.10 6.73
CA ASN B 413 -56.27 -10.23 5.64
C ASN B 413 -55.09 -9.46 5.04
N HIS B 414 -54.15 -10.23 4.50
CA HIS B 414 -53.00 -9.69 3.77
C HIS B 414 -52.79 -10.49 2.49
N ASP B 415 -52.01 -9.91 1.58
CA ASP B 415 -51.70 -10.56 0.30
C ASP B 415 -50.50 -11.48 0.46
N LEU B 416 -49.30 -10.89 0.58
CA LEU B 416 -48.06 -11.62 0.84
C LEU B 416 -47.68 -12.56 -0.31
N SER B 417 -48.27 -12.38 -1.49
CA SER B 417 -47.99 -13.27 -2.61
C SER B 417 -46.68 -12.96 -3.31
N SER B 418 -46.13 -11.75 -3.12
CA SER B 418 -44.84 -11.44 -3.73
C SER B 418 -43.72 -12.28 -3.15
N LEU B 419 -43.91 -12.86 -1.97
CA LEU B 419 -42.90 -13.70 -1.36
C LEU B 419 -42.79 -15.04 -2.08
N ARG B 420 -41.60 -15.64 -2.00
CA ARG B 420 -41.37 -16.96 -2.57
C ARG B 420 -40.67 -17.85 -1.54
N VAL B 421 -39.83 -17.25 -0.70
CA VAL B 421 -39.04 -18.00 0.27
C VAL B 421 -39.10 -17.28 1.61
N LEU B 422 -39.40 -18.02 2.67
CA LEU B 422 -39.37 -17.52 4.03
C LEU B 422 -38.24 -18.21 4.79
N GLY B 423 -37.46 -17.43 5.53
CA GLY B 423 -36.31 -17.98 6.21
C GLY B 423 -36.40 -17.94 7.73
N SER B 424 -35.58 -18.76 8.39
CA SER B 424 -35.55 -18.83 9.85
C SER B 424 -34.12 -19.06 10.30
N VAL B 425 -33.68 -18.29 11.30
CA VAL B 425 -32.29 -18.33 11.76
C VAL B 425 -32.25 -17.91 13.23
N GLY B 426 -31.41 -18.58 14.01
CA GLY B 426 -31.20 -18.18 15.39
C GLY B 426 -31.29 -19.31 16.39
N GLU B 427 -32.27 -20.19 16.18
CA GLU B 427 -32.52 -21.30 17.10
C GLU B 427 -33.27 -22.37 16.33
N PRO B 428 -33.37 -23.58 16.87
CA PRO B 428 -34.25 -24.59 16.25
C PRO B 428 -35.67 -24.08 16.22
N ILE B 429 -36.28 -24.10 15.04
CA ILE B 429 -37.66 -23.65 14.88
C ILE B 429 -38.58 -24.83 15.17
N ASN B 430 -39.47 -24.66 16.14
CA ASN B 430 -40.35 -25.75 16.53
C ASN B 430 -41.34 -26.04 15.41
N PRO B 431 -41.67 -27.31 15.18
CA PRO B 431 -42.67 -27.63 14.14
C PRO B 431 -43.99 -26.90 14.33
N GLU B 432 -44.38 -26.64 15.58
CA GLU B 432 -45.59 -25.86 15.83
C GLU B 432 -45.45 -24.45 15.28
N ALA B 433 -44.29 -23.81 15.50
CA ALA B 433 -44.05 -22.49 14.94
C ALA B 433 -43.71 -22.56 13.46
N TRP B 434 -43.09 -23.66 13.02
CA TRP B 434 -42.82 -23.84 11.60
C TRP B 434 -44.10 -23.84 10.79
N HIS B 435 -45.14 -24.53 11.29
CA HIS B 435 -46.40 -24.59 10.56
C HIS B 435 -47.09 -23.24 10.54
N TRP B 436 -47.06 -22.51 11.66
CA TRP B 436 -47.61 -21.15 11.68
C TRP B 436 -46.91 -20.28 10.64
N TYR B 437 -45.61 -20.47 10.49
CA TYR B 437 -44.85 -19.72 9.48
C TYR B 437 -45.39 -19.98 8.08
N ASN B 438 -45.60 -21.26 7.75
CA ASN B 438 -45.95 -21.63 6.38
C ASN B 438 -47.43 -21.43 6.10
N ASP B 439 -48.30 -21.50 7.11
CA ASP B 439 -49.73 -21.39 6.87
C ASP B 439 -50.18 -19.95 6.66
N PHE B 440 -49.68 -19.02 7.46
CA PHE B 440 -50.14 -17.64 7.45
C PHE B 440 -49.23 -16.71 6.67
N ALA B 441 -47.91 -16.79 6.89
CA ALA B 441 -47.00 -15.91 6.17
C ALA B 441 -46.82 -16.35 4.72
N GLY B 442 -46.65 -17.65 4.49
CA GLY B 442 -46.49 -18.17 3.14
C GLY B 442 -47.76 -18.60 2.46
N LYS B 443 -48.86 -18.76 3.21
CA LYS B 443 -50.13 -19.23 2.69
C LYS B 443 -49.95 -20.56 1.95
N ASN B 444 -49.06 -21.40 2.46
CA ASN B 444 -48.75 -22.71 1.88
C ASN B 444 -48.30 -22.61 0.43
N GLN B 445 -47.63 -21.49 0.09
CA GLN B 445 -47.11 -21.29 -1.25
C GLN B 445 -45.65 -20.86 -1.27
N CYS B 446 -45.03 -20.63 -0.12
CA CYS B 446 -43.61 -20.29 -0.04
C CYS B 446 -42.82 -21.49 0.47
N ALA B 447 -41.56 -21.56 0.06
CA ALA B 447 -40.65 -22.54 0.64
C ALA B 447 -40.08 -22.00 1.94
N ILE B 448 -39.92 -22.89 2.91
CA ILE B 448 -39.43 -22.54 4.24
C ILE B 448 -38.02 -23.08 4.37
N VAL B 449 -37.05 -22.17 4.51
CA VAL B 449 -35.63 -22.52 4.60
C VAL B 449 -35.19 -22.33 6.05
N ASP B 450 -34.97 -23.44 6.75
CA ASP B 450 -34.38 -23.42 8.08
C ASP B 450 -32.87 -23.37 7.93
N THR B 451 -32.28 -22.20 8.15
CA THR B 451 -30.87 -21.96 7.88
C THR B 451 -30.09 -22.09 9.18
N TYR B 452 -29.27 -23.12 9.26
CA TYR B 452 -28.40 -23.34 10.42
C TYR B 452 -26.99 -22.84 10.11
N TRP B 453 -26.46 -22.02 11.01
CA TRP B 453 -25.08 -21.54 10.95
C TRP B 453 -24.81 -20.76 12.22
N MET B 454 -23.58 -20.25 12.33
CA MET B 454 -23.16 -19.46 13.49
C MET B 454 -22.24 -18.34 13.03
N THR B 455 -21.89 -17.46 13.97
CA THR B 455 -21.00 -16.35 13.66
C THR B 455 -19.66 -16.85 13.11
N GLU B 456 -19.18 -17.98 13.64
CA GLU B 456 -17.88 -18.50 13.22
C GLU B 456 -17.91 -19.08 11.81
N THR B 457 -19.08 -19.47 11.30
CA THR B 457 -19.16 -20.03 9.96
C THR B 457 -19.21 -18.96 8.87
N GLY B 458 -19.57 -17.74 9.21
CA GLY B 458 -19.64 -16.66 8.23
C GLY B 458 -20.89 -16.64 7.37
N SER B 459 -21.27 -17.78 6.82
CA SER B 459 -22.47 -17.89 5.99
C SER B 459 -23.21 -19.16 6.36
N ILE B 460 -24.35 -19.37 5.70
CA ILE B 460 -25.25 -20.47 6.06
C ILE B 460 -24.57 -21.81 5.77
N SER B 461 -24.67 -22.73 6.72
CA SER B 461 -24.01 -24.02 6.65
C SER B 461 -24.93 -25.14 6.19
N ILE B 462 -26.09 -25.30 6.84
CA ILE B 462 -27.05 -26.34 6.50
C ILE B 462 -28.39 -25.67 6.25
N ALA B 463 -28.95 -25.86 5.06
CA ALA B 463 -30.22 -25.26 4.69
C ALA B 463 -30.78 -25.91 3.44
N PRO B 464 -32.11 -25.97 3.28
CA PRO B 464 -32.68 -26.49 2.04
C PRO B 464 -32.60 -25.45 0.93
N LEU B 465 -32.11 -25.86 -0.23
CA LEU B 465 -32.21 -25.01 -1.40
C LEU B 465 -33.67 -24.97 -1.82
N PRO B 466 -34.30 -23.79 -1.90
CA PRO B 466 -35.78 -23.75 -1.93
C PRO B 466 -36.39 -24.37 -3.17
N GLY B 467 -35.71 -24.33 -4.30
CA GLY B 467 -36.24 -24.89 -5.52
C GLY B 467 -35.97 -26.36 -5.75
N ALA B 468 -35.27 -27.02 -4.83
CA ALA B 468 -34.86 -28.40 -5.04
C ALA B 468 -35.12 -29.34 -3.87
N ILE B 469 -35.23 -28.84 -2.64
CA ILE B 469 -35.30 -29.69 -1.46
C ILE B 469 -36.72 -29.65 -0.89
N SER B 470 -37.26 -30.83 -0.60
CA SER B 470 -38.52 -30.95 0.11
C SER B 470 -38.24 -30.94 1.61
N THR B 471 -39.01 -30.15 2.35
CA THR B 471 -38.69 -29.83 3.73
C THR B 471 -39.51 -30.66 4.72
N LYS B 472 -38.94 -30.84 5.91
CA LYS B 472 -39.57 -31.37 7.10
C LYS B 472 -39.54 -30.31 8.20
N PRO B 473 -40.66 -30.09 8.89
CA PRO B 473 -40.71 -29.04 9.93
C PRO B 473 -39.68 -29.29 11.02
N GLY B 474 -38.78 -28.33 11.20
CA GLY B 474 -37.75 -28.40 12.21
C GLY B 474 -36.39 -28.86 11.72
N SER B 475 -36.32 -29.40 10.50
CA SER B 475 -35.06 -29.91 9.97
C SER B 475 -34.35 -28.85 9.13
N ALA B 476 -33.03 -28.78 9.29
CA ALA B 476 -32.20 -27.94 8.44
C ALA B 476 -31.87 -28.60 7.11
N THR B 477 -32.34 -29.83 6.90
CA THR B 477 -32.19 -30.59 5.66
C THR B 477 -30.71 -30.80 5.40
N PHE B 478 -30.15 -30.32 4.29
CA PHE B 478 -28.85 -30.75 3.80
C PHE B 478 -27.84 -29.61 3.82
N PRO B 479 -26.55 -29.92 3.89
CA PRO B 479 -25.54 -28.85 4.00
C PRO B 479 -25.35 -28.11 2.68
N PHE B 480 -24.81 -26.90 2.80
CA PHE B 480 -24.56 -26.04 1.65
C PHE B 480 -23.24 -26.43 0.97
N PHE B 481 -23.02 -25.86 -0.21
CA PHE B 481 -21.80 -26.08 -0.96
C PHE B 481 -20.57 -25.80 -0.11
N GLY B 482 -19.54 -26.64 -0.28
CA GLY B 482 -18.31 -26.50 0.46
C GLY B 482 -18.37 -26.97 1.90
N MET B 483 -19.54 -27.39 2.38
CA MET B 483 -19.71 -27.84 3.76
C MET B 483 -19.81 -29.36 3.78
N ASP B 484 -18.83 -30.01 4.39
CA ASP B 484 -18.81 -31.47 4.55
C ASP B 484 -18.94 -31.76 6.04
N VAL B 485 -20.16 -32.09 6.48
CA VAL B 485 -20.45 -32.28 7.88
C VAL B 485 -20.62 -33.78 8.16
N ASP B 486 -20.40 -34.15 9.41
CA ASP B 486 -20.53 -35.53 9.85
C ASP B 486 -20.90 -35.54 11.33
N ILE B 487 -21.33 -36.71 11.81
CA ILE B 487 -21.78 -36.90 13.17
C ILE B 487 -20.75 -37.74 13.92
N ILE B 488 -20.34 -37.26 15.09
CA ILE B 488 -19.33 -37.92 15.91
C ILE B 488 -19.95 -38.27 17.26
N ASP B 489 -19.82 -39.53 17.65
CA ASP B 489 -20.20 -39.94 19.00
C ASP B 489 -19.27 -39.25 19.99
N PRO B 490 -19.79 -38.43 20.91
CA PRO B 490 -18.89 -37.75 21.85
C PRO B 490 -18.20 -38.69 22.82
N GLN B 491 -18.81 -39.84 23.13
CA GLN B 491 -18.21 -40.77 24.07
C GLN B 491 -17.00 -41.46 23.47
N THR B 492 -16.97 -41.62 22.15
CA THR B 492 -15.87 -42.31 21.48
C THR B 492 -15.00 -41.39 20.62
N GLY B 493 -15.50 -40.22 20.23
CA GLY B 493 -14.74 -39.36 19.37
C GLY B 493 -14.67 -39.80 17.91
N GLN B 494 -15.36 -40.88 17.57
CA GLN B 494 -15.37 -41.42 16.21
C GLN B 494 -16.58 -40.90 15.44
N VAL B 495 -16.45 -40.92 14.12
CA VAL B 495 -17.50 -40.47 13.22
C VAL B 495 -18.49 -41.59 12.98
N LEU B 496 -19.79 -41.27 13.04
CA LEU B 496 -20.86 -42.24 12.86
C LEU B 496 -21.27 -42.24 11.39
N GLU B 497 -20.72 -43.19 10.62
CA GLU B 497 -21.04 -43.30 9.20
C GLU B 497 -22.40 -43.95 9.02
N GLY B 498 -23.22 -43.36 8.16
CA GLY B 498 -24.54 -43.91 7.86
C GLY B 498 -25.68 -42.96 8.19
N ASN B 499 -26.87 -43.52 8.37
CA ASN B 499 -28.07 -42.76 8.69
C ASN B 499 -28.63 -43.25 10.03
N ASP B 500 -29.69 -42.56 10.49
CA ASP B 500 -30.34 -42.86 11.77
C ASP B 500 -29.34 -42.78 12.92
N VAL B 501 -28.44 -41.80 12.86
CA VAL B 501 -27.39 -41.63 13.85
C VAL B 501 -27.55 -40.28 14.53
N GLU B 502 -27.05 -40.19 15.76
CA GLU B 502 -27.15 -38.99 16.57
C GLU B 502 -25.85 -38.77 17.31
N GLY B 503 -25.47 -37.51 17.47
CA GLY B 503 -24.25 -37.17 18.17
C GLY B 503 -23.96 -35.68 18.17
N VAL B 504 -22.70 -35.30 17.95
CA VAL B 504 -22.29 -33.90 17.87
C VAL B 504 -21.93 -33.60 16.42
N LEU B 505 -22.24 -32.39 15.98
CA LEU B 505 -22.02 -31.98 14.60
C LEU B 505 -20.62 -31.42 14.44
N VAL B 506 -19.91 -31.89 13.42
CA VAL B 506 -18.57 -31.42 13.09
C VAL B 506 -18.50 -31.13 11.60
N ALA B 507 -17.42 -30.47 11.19
CA ALA B 507 -17.12 -30.20 9.79
C ALA B 507 -15.79 -30.84 9.45
N ARG B 508 -15.69 -31.41 8.25
CA ARG B 508 -14.53 -32.21 7.92
C ARG B 508 -13.36 -31.37 7.43
N ARG B 509 -13.63 -30.36 6.59
CA ARG B 509 -12.59 -29.58 5.94
C ARG B 509 -12.99 -28.12 5.93
N PRO B 510 -12.03 -27.20 5.79
CA PRO B 510 -12.37 -25.78 5.80
C PRO B 510 -13.27 -25.38 4.64
N TRP B 511 -13.96 -24.26 4.85
CA TRP B 511 -14.82 -23.63 3.85
C TRP B 511 -14.45 -22.16 3.77
N PRO B 512 -14.74 -21.51 2.64
CA PRO B 512 -14.20 -20.14 2.43
C PRO B 512 -14.60 -19.12 3.47
N SER B 513 -15.80 -19.20 4.03
CA SER B 513 -16.30 -18.16 4.92
C SER B 513 -16.02 -18.44 6.39
N ILE B 514 -15.17 -19.42 6.71
CA ILE B 514 -14.92 -19.76 8.10
C ILE B 514 -14.16 -18.63 8.80
N ALA B 515 -14.42 -18.46 10.09
CA ALA B 515 -13.68 -17.49 10.88
C ALA B 515 -12.21 -17.88 10.93
N ARG B 516 -11.35 -16.88 10.78
CA ARG B 516 -9.92 -17.13 10.70
C ARG B 516 -9.24 -17.16 12.07
N THR B 517 -9.78 -16.43 13.06
CA THR B 517 -9.21 -16.42 14.40
C THR B 517 -10.21 -15.74 15.34
N VAL B 518 -9.88 -15.78 16.63
CA VAL B 518 -10.51 -14.95 17.64
C VAL B 518 -9.54 -13.83 17.97
N TYR B 519 -10.01 -12.59 17.94
CA TYR B 519 -9.12 -11.43 17.90
C TYR B 519 -8.21 -11.40 19.13
N ARG B 520 -6.90 -11.38 18.87
CA ARG B 520 -5.86 -11.34 19.90
C ARG B 520 -5.96 -12.50 20.88
N ASP B 521 -6.60 -13.59 20.46
CA ASP B 521 -6.78 -14.76 21.33
C ASP B 521 -6.93 -16.00 20.45
N HIS B 522 -5.89 -16.26 19.64
CA HIS B 522 -5.94 -17.40 18.73
C HIS B 522 -5.98 -18.72 19.49
N LYS B 523 -5.43 -18.75 20.71
CA LYS B 523 -5.47 -19.97 21.50
C LYS B 523 -6.91 -20.34 21.87
N ARG B 524 -7.72 -19.35 22.26
CA ARG B 524 -9.13 -19.60 22.49
C ARG B 524 -9.83 -20.07 21.22
N TYR B 525 -9.39 -19.58 20.07
CA TYR B 525 -9.93 -20.04 18.79
C TYR B 525 -9.61 -21.51 18.57
N LEU B 526 -8.36 -21.91 18.80
CA LEU B 526 -7.99 -23.31 18.61
C LEU B 526 -8.64 -24.20 19.66
N GLU B 527 -8.63 -23.78 20.93
CA GLU B 527 -9.14 -24.63 22.00
C GLU B 527 -10.65 -24.82 21.92
N THR B 528 -11.37 -23.87 21.34
CA THR B 528 -12.83 -23.96 21.30
C THR B 528 -13.32 -24.82 20.14
N TYR B 529 -12.77 -24.58 18.94
CA TYR B 529 -13.32 -25.17 17.73
C TYR B 529 -12.49 -26.30 17.13
N MET B 530 -11.18 -26.32 17.38
CA MET B 530 -10.29 -27.26 16.71
C MET B 530 -9.81 -28.40 17.60
N LYS B 531 -9.50 -28.13 18.86
CA LYS B 531 -8.97 -29.12 19.79
C LYS B 531 -9.99 -30.19 20.21
N PRO B 532 -11.28 -29.85 20.47
CA PRO B 532 -12.19 -30.89 21.00
C PRO B 532 -12.26 -32.17 20.18
N TYR B 533 -12.28 -32.07 18.85
CA TYR B 533 -12.24 -33.23 17.97
C TYR B 533 -11.22 -32.92 16.88
N PRO B 534 -9.96 -33.34 17.07
CA PRO B 534 -8.89 -32.92 16.16
C PRO B 534 -9.17 -33.35 14.72
N GLY B 535 -8.68 -32.53 13.79
CA GLY B 535 -8.95 -32.74 12.38
C GLY B 535 -10.32 -32.27 11.92
N TYR B 536 -11.19 -31.88 12.84
CA TYR B 536 -12.54 -31.43 12.53
C TYR B 536 -12.78 -30.04 13.13
N PHE B 537 -13.85 -29.41 12.66
CA PHE B 537 -14.36 -28.18 13.26
C PHE B 537 -15.55 -28.53 14.12
N PHE B 538 -15.52 -28.11 15.39
CA PHE B 538 -16.55 -28.45 16.36
C PHE B 538 -17.53 -27.28 16.47
N PHE B 539 -18.77 -27.50 16.02
CA PHE B 539 -19.77 -26.44 16.05
C PHE B 539 -20.20 -26.13 17.48
N GLY B 540 -20.31 -27.15 18.33
CA GLY B 540 -20.82 -26.99 19.67
C GLY B 540 -22.29 -27.33 19.83
N ASP B 541 -22.94 -27.83 18.78
CA ASP B 541 -24.34 -28.20 18.81
C ASP B 541 -24.49 -29.71 18.63
N GLY B 542 -25.55 -30.26 19.23
CA GLY B 542 -25.92 -31.62 18.92
C GLY B 542 -26.66 -31.71 17.60
N ALA B 543 -26.55 -32.86 16.95
CA ALA B 543 -27.17 -33.04 15.65
C ALA B 543 -27.53 -34.50 15.44
N ALA B 544 -28.50 -34.71 14.55
CA ALA B 544 -28.96 -36.05 14.21
C ALA B 544 -29.23 -36.12 12.72
N ARG B 545 -28.90 -37.26 12.12
CA ARG B 545 -29.13 -37.51 10.70
C ARG B 545 -30.16 -38.63 10.59
N ASP B 546 -31.38 -38.28 10.16
CA ASP B 546 -32.45 -39.26 10.16
C ASP B 546 -32.26 -40.27 9.03
N TYR B 547 -33.25 -41.16 8.89
CA TYR B 547 -33.14 -42.25 7.92
C TYR B 547 -33.10 -41.76 6.47
N ASP B 548 -33.62 -40.57 6.20
CA ASP B 548 -33.59 -40.01 4.85
C ASP B 548 -32.32 -39.20 4.58
N GLY B 549 -31.46 -39.04 5.57
CA GLY B 549 -30.28 -38.20 5.44
C GLY B 549 -30.50 -36.75 5.83
N TYR B 550 -31.68 -36.40 6.33
CA TYR B 550 -31.95 -35.03 6.76
C TYR B 550 -31.23 -34.75 8.08
N MET B 551 -30.55 -33.61 8.15
CA MET B 551 -29.88 -33.20 9.37
CA MET B 551 -29.88 -33.20 9.37
C MET B 551 -30.86 -32.51 10.31
N TRP B 552 -30.76 -32.86 11.60
CA TRP B 552 -31.63 -32.28 12.62
C TRP B 552 -30.74 -31.71 13.73
N ILE B 553 -30.72 -30.39 13.84
CA ILE B 553 -29.98 -29.72 14.92
C ILE B 553 -30.86 -29.72 16.17
N LYS B 554 -30.39 -30.39 17.22
CA LYS B 554 -31.21 -30.67 18.39
C LYS B 554 -30.95 -29.72 19.55
N GLY B 555 -29.97 -28.82 19.43
CA GLY B 555 -29.65 -27.87 20.48
C GLY B 555 -28.19 -27.90 20.84
N ARG B 556 -27.85 -27.10 21.85
CA ARG B 556 -26.46 -26.94 22.26
C ARG B 556 -26.03 -28.10 23.16
N VAL B 557 -24.75 -28.47 23.05
CA VAL B 557 -24.22 -29.58 23.84
C VAL B 557 -24.24 -29.24 25.32
N ASP B 558 -24.00 -27.98 25.66
CA ASP B 558 -24.00 -27.58 27.06
C ASP B 558 -25.38 -27.73 27.69
N ASP B 559 -26.44 -27.64 26.88
CA ASP B 559 -27.81 -27.68 27.37
C ASP B 559 -28.37 -29.09 27.49
N VAL B 560 -27.63 -30.10 27.04
CA VAL B 560 -28.12 -31.47 27.10
C VAL B 560 -28.24 -31.92 28.55
N ILE B 561 -29.35 -32.59 28.86
CA ILE B 561 -29.61 -33.13 30.19
C ILE B 561 -29.54 -34.65 30.11
N ASN B 562 -28.79 -35.26 31.02
CA ASN B 562 -28.60 -36.71 31.04
C ASN B 562 -29.38 -37.29 32.22
N VAL B 563 -30.58 -37.78 31.95
CA VAL B 563 -31.46 -38.35 32.97
C VAL B 563 -31.35 -39.87 32.88
N SER B 564 -30.62 -40.48 33.80
CA SER B 564 -30.50 -41.93 33.91
C SER B 564 -29.97 -42.55 32.61
N GLY B 565 -28.95 -41.90 32.04
CA GLY B 565 -28.34 -42.35 30.82
C GLY B 565 -28.97 -41.79 29.55
N HIS B 566 -30.27 -41.50 29.58
CA HIS B 566 -30.94 -40.96 28.41
C HIS B 566 -30.48 -39.51 28.18
N ARG B 567 -29.81 -39.28 27.05
CA ARG B 567 -29.40 -37.93 26.68
C ARG B 567 -30.61 -37.19 26.12
N LEU B 568 -30.95 -36.06 26.73
CA LEU B 568 -32.10 -35.25 26.31
C LEU B 568 -31.63 -33.94 25.72
N SER B 569 -32.13 -33.61 24.53
CA SER B 569 -31.86 -32.33 23.90
C SER B 569 -32.98 -31.35 24.22
N THR B 570 -32.67 -30.06 24.09
CA THR B 570 -33.64 -29.02 24.44
C THR B 570 -34.74 -28.89 23.39
N ALA B 571 -34.40 -29.07 22.11
CA ALA B 571 -35.40 -28.91 21.06
C ALA B 571 -36.50 -29.96 21.17
N GLU B 572 -36.16 -31.16 21.65
CA GLU B 572 -37.17 -32.21 21.79
C GLU B 572 -38.21 -31.84 22.84
N VAL B 573 -37.75 -31.54 24.06
CA VAL B 573 -38.67 -31.29 25.16
C VAL B 573 -39.47 -30.02 24.93
N GLU B 574 -38.82 -28.98 24.42
CA GLU B 574 -39.50 -27.70 24.24
C GLU B 574 -40.51 -27.76 23.11
N SER B 575 -40.21 -28.50 22.04
CA SER B 575 -41.19 -28.69 20.98
C SER B 575 -42.39 -29.50 21.45
N ALA B 576 -42.15 -30.47 22.34
CA ALA B 576 -43.27 -31.23 22.90
C ALA B 576 -44.15 -30.38 23.79
N LEU B 577 -43.56 -29.40 24.48
CA LEU B 577 -44.35 -28.51 25.33
C LEU B 577 -45.17 -27.52 24.52
N ILE B 578 -44.66 -27.13 23.34
CA ILE B 578 -45.38 -26.18 22.50
C ILE B 578 -46.62 -26.80 21.88
N LEU B 579 -46.71 -28.13 21.85
CA LEU B 579 -47.89 -28.80 21.32
C LEU B 579 -49.11 -28.64 22.23
N HIS B 580 -48.89 -28.26 23.48
CA HIS B 580 -49.99 -28.01 24.41
C HIS B 580 -50.62 -26.66 24.13
N LYS B 581 -51.95 -26.64 23.99
CA LYS B 581 -52.64 -25.41 23.64
C LYS B 581 -52.42 -24.33 24.70
N GLY B 582 -52.26 -23.09 24.23
CA GLY B 582 -52.02 -21.96 25.10
C GLY B 582 -50.56 -21.68 25.37
N VAL B 583 -49.68 -22.66 25.20
CA VAL B 583 -48.25 -22.45 25.46
C VAL B 583 -47.64 -21.61 24.35
N ALA B 584 -46.81 -20.65 24.73
CA ALA B 584 -46.12 -19.78 23.79
C ALA B 584 -44.63 -20.10 23.69
N GLU B 585 -43.87 -19.95 24.77
CA GLU B 585 -42.45 -20.20 24.78
C GLU B 585 -42.06 -21.05 25.98
N THR B 586 -41.11 -21.95 25.78
CA THR B 586 -40.61 -22.82 26.84
C THR B 586 -39.08 -22.85 26.80
N ALA B 587 -38.48 -23.13 27.96
CA ALA B 587 -37.04 -23.29 28.08
C ALA B 587 -36.78 -24.38 29.11
N VAL B 588 -35.98 -25.38 28.71
CA VAL B 588 -35.74 -26.57 29.53
C VAL B 588 -34.25 -26.63 29.85
N VAL B 589 -33.94 -26.70 31.14
CA VAL B 589 -32.57 -26.83 31.64
C VAL B 589 -32.51 -27.99 32.61
N GLY B 590 -31.29 -28.38 32.96
CA GLY B 590 -31.09 -29.51 33.84
C GLY B 590 -30.49 -29.15 35.18
N CYS B 591 -30.70 -30.01 36.19
CA CYS B 591 -30.12 -29.82 37.50
C CYS B 591 -29.75 -31.19 38.06
N ALA B 592 -28.80 -31.19 38.99
CA ALA B 592 -28.30 -32.44 39.56
C ALA B 592 -29.36 -33.09 40.45
N ASP B 593 -29.57 -34.38 40.26
CA ASP B 593 -30.52 -35.16 41.04
C ASP B 593 -29.83 -36.39 41.62
N ASP B 594 -30.54 -37.12 42.47
CA ASP B 594 -29.99 -38.28 43.13
C ASP B 594 -30.26 -39.56 42.36
N LEU B 595 -31.52 -39.84 42.04
CA LEU B 595 -31.87 -41.07 41.34
C LEU B 595 -31.53 -40.99 39.86
N THR B 596 -32.00 -39.95 39.18
CA THR B 596 -31.80 -39.81 37.75
C THR B 596 -30.43 -39.21 37.39
N GLY B 597 -29.68 -38.73 38.38
CA GLY B 597 -28.41 -38.07 38.09
C GLY B 597 -28.59 -36.64 37.66
N GLN B 598 -29.54 -36.41 36.77
CA GLN B 598 -29.94 -35.07 36.35
C GLN B 598 -31.44 -35.05 36.12
N ALA B 599 -32.08 -33.94 36.47
CA ALA B 599 -33.52 -33.79 36.35
C ALA B 599 -33.85 -32.65 35.39
N VAL B 600 -35.01 -32.75 34.77
CA VAL B 600 -35.47 -31.77 33.79
C VAL B 600 -36.31 -30.72 34.50
N TYR B 601 -36.02 -29.45 34.21
CA TYR B 601 -36.77 -28.32 34.76
C TYR B 601 -37.25 -27.44 33.61
N ALA B 602 -38.54 -27.12 33.61
CA ALA B 602 -39.17 -26.40 32.51
C ALA B 602 -39.59 -25.00 32.94
N PHE B 603 -39.29 -24.01 32.09
CA PHE B 603 -39.77 -22.65 32.25
C PHE B 603 -40.73 -22.37 31.10
N VAL B 604 -42.02 -22.26 31.41
CA VAL B 604 -43.07 -22.19 30.41
C VAL B 604 -43.71 -20.81 30.44
N THR B 605 -44.05 -20.31 29.26
CA THR B 605 -44.76 -19.03 29.11
C THR B 605 -45.95 -19.26 28.19
N MET B 606 -47.14 -18.96 28.70
CA MET B 606 -48.37 -19.12 27.93
C MET B 606 -48.79 -17.80 27.31
N LYS B 607 -49.71 -17.89 26.34
CA LYS B 607 -50.24 -16.72 25.68
C LYS B 607 -50.92 -15.80 26.69
N PRO B 608 -50.95 -14.48 26.44
CA PRO B 608 -51.44 -13.55 27.47
C PRO B 608 -52.91 -13.73 27.80
N GLU B 609 -53.70 -14.38 26.93
CA GLU B 609 -55.12 -14.57 27.16
C GLU B 609 -55.43 -15.90 27.85
N PHE B 610 -54.46 -16.52 28.50
CA PHE B 610 -54.67 -17.80 29.16
C PHE B 610 -55.04 -17.56 30.62
N ASP B 611 -56.21 -18.04 31.02
CA ASP B 611 -56.71 -17.86 32.38
C ASP B 611 -55.95 -18.78 33.33
N LEU B 612 -55.08 -18.21 34.16
CA LEU B 612 -54.32 -18.98 35.12
C LEU B 612 -55.13 -19.35 36.36
N LYS B 613 -56.35 -18.82 36.50
CA LYS B 613 -57.21 -19.13 37.64
C LYS B 613 -58.28 -20.16 37.31
N ALA B 614 -58.89 -20.07 36.13
CA ALA B 614 -59.89 -21.06 35.73
C ALA B 614 -59.25 -22.43 35.54
N THR B 615 -58.11 -22.48 34.86
CA THR B 615 -57.34 -23.71 34.72
C THR B 615 -56.34 -23.79 35.86
N LYS B 616 -56.46 -24.83 36.68
CA LYS B 616 -55.57 -24.99 37.83
C LYS B 616 -54.12 -25.11 37.36
N GLU B 617 -53.23 -24.40 38.03
CA GLU B 617 -51.83 -24.38 37.62
C GLU B 617 -51.21 -25.77 37.72
N ALA B 618 -51.59 -26.55 38.73
CA ALA B 618 -51.08 -27.91 38.85
C ALA B 618 -51.64 -28.79 37.73
N ASP B 619 -52.91 -28.59 37.36
CA ASP B 619 -53.49 -29.31 36.24
C ASP B 619 -52.83 -28.93 34.92
N LEU B 620 -52.25 -27.72 34.83
CA LEU B 620 -51.44 -27.38 33.67
C LEU B 620 -50.08 -28.06 33.73
N SER B 621 -49.47 -28.13 34.93
CA SER B 621 -48.19 -28.81 35.08
C SER B 621 -48.30 -30.30 34.74
N LYS B 622 -49.40 -30.94 35.15
CA LYS B 622 -49.55 -32.36 34.90
C LYS B 622 -49.71 -32.65 33.42
N GLU B 623 -50.57 -31.88 32.74
CA GLU B 623 -50.79 -32.11 31.31
C GLU B 623 -49.53 -31.86 30.49
N LEU B 624 -48.64 -31.00 30.97
CA LEU B 624 -47.37 -30.79 30.29
C LEU B 624 -46.47 -32.00 30.44
N ALA B 625 -46.42 -32.60 31.63
CA ALA B 625 -45.59 -33.78 31.84
C ALA B 625 -46.11 -34.98 31.06
N ILE B 626 -47.44 -35.07 30.87
CA ILE B 626 -47.99 -36.16 30.06
C ILE B 626 -47.66 -35.95 28.59
N GLN B 627 -47.76 -34.71 28.10
CA GLN B 627 -47.46 -34.44 26.70
C GLN B 627 -45.99 -34.70 26.38
N VAL B 628 -45.11 -34.51 27.36
CA VAL B 628 -43.70 -34.83 27.16
C VAL B 628 -43.49 -36.34 27.13
N ARG B 629 -44.21 -37.07 27.97
CA ARG B 629 -44.05 -38.52 28.02
C ARG B 629 -44.67 -39.20 26.80
N LYS B 630 -45.77 -38.63 26.28
CA LYS B 630 -46.43 -39.26 25.14
C LYS B 630 -45.64 -39.09 23.85
N VAL B 631 -44.83 -38.04 23.75
CA VAL B 631 -44.11 -37.73 22.51
C VAL B 631 -42.67 -38.21 22.60
N ILE B 632 -42.08 -38.15 23.79
CA ILE B 632 -40.65 -38.45 23.95
C ILE B 632 -40.47 -39.77 24.67
N GLY B 633 -40.71 -39.79 25.98
CA GLY B 633 -40.52 -40.99 26.76
C GLY B 633 -40.78 -40.77 28.24
N PRO B 634 -40.76 -41.85 29.03
CA PRO B 634 -41.04 -41.71 30.47
C PRO B 634 -40.01 -40.91 31.22
N PHE B 635 -38.73 -41.04 30.85
CA PHE B 635 -37.65 -40.37 31.56
C PHE B 635 -37.55 -38.88 31.24
N ALA B 636 -38.38 -38.37 30.32
CA ALA B 636 -38.25 -37.00 29.86
C ALA B 636 -39.16 -36.02 30.59
N ALA B 637 -40.06 -36.50 31.44
CA ALA B 637 -41.03 -35.62 32.09
C ALA B 637 -40.30 -34.65 33.03
N PRO B 638 -40.60 -33.36 32.97
CA PRO B 638 -39.93 -32.41 33.88
C PRO B 638 -40.31 -32.67 35.33
N LYS B 639 -39.31 -32.60 36.20
CA LYS B 639 -39.54 -32.78 37.63
C LYS B 639 -40.18 -31.55 38.26
N LYS B 640 -39.90 -30.37 37.71
CA LYS B 640 -40.49 -29.13 38.19
C LYS B 640 -40.72 -28.19 37.02
N ILE B 641 -41.88 -27.54 37.01
CA ILE B 641 -42.26 -26.61 35.95
C ILE B 641 -42.47 -25.25 36.56
N TYR B 642 -41.85 -24.23 35.97
CA TYR B 642 -41.94 -22.85 36.46
C TYR B 642 -42.75 -22.03 35.47
N LEU B 643 -43.88 -21.51 35.92
CA LEU B 643 -44.69 -20.60 35.11
C LEU B 643 -44.12 -19.19 35.24
N VAL B 644 -43.51 -18.69 34.17
CA VAL B 644 -42.87 -17.38 34.17
C VAL B 644 -43.42 -16.57 33.01
N SER B 645 -43.42 -15.24 33.17
CA SER B 645 -44.01 -14.40 32.15
C SER B 645 -43.11 -14.25 30.94
N ASP B 646 -41.80 -14.44 31.12
CA ASP B 646 -40.86 -14.36 30.01
C ASP B 646 -39.56 -15.02 30.43
N LEU B 647 -38.68 -15.24 29.46
CA LEU B 647 -37.44 -15.97 29.61
C LEU B 647 -36.23 -15.06 29.45
N PRO B 648 -35.10 -15.40 30.07
CA PRO B 648 -33.86 -14.64 29.84
C PRO B 648 -33.35 -14.83 28.43
N LYS B 649 -33.48 -13.80 27.59
CA LYS B 649 -33.07 -13.87 26.20
C LYS B 649 -31.99 -12.83 25.92
N THR B 650 -31.02 -13.20 25.10
CA THR B 650 -30.01 -12.26 24.65
C THR B 650 -30.66 -11.18 23.77
N ARG B 651 -29.90 -10.13 23.50
CA ARG B 651 -30.40 -9.06 22.65
C ARG B 651 -30.53 -9.48 21.19
N SER B 652 -30.05 -10.68 20.84
CA SER B 652 -30.30 -11.28 19.53
C SER B 652 -31.44 -12.28 19.56
N GLY B 653 -32.18 -12.36 20.66
CA GLY B 653 -33.31 -13.28 20.78
C GLY B 653 -32.99 -14.66 21.28
N LYS B 654 -31.72 -14.96 21.53
CA LYS B 654 -31.34 -16.31 21.95
C LYS B 654 -31.72 -16.55 23.41
N ILE B 655 -32.32 -17.71 23.67
CA ILE B 655 -32.73 -18.07 25.02
C ILE B 655 -31.49 -18.45 25.83
N MET B 656 -31.26 -17.75 26.94
CA MET B 656 -30.11 -18.01 27.80
C MET B 656 -30.48 -19.10 28.81
N ARG B 657 -30.38 -20.35 28.36
CA ARG B 657 -30.64 -21.48 29.25
C ARG B 657 -29.54 -21.62 30.30
N ARG B 658 -28.33 -21.14 29.99
CA ARG B 658 -27.25 -21.21 30.97
C ARG B 658 -27.58 -20.41 32.22
N VAL B 659 -28.28 -19.27 32.06
CA VAL B 659 -28.71 -18.50 33.21
C VAL B 659 -29.75 -19.27 34.02
N LEU B 660 -30.72 -19.87 33.33
CA LEU B 660 -31.73 -20.67 34.01
C LEU B 660 -31.11 -21.87 34.72
N ARG B 661 -30.06 -22.44 34.14
CA ARG B 661 -29.37 -23.55 34.79
C ARG B 661 -28.74 -23.11 36.11
N LYS B 662 -28.17 -21.89 36.14
CA LYS B 662 -27.57 -21.39 37.36
C LYS B 662 -28.62 -21.02 38.40
N ILE B 663 -29.71 -20.38 37.95
CA ILE B 663 -30.79 -20.02 38.88
C ILE B 663 -31.43 -21.28 39.47
N VAL B 664 -31.53 -22.34 38.68
CA VAL B 664 -32.02 -23.63 39.19
C VAL B 664 -30.98 -24.30 40.07
N ALA B 665 -29.70 -24.00 39.88
CA ALA B 665 -28.62 -24.58 40.68
C ALA B 665 -28.29 -23.75 41.91
N GLY B 666 -29.12 -22.77 42.25
CA GLY B 666 -28.85 -21.94 43.41
C GLY B 666 -27.59 -21.11 43.28
N GLU B 667 -27.34 -20.55 42.11
CA GLU B 667 -26.12 -19.78 41.86
C GLU B 667 -26.45 -18.47 41.14
N PRO B 680 -33.63 -8.37 30.53
CA PRO B 680 -32.83 -7.69 31.57
C PRO B 680 -33.48 -7.77 32.95
N GLN B 681 -34.63 -7.12 33.12
CA GLN B 681 -35.35 -7.17 34.38
C GLN B 681 -36.04 -8.50 34.61
N ILE B 682 -36.12 -9.37 33.58
CA ILE B 682 -36.76 -10.66 33.75
C ILE B 682 -35.93 -11.59 34.61
N VAL B 683 -34.65 -11.27 34.84
CA VAL B 683 -33.80 -12.12 35.67
C VAL B 683 -34.27 -12.08 37.12
N GLU B 684 -34.74 -10.92 37.58
CA GLU B 684 -35.23 -10.81 38.95
C GLU B 684 -36.52 -11.60 39.15
N GLU B 685 -37.37 -11.67 38.12
CA GLU B 685 -38.62 -12.41 38.25
C GLU B 685 -38.38 -13.92 38.21
N VAL B 686 -37.33 -14.37 37.53
CA VAL B 686 -37.01 -15.79 37.51
C VAL B 686 -36.38 -16.22 38.83
N LYS B 687 -35.55 -15.36 39.42
CA LYS B 687 -34.93 -15.70 40.70
C LYS B 687 -35.96 -15.75 41.82
N GLN B 688 -36.97 -14.86 41.78
CA GLN B 688 -37.98 -14.86 42.82
C GLN B 688 -38.89 -16.08 42.73
N LYS B 689 -39.31 -16.44 41.51
CA LYS B 689 -40.18 -17.60 41.33
C LYS B 689 -39.48 -18.90 41.67
N VAL B 690 -38.14 -18.90 41.70
CA VAL B 690 -37.40 -20.10 42.09
C VAL B 690 -37.41 -20.35 43.59
N THR B 691 -37.98 -19.42 44.36
CA THR B 691 -38.04 -19.58 45.82
C THR B 691 -39.48 -19.46 46.31
N HIS C 25 56.27 -17.17 -15.97
CA HIS C 25 54.99 -16.53 -15.67
C HIS C 25 55.14 -15.43 -14.62
N HIS C 26 54.70 -14.22 -14.97
CA HIS C 26 54.79 -13.10 -14.04
C HIS C 26 53.91 -13.33 -12.81
N VAL C 27 52.77 -13.97 -12.99
CA VAL C 27 51.84 -14.27 -11.90
C VAL C 27 52.03 -15.72 -11.48
N HIS C 28 52.27 -15.94 -10.20
CA HIS C 28 52.50 -17.26 -9.65
C HIS C 28 51.38 -17.64 -8.68
N PRO C 29 51.07 -18.93 -8.56
CA PRO C 29 50.04 -19.35 -7.59
C PRO C 29 50.54 -19.20 -6.17
N LEU C 30 49.61 -19.36 -5.23
CA LEU C 30 49.97 -19.37 -3.82
C LEU C 30 50.89 -20.56 -3.55
N PRO C 31 51.82 -20.41 -2.59
CA PRO C 31 52.78 -21.49 -2.33
C PRO C 31 52.08 -22.78 -1.94
N ASP C 32 52.50 -23.88 -2.57
CA ASP C 32 51.90 -25.18 -2.34
C ASP C 32 52.97 -26.26 -2.40
N SER C 33 52.77 -27.33 -1.64
CA SER C 33 53.69 -28.45 -1.66
C SER C 33 53.61 -29.22 -2.97
N VAL C 34 52.45 -29.23 -3.61
CA VAL C 34 52.27 -29.97 -4.86
C VAL C 34 52.78 -29.10 -6.01
N PRO C 35 53.58 -29.65 -6.93
CA PRO C 35 54.03 -28.87 -8.08
C PRO C 35 52.86 -28.46 -8.96
N GLU C 36 53.08 -27.43 -9.76
CA GLU C 36 52.00 -26.86 -10.56
C GLU C 36 51.52 -27.84 -11.64
N SER C 37 52.38 -28.74 -12.10
CA SER C 37 51.99 -29.69 -13.12
C SER C 37 51.02 -30.74 -12.59
N GLU C 38 50.96 -30.94 -11.28
CA GLU C 38 50.07 -31.92 -10.66
C GLU C 38 49.06 -31.24 -9.73
N ASP C 39 48.67 -30.01 -10.04
CA ASP C 39 47.81 -29.21 -9.19
C ASP C 39 46.62 -28.65 -9.99
N LEU C 40 45.93 -29.54 -10.69
CA LEU C 40 44.73 -29.17 -11.45
C LEU C 40 43.71 -30.29 -11.29
N PHE C 41 42.56 -29.95 -10.73
CA PHE C 41 41.56 -30.95 -10.33
C PHE C 41 40.29 -30.75 -11.15
N ALA C 42 40.11 -31.60 -12.15
CA ALA C 42 38.89 -31.59 -12.95
C ALA C 42 37.71 -32.07 -12.11
N PRO C 43 36.48 -31.73 -12.51
CA PRO C 43 35.29 -32.17 -11.76
C PRO C 43 35.30 -33.67 -11.53
N PRO C 44 35.31 -34.11 -10.27
CA PRO C 44 35.40 -35.54 -9.96
C PRO C 44 34.12 -36.27 -10.39
N PRO C 45 34.12 -37.61 -10.34
CA PRO C 45 32.94 -38.36 -10.81
C PRO C 45 31.62 -37.91 -10.20
N ARG C 46 31.61 -37.49 -8.93
CA ARG C 46 30.34 -37.10 -8.31
C ARG C 46 29.74 -35.87 -8.98
N MET C 47 30.57 -35.01 -9.57
CA MET C 47 30.10 -33.85 -10.30
C MET C 47 30.05 -34.09 -11.80
N GLN C 48 30.07 -35.35 -12.24
CA GLN C 48 29.90 -35.70 -13.64
C GLN C 48 28.59 -36.43 -13.91
N GLY C 49 27.71 -36.55 -12.93
CA GLY C 49 26.48 -37.29 -13.10
C GLY C 49 26.58 -38.78 -12.87
N LYS C 50 27.69 -39.26 -12.33
CA LYS C 50 27.88 -40.68 -12.06
C LYS C 50 27.44 -41.02 -10.64
N GLU C 51 27.44 -42.32 -10.33
CA GLU C 51 27.03 -42.82 -9.02
C GLU C 51 25.62 -42.34 -8.65
N GLY C 52 24.79 -42.09 -9.66
CA GLY C 52 23.46 -41.59 -9.42
C GLY C 52 23.40 -40.15 -8.94
N ARG C 53 24.49 -39.40 -9.06
CA ARG C 53 24.46 -38.00 -8.69
C ARG C 53 23.79 -37.19 -9.80
N PRO C 54 23.05 -36.13 -9.43
CA PRO C 54 22.35 -35.33 -10.43
C PRO C 54 23.30 -34.73 -11.45
N LYS C 55 22.84 -34.64 -12.69
CA LYS C 55 23.63 -34.04 -13.75
C LYS C 55 23.86 -32.56 -13.44
N PRO C 56 25.09 -32.07 -13.55
CA PRO C 56 25.35 -30.67 -13.20
C PRO C 56 24.62 -29.70 -14.12
N HIS C 57 24.23 -28.56 -13.56
CA HIS C 57 23.52 -27.56 -14.34
C HIS C 57 24.39 -26.99 -15.44
N ILE C 58 25.70 -26.91 -15.21
CA ILE C 58 26.66 -26.42 -16.20
C ILE C 58 27.82 -27.40 -16.27
N GLY C 59 28.15 -27.85 -17.47
CA GLY C 59 29.25 -28.77 -17.66
C GLY C 59 29.38 -29.24 -19.10
N PRO C 60 30.38 -30.09 -19.37
CA PRO C 60 31.30 -30.61 -18.35
C PRO C 60 32.65 -29.89 -18.28
N ASN C 61 32.95 -29.02 -19.25
CA ASN C 61 34.25 -28.39 -19.34
C ASN C 61 34.14 -26.88 -19.18
N TYR C 62 35.29 -26.21 -19.35
CA TYR C 62 35.35 -24.76 -19.15
C TYR C 62 34.50 -24.02 -20.18
N GLU C 63 34.52 -24.47 -21.44
CA GLU C 63 33.78 -23.78 -22.49
C GLU C 63 32.28 -23.78 -22.22
N SER C 64 31.78 -24.78 -21.49
CA SER C 64 30.37 -24.78 -21.12
C SER C 64 30.05 -23.62 -20.19
N TYR C 65 30.95 -23.33 -19.25
CA TYR C 65 30.77 -22.17 -18.37
C TYR C 65 30.79 -20.87 -19.16
N VAL C 66 31.66 -20.79 -20.17
CA VAL C 66 31.81 -19.54 -20.92
C VAL C 66 30.59 -19.30 -21.80
N LYS C 67 30.07 -20.36 -22.43
CA LYS C 67 28.93 -20.20 -23.32
C LYS C 67 27.72 -19.62 -22.58
N GLU C 68 27.55 -19.99 -21.31
CA GLU C 68 26.45 -19.45 -20.53
C GLU C 68 26.80 -18.10 -19.92
N TRP C 69 28.04 -17.93 -19.48
CA TRP C 69 28.45 -16.66 -18.87
C TRP C 69 28.40 -15.51 -19.86
N ALA C 70 28.67 -15.78 -21.14
CA ALA C 70 28.64 -14.71 -22.13
C ALA C 70 27.24 -14.13 -22.30
N LYS C 71 26.21 -14.92 -21.99
CA LYS C 71 24.84 -14.42 -22.06
C LYS C 71 24.50 -13.47 -20.91
N THR C 72 25.33 -13.43 -19.86
CA THR C 72 25.00 -12.70 -18.65
C THR C 72 25.73 -11.37 -18.52
N VAL C 73 26.67 -11.08 -19.42
CA VAL C 73 27.40 -9.82 -19.42
C VAL C 73 27.38 -9.24 -20.83
N GLY C 74 27.54 -7.93 -20.92
CA GLY C 74 27.57 -7.25 -22.19
C GLY C 74 26.27 -6.52 -22.50
N PRO C 75 26.18 -5.99 -23.72
CA PRO C 75 24.99 -5.20 -24.10
C PRO C 75 23.80 -6.03 -24.53
N ASN C 76 23.94 -7.35 -24.63
CA ASN C 76 22.84 -8.24 -25.00
C ASN C 76 22.50 -9.22 -23.88
N SER C 77 22.69 -8.80 -22.63
CA SER C 77 22.44 -9.66 -21.48
C SER C 77 21.07 -9.45 -20.85
N ASP C 78 20.30 -8.47 -21.33
CA ASP C 78 18.97 -8.25 -20.75
C ASP C 78 18.06 -9.46 -20.97
N GLU C 79 18.22 -10.16 -22.10
CA GLU C 79 17.35 -11.29 -22.40
C GLU C 79 17.57 -12.42 -21.39
N TRP C 80 18.83 -12.74 -21.09
CA TRP C 80 19.12 -13.79 -20.13
C TRP C 80 18.66 -13.41 -18.73
N TRP C 81 18.82 -12.14 -18.36
CA TRP C 81 18.48 -11.72 -17.00
C TRP C 81 16.98 -11.58 -16.82
N ALA C 82 16.27 -11.06 -17.82
CA ALA C 82 14.81 -10.99 -17.73
C ALA C 82 14.21 -12.40 -17.66
N ALA C 83 14.75 -13.33 -18.46
CA ALA C 83 14.25 -14.70 -18.43
C ALA C 83 14.50 -15.36 -17.08
N LYS C 84 15.76 -15.33 -16.62
CA LYS C 84 16.10 -15.96 -15.35
C LYS C 84 15.34 -15.33 -14.18
N ALA C 85 15.04 -14.03 -14.28
CA ALA C 85 14.29 -13.37 -13.20
C ALA C 85 12.85 -13.86 -13.15
N ARG C 86 12.23 -14.05 -14.32
CA ARG C 86 10.83 -14.45 -14.36
C ARG C 86 10.64 -15.94 -14.06
N GLU C 87 11.67 -16.76 -14.33
CA GLU C 87 11.58 -18.18 -14.05
C GLU C 87 11.90 -18.50 -12.59
N THR C 88 12.80 -17.74 -11.97
CA THR C 88 13.30 -18.09 -10.64
C THR C 88 12.36 -17.60 -9.53
N LEU C 89 11.73 -16.45 -9.71
CA LEU C 89 10.94 -15.84 -8.65
C LEU C 89 9.47 -15.75 -9.03
N ASP C 90 8.62 -15.74 -8.01
CA ASP C 90 7.19 -15.51 -8.18
C ASP C 90 6.90 -14.03 -7.96
N TRP C 91 6.31 -13.39 -8.97
CA TRP C 91 6.06 -11.96 -8.94
C TRP C 91 4.56 -11.69 -8.77
N TYR C 92 4.23 -10.62 -8.04
CA TYR C 92 2.85 -10.14 -8.03
C TYR C 92 2.57 -9.29 -9.25
N ASP C 93 3.53 -8.47 -9.67
CA ASP C 93 3.46 -7.70 -10.91
C ASP C 93 4.75 -7.91 -11.68
N ASP C 94 4.63 -8.11 -12.98
CA ASP C 94 5.81 -8.23 -13.82
C ASP C 94 6.50 -6.87 -13.93
N PHE C 95 7.77 -6.91 -14.35
CA PHE C 95 8.56 -5.71 -14.54
C PHE C 95 8.61 -5.35 -16.03
N LYS C 96 8.97 -4.09 -16.29
CA LYS C 96 9.12 -3.58 -17.65
C LYS C 96 10.57 -3.30 -18.02
N THR C 97 11.32 -2.68 -17.12
CA THR C 97 12.72 -2.38 -17.36
C THR C 97 13.60 -3.45 -16.71
N VAL C 98 14.62 -3.91 -17.43
CA VAL C 98 15.52 -4.91 -16.88
C VAL C 98 16.52 -4.26 -15.93
N ARG C 99 17.22 -3.22 -16.38
CA ARG C 99 18.22 -2.57 -15.55
C ARG C 99 18.32 -1.10 -15.94
N ALA C 100 18.83 -0.31 -14.99
CA ALA C 100 19.08 1.11 -15.19
C ALA C 100 19.97 1.59 -14.04
N GLY C 101 20.47 2.80 -14.17
CA GLY C 101 21.34 3.37 -13.16
C GLY C 101 22.79 2.97 -13.36
N GLY C 102 23.62 3.38 -12.40
CA GLY C 102 25.03 3.10 -12.49
C GLY C 102 25.75 3.36 -11.18
N PHE C 103 27.07 3.24 -11.23
CA PHE C 103 27.93 3.41 -10.06
C PHE C 103 28.10 4.88 -9.69
N GLU C 104 28.11 5.78 -10.67
CA GLU C 104 28.55 7.15 -10.43
C GLU C 104 27.76 7.84 -9.32
N HIS C 105 26.44 7.67 -9.32
CA HIS C 105 25.59 8.34 -8.35
C HIS C 105 24.91 7.39 -7.38
N GLY C 106 25.10 6.08 -7.54
CA GLY C 106 24.44 5.13 -6.67
C GLY C 106 22.94 5.09 -6.86
N ASP C 107 22.51 4.80 -8.08
CA ASP C 107 21.09 4.67 -8.41
C ASP C 107 20.85 3.38 -9.18
N VAL C 108 21.56 2.32 -8.81
CA VAL C 108 21.42 1.04 -9.51
C VAL C 108 20.00 0.53 -9.37
N GLN C 109 19.40 0.13 -10.49
CA GLN C 109 18.04 -0.37 -10.52
C GLN C 109 17.99 -1.69 -11.27
N TRP C 110 17.14 -2.60 -10.79
CA TRP C 110 16.90 -3.88 -11.46
C TRP C 110 15.44 -4.24 -11.31
N PHE C 111 14.78 -4.47 -12.45
CA PHE C 111 13.37 -4.84 -12.53
C PHE C 111 12.48 -3.86 -11.76
N PRO C 112 12.68 -2.55 -11.92
CA PRO C 112 12.10 -1.60 -10.95
C PRO C 112 10.58 -1.61 -10.89
N GLU C 113 9.89 -1.96 -11.99
CA GLU C 113 8.43 -1.92 -11.97
C GLU C 113 7.81 -3.18 -11.35
N GLY C 114 8.59 -4.25 -11.19
CA GLY C 114 8.04 -5.48 -10.67
C GLY C 114 7.77 -5.41 -9.17
N THR C 115 6.85 -6.26 -8.73
CA THR C 115 6.53 -6.41 -7.33
C THR C 115 6.61 -7.88 -6.93
N LEU C 116 7.01 -8.12 -5.69
CA LEU C 116 7.22 -9.46 -5.18
C LEU C 116 7.34 -9.39 -3.66
N ASN C 117 7.56 -10.54 -3.03
CA ASN C 117 7.80 -10.61 -1.60
C ASN C 117 8.76 -11.76 -1.34
N ALA C 118 9.82 -11.48 -0.56
CA ALA C 118 10.83 -12.50 -0.32
C ALA C 118 10.27 -13.68 0.46
N ALA C 119 9.40 -13.42 1.44
CA ALA C 119 8.84 -14.50 2.25
C ALA C 119 7.94 -15.40 1.42
N TYR C 120 7.20 -14.83 0.45
CA TYR C 120 6.37 -15.65 -0.41
C TYR C 120 7.21 -16.58 -1.26
N ASN C 121 8.39 -16.13 -1.70
CA ASN C 121 9.25 -16.95 -2.52
C ASN C 121 10.02 -17.99 -1.70
N CYS C 122 10.36 -17.66 -0.45
CA CYS C 122 11.13 -18.57 0.39
C CYS C 122 10.26 -19.49 1.24
N LEU C 123 8.95 -19.26 1.30
CA LEU C 123 8.09 -20.05 2.16
C LEU C 123 6.80 -20.48 1.47
N ASP C 124 5.96 -19.49 1.13
CA ASP C 124 4.58 -19.78 0.74
C ASP C 124 4.49 -20.72 -0.46
N ARG C 125 5.20 -20.38 -1.55
CA ARG C 125 5.04 -21.15 -2.78
C ARG C 125 5.55 -22.58 -2.61
N HIS C 126 6.62 -22.76 -1.85
CA HIS C 126 7.09 -24.12 -1.58
C HIS C 126 6.16 -24.85 -0.61
N TYR C 127 5.55 -24.12 0.32
CA TYR C 127 4.56 -24.73 1.21
C TYR C 127 3.35 -25.22 0.42
N TYR C 128 2.99 -24.52 -0.65
CA TYR C 128 1.84 -24.93 -1.46
C TYR C 128 2.13 -26.19 -2.26
N LYS C 129 3.41 -26.45 -2.58
CA LYS C 129 3.78 -27.60 -3.39
C LYS C 129 4.02 -28.85 -2.54
N ASN C 130 4.76 -28.70 -1.44
CA ASN C 130 5.06 -29.83 -0.56
C ASN C 130 5.18 -29.31 0.87
N PRO C 131 4.06 -29.23 1.60
CA PRO C 131 4.11 -28.63 2.94
C PRO C 131 4.94 -29.40 3.94
N LYS C 132 5.13 -30.71 3.75
CA LYS C 132 5.89 -31.52 4.68
C LYS C 132 7.36 -31.61 4.35
N LYS C 133 7.81 -31.04 3.23
CA LYS C 133 9.22 -31.07 2.89
C LYS C 133 10.02 -30.27 3.92
N THR C 134 11.17 -30.81 4.31
CA THR C 134 11.98 -30.19 5.35
C THR C 134 12.63 -28.92 4.82
N ALA C 135 12.33 -27.80 5.48
CA ALA C 135 12.94 -26.52 5.13
C ALA C 135 14.26 -26.32 5.86
N ILE C 136 14.29 -26.58 7.17
CA ILE C 136 15.45 -26.33 8.00
C ILE C 136 15.79 -27.62 8.75
N ILE C 137 17.03 -28.07 8.60
CA ILE C 137 17.61 -29.05 9.50
C ILE C 137 18.24 -28.28 10.66
N TYR C 138 17.59 -28.31 11.82
CA TYR C 138 18.06 -27.57 12.98
C TYR C 138 19.02 -28.46 13.76
N GLU C 139 20.32 -28.16 13.64
CA GLU C 139 21.36 -28.90 14.35
C GLU C 139 21.68 -28.11 15.61
N ALA C 140 21.01 -28.48 16.71
CA ALA C 140 21.15 -27.77 17.97
C ALA C 140 22.57 -27.93 18.53
N ASP C 141 22.87 -27.10 19.54
CA ASP C 141 24.17 -27.17 20.19
C ASP C 141 24.41 -28.55 20.80
N GLU C 142 23.36 -29.15 21.36
CA GLU C 142 23.42 -30.53 21.81
C GLU C 142 22.90 -31.43 20.70
N PRO C 143 23.67 -32.43 20.25
CA PRO C 143 23.24 -33.22 19.08
C PRO C 143 21.90 -33.91 19.26
N SER C 144 21.51 -34.26 20.49
CA SER C 144 20.26 -34.99 20.68
C SER C 144 19.05 -34.12 20.39
N GLU C 145 19.16 -32.80 20.59
CA GLU C 145 18.01 -31.92 20.45
C GLU C 145 17.74 -31.50 19.02
N SER C 146 18.47 -32.06 18.05
CA SER C 146 18.27 -31.68 16.66
C SER C 146 16.99 -32.30 16.10
N ARG C 147 16.39 -31.61 15.15
CA ARG C 147 15.19 -32.10 14.50
C ARG C 147 14.99 -31.37 13.17
N GLU C 148 13.98 -31.81 12.44
CA GLU C 148 13.63 -31.26 11.13
C GLU C 148 12.42 -30.35 11.26
N VAL C 149 12.51 -29.16 10.65
CA VAL C 149 11.42 -28.20 10.62
C VAL C 149 10.96 -28.08 9.18
N SER C 150 9.74 -28.56 8.90
CA SER C 150 9.21 -28.53 7.55
C SER C 150 8.83 -27.10 7.15
N TYR C 151 8.52 -26.93 5.86
CA TYR C 151 8.11 -25.63 5.36
C TYR C 151 6.82 -25.17 6.01
N GLU C 152 5.92 -26.09 6.35
CA GLU C 152 4.68 -25.71 7.01
C GLU C 152 4.95 -25.09 8.37
N GLU C 153 5.75 -25.76 9.19
CA GLU C 153 6.05 -25.24 10.53
C GLU C 153 6.80 -23.91 10.45
N LEU C 154 7.76 -23.79 9.54
CA LEU C 154 8.52 -22.54 9.41
C LEU C 154 7.64 -21.41 8.89
N MET C 155 6.69 -21.72 7.99
CA MET C 155 5.79 -20.68 7.50
C MET C 155 4.82 -20.23 8.60
N GLN C 156 4.32 -21.18 9.39
CA GLN C 156 3.40 -20.84 10.46
C GLN C 156 4.06 -19.95 11.51
N GLU C 157 5.31 -20.27 11.88
CA GLU C 157 6.02 -19.45 12.86
C GLU C 157 6.32 -18.07 12.29
N THR C 158 6.63 -17.98 11.00
CA THR C 158 6.90 -16.69 10.38
C THR C 158 5.67 -15.80 10.39
N CYS C 159 4.51 -16.37 10.05
CA CYS C 159 3.28 -15.59 10.02
C CYS C 159 2.85 -15.15 11.41
N ARG C 160 3.10 -15.97 12.44
CA ARG C 160 2.80 -15.56 13.80
C ARG C 160 3.63 -14.35 14.21
N VAL C 161 4.95 -14.42 13.98
CA VAL C 161 5.83 -13.30 14.32
C VAL C 161 5.47 -12.08 13.50
N ALA C 162 5.13 -12.27 12.23
CA ALA C 162 4.69 -11.16 11.41
C ALA C 162 3.43 -10.50 11.97
N ASN C 163 2.48 -11.32 12.43
CA ASN C 163 1.29 -10.78 13.08
C ASN C 163 1.64 -10.07 14.37
N VAL C 164 2.65 -10.59 15.10
CA VAL C 164 3.08 -9.93 16.33
C VAL C 164 3.69 -8.58 16.03
N LEU C 165 4.54 -8.51 15.01
CA LEU C 165 5.17 -7.24 14.64
C LEU C 165 4.13 -6.21 14.22
N LYS C 166 3.11 -6.64 13.48
CA LYS C 166 2.06 -5.70 13.06
C LYS C 166 1.25 -5.22 14.26
N SER C 167 1.12 -6.03 15.29
CA SER C 167 0.45 -5.57 16.52
C SER C 167 1.28 -4.48 17.21
N TYR C 168 2.60 -4.48 17.00
CA TYR C 168 3.47 -3.47 17.55
C TYR C 168 3.50 -2.18 16.73
N GLY C 169 2.72 -2.11 15.64
CA GLY C 169 2.72 -0.94 14.79
C GLY C 169 3.83 -0.89 13.77
N VAL C 170 4.56 -2.00 13.57
CA VAL C 170 5.60 -2.03 12.55
C VAL C 170 4.97 -1.91 11.18
N LYS C 171 5.44 -0.96 10.38
CA LYS C 171 4.92 -0.69 9.05
C LYS C 171 5.97 -1.04 8.00
N LYS C 172 5.52 -1.08 6.75
CA LYS C 172 6.42 -1.23 5.62
C LYS C 172 7.48 -0.13 5.65
N GLY C 173 8.74 -0.54 5.46
CA GLY C 173 9.85 0.40 5.47
C GLY C 173 10.43 0.69 6.83
N ASP C 174 9.86 0.15 7.90
CA ASP C 174 10.42 0.33 9.23
C ASP C 174 11.59 -0.62 9.46
N ALA C 175 12.49 -0.20 10.33
CA ALA C 175 13.64 -1.02 10.70
C ALA C 175 13.31 -1.84 11.94
N VAL C 176 13.80 -3.08 11.96
CA VAL C 176 13.60 -3.99 13.09
C VAL C 176 14.92 -4.70 13.34
N SER C 177 15.51 -4.48 14.52
CA SER C 177 16.78 -5.12 14.85
C SER C 177 16.56 -6.55 15.33
N ILE C 178 17.46 -7.43 14.93
CA ILE C 178 17.40 -8.85 15.30
C ILE C 178 18.71 -9.20 16.00
N TYR C 179 18.60 -9.74 17.22
CA TYR C 179 19.75 -10.11 18.03
C TYR C 179 19.55 -11.56 18.49
N LEU C 180 19.70 -12.50 17.55
CA LEU C 180 19.36 -13.89 17.79
C LEU C 180 20.53 -14.82 17.50
N PRO C 181 20.72 -15.86 18.31
CA PRO C 181 21.74 -16.87 18.01
C PRO C 181 21.22 -17.84 16.96
N MET C 182 22.06 -18.85 16.65
CA MET C 182 21.79 -19.73 15.54
C MET C 182 20.75 -20.81 15.85
N THR C 183 19.60 -20.41 16.37
CA THR C 183 18.45 -21.30 16.49
C THR C 183 17.54 -21.10 15.28
N TRP C 184 16.71 -22.11 14.99
CA TRP C 184 15.98 -22.11 13.74
C TRP C 184 14.92 -21.02 13.66
N GLN C 185 14.44 -20.51 14.81
CA GLN C 185 13.48 -19.42 14.78
C GLN C 185 14.07 -18.12 14.24
N ALA C 186 15.39 -18.03 14.13
CA ALA C 186 16.01 -16.83 13.55
C ALA C 186 15.58 -16.64 12.11
N ALA C 187 15.51 -17.73 11.33
CA ALA C 187 15.05 -17.63 9.95
C ALA C 187 13.61 -17.12 9.89
N ALA C 188 12.78 -17.55 10.84
CA ALA C 188 11.42 -17.03 10.89
C ALA C 188 11.40 -15.54 11.24
N ALA C 189 12.40 -15.08 12.00
CA ALA C 189 12.45 -13.66 12.36
C ALA C 189 12.84 -12.80 11.16
N PHE C 190 13.82 -13.27 10.37
CA PHE C 190 14.16 -12.58 9.12
C PHE C 190 12.94 -12.50 8.21
N LEU C 191 12.32 -13.63 7.93
CA LEU C 191 11.22 -13.69 6.97
C LEU C 191 9.96 -13.02 7.48
N ALA C 192 9.79 -12.92 8.80
CA ALA C 192 8.66 -12.17 9.33
C ALA C 192 8.78 -10.68 8.98
N CYS C 193 10.00 -10.14 9.06
CA CYS C 193 10.22 -8.75 8.64
C CYS C 193 10.04 -8.63 7.13
N ALA C 194 10.59 -9.57 6.37
CA ALA C 194 10.46 -9.49 4.91
C ALA C 194 9.01 -9.68 4.47
N ARG C 195 8.23 -10.46 5.20
CA ARG C 195 6.84 -10.69 4.81
C ARG C 195 6.01 -9.42 4.90
N ILE C 196 6.28 -8.56 5.88
CA ILE C 196 5.51 -7.35 6.08
C ILE C 196 6.18 -6.11 5.50
N GLY C 197 7.34 -6.26 4.88
CA GLY C 197 8.06 -5.15 4.30
C GLY C 197 8.95 -4.39 5.26
N ALA C 198 9.11 -4.86 6.49
CA ALA C 198 10.03 -4.24 7.42
C ALA C 198 11.47 -4.56 7.01
N ILE C 199 12.38 -3.70 7.46
CA ILE C 199 13.80 -3.85 7.18
C ILE C 199 14.45 -4.47 8.42
N HIS C 200 14.87 -5.72 8.33
CA HIS C 200 15.50 -6.36 9.47
C HIS C 200 17.00 -6.09 9.46
N SER C 201 17.55 -5.82 10.65
CA SER C 201 18.98 -5.56 10.84
C SER C 201 19.49 -6.57 11.86
N ALA C 202 20.16 -7.61 11.37
CA ALA C 202 20.65 -8.68 12.23
C ALA C 202 22.00 -8.32 12.82
N VAL C 203 22.16 -8.61 14.10
CA VAL C 203 23.40 -8.37 14.83
C VAL C 203 23.87 -9.70 15.42
N PHE C 204 25.16 -10.00 15.26
CA PHE C 204 25.71 -11.24 15.79
CA PHE C 204 25.74 -11.22 15.80
C PHE C 204 25.37 -11.39 17.27
N ALA C 205 24.81 -12.55 17.61
CA ALA C 205 24.53 -12.85 19.01
C ALA C 205 25.84 -13.07 19.75
N GLY C 206 26.10 -12.24 20.76
CA GLY C 206 27.37 -12.23 21.45
C GLY C 206 28.13 -10.93 21.32
N PHE C 207 27.73 -10.03 20.42
CA PHE C 207 28.35 -8.71 20.36
C PHE C 207 28.13 -7.96 21.67
N SER C 208 29.09 -7.09 22.01
CA SER C 208 29.01 -6.34 23.24
C SER C 208 27.78 -5.43 23.26
N ALA C 209 27.40 -4.98 24.45
CA ALA C 209 26.27 -4.07 24.57
C ALA C 209 26.53 -2.77 23.81
N GLU C 210 27.79 -2.33 23.78
CA GLU C 210 28.13 -1.09 23.07
C GLU C 210 27.97 -1.26 21.57
N SER C 211 28.42 -2.40 21.03
CA SER C 211 28.26 -2.64 19.59
C SER C 211 26.79 -2.83 19.22
N LEU C 212 26.03 -3.52 20.07
CA LEU C 212 24.60 -3.65 19.83
C LEU C 212 23.90 -2.30 19.90
N ARG C 213 24.30 -1.46 20.86
CA ARG C 213 23.70 -0.14 21.00
C ARG C 213 23.85 0.69 19.73
N ASP C 214 25.07 0.72 19.18
CA ASP C 214 25.33 1.57 18.02
C ASP C 214 24.55 1.10 16.79
N ARG C 215 24.45 -0.21 16.59
CA ARG C 215 23.70 -0.71 15.45
C ARG C 215 22.20 -0.52 15.64
N VAL C 216 21.72 -0.66 16.87
CA VAL C 216 20.30 -0.42 17.15
C VAL C 216 19.97 1.05 16.96
N ASN C 217 20.84 1.95 17.44
CA ASN C 217 20.58 3.37 17.30
C ASN C 217 20.68 3.84 15.85
N ASP C 218 21.65 3.29 15.11
CA ASP C 218 21.90 3.77 13.76
C ASP C 218 20.72 3.49 12.83
N CYS C 219 20.06 2.35 13.01
CA CYS C 219 18.90 1.99 12.18
C CYS C 219 17.59 2.55 12.73
N GLU C 220 17.61 3.17 13.91
CA GLU C 220 16.45 3.88 14.46
C GLU C 220 15.24 2.97 14.63
N CYS C 221 15.48 1.67 14.82
CA CYS C 221 14.38 0.74 14.99
C CYS C 221 13.63 0.99 16.30
N LYS C 222 12.35 0.60 16.32
CA LYS C 222 11.54 0.68 17.52
C LYS C 222 11.26 -0.69 18.13
N VAL C 223 11.59 -1.77 17.43
CA VAL C 223 11.32 -3.13 17.89
C VAL C 223 12.61 -3.93 17.79
N LEU C 224 12.86 -4.78 18.78
CA LEU C 224 14.04 -5.64 18.84
C LEU C 224 13.62 -7.06 19.16
N ILE C 225 14.18 -8.02 18.42
CA ILE C 225 13.92 -9.43 18.61
C ILE C 225 15.19 -10.10 19.10
N THR C 226 15.09 -10.87 20.18
CA THR C 226 16.26 -11.50 20.77
C THR C 226 15.80 -12.73 21.56
N THR C 227 16.76 -13.43 22.14
CA THR C 227 16.51 -14.58 22.99
C THR C 227 16.77 -14.21 24.46
N ASP C 228 16.31 -15.09 25.35
CA ASP C 228 16.73 -14.98 26.74
C ASP C 228 18.21 -15.29 26.86
N GLU C 229 18.64 -16.43 26.34
CA GLU C 229 20.05 -16.81 26.30
C GLU C 229 20.31 -17.60 25.02
N GLY C 230 21.57 -17.60 24.61
CA GLY C 230 22.04 -18.43 23.52
C GLY C 230 22.90 -19.56 24.05
N ARG C 231 23.12 -20.56 23.18
CA ARG C 231 23.94 -21.72 23.52
C ARG C 231 24.83 -22.04 22.33
N ARG C 232 26.14 -21.81 22.49
CA ARG C 232 27.11 -22.14 21.45
C ARG C 232 28.32 -22.80 22.08
N GLY C 233 28.70 -23.96 21.54
CA GLY C 233 29.86 -24.67 22.03
C GLY C 233 29.78 -25.10 23.49
N GLY C 234 28.57 -25.25 24.02
CA GLY C 234 28.41 -25.61 25.41
C GLY C 234 28.48 -24.44 26.38
N LYS C 235 28.53 -23.21 25.90
CA LYS C 235 28.60 -22.02 26.73
C LYS C 235 27.33 -21.20 26.55
N THR C 236 27.06 -20.36 27.56
CA THR C 236 25.83 -19.56 27.60
C THR C 236 26.13 -18.13 27.19
N ILE C 237 25.35 -17.63 26.24
CA ILE C 237 25.40 -16.23 25.81
C ILE C 237 24.25 -15.51 26.48
N ALA C 238 24.57 -14.57 27.38
CA ALA C 238 23.55 -13.80 28.10
C ALA C 238 23.03 -12.70 27.19
N THR C 239 22.22 -13.11 26.21
CA THR C 239 21.72 -12.18 25.21
C THR C 239 20.80 -11.13 25.83
N LYS C 240 19.81 -11.58 26.63
CA LYS C 240 18.88 -10.65 27.24
C LYS C 240 19.59 -9.72 28.23
N GLN C 241 20.62 -10.23 28.91
CA GLN C 241 21.40 -9.38 29.81
C GLN C 241 22.15 -8.31 29.04
N ILE C 242 22.74 -8.68 27.90
CA ILE C 242 23.42 -7.71 27.05
C ILE C 242 22.42 -6.73 26.45
N VAL C 243 21.22 -7.21 26.12
CA VAL C 243 20.20 -6.34 25.54
C VAL C 243 19.75 -5.29 26.54
N ASP C 244 19.57 -5.67 27.81
CA ASP C 244 19.14 -4.72 28.82
C ASP C 244 20.15 -3.59 28.99
N ALA C 245 21.44 -3.91 28.90
CA ALA C 245 22.47 -2.88 29.04
C ALA C 245 22.48 -1.94 27.85
N ALA C 246 22.33 -2.49 26.63
CA ALA C 246 22.37 -1.66 25.44
C ALA C 246 21.16 -0.74 25.35
N LEU C 247 19.97 -1.25 25.71
CA LEU C 247 18.76 -0.46 25.58
C LEU C 247 18.70 0.72 26.53
N GLN C 248 19.55 0.73 27.57
CA GLN C 248 19.66 1.90 28.42
C GLN C 248 20.20 3.12 27.67
N GLN C 249 20.72 2.93 26.45
CA GLN C 249 21.19 4.03 25.62
C GLN C 249 20.54 4.03 24.25
N CYS C 250 19.40 3.36 24.11
CA CYS C 250 18.63 3.32 22.86
C CYS C 250 17.22 3.84 23.17
N PRO C 251 16.99 5.14 23.01
CA PRO C 251 15.69 5.70 23.42
C PRO C 251 14.53 5.33 22.52
N LEU C 252 14.78 4.88 21.29
CA LEU C 252 13.70 4.66 20.34
C LEU C 252 13.05 3.29 20.47
N VAL C 253 13.71 2.34 21.13
CA VAL C 253 13.20 0.97 21.22
C VAL C 253 12.06 0.94 22.23
N GLU C 254 10.87 0.54 21.78
CA GLU C 254 9.69 0.47 22.61
C GLU C 254 9.18 -0.94 22.87
N ASN C 255 9.51 -1.89 22.00
CA ASN C 255 9.03 -3.27 22.12
C ASN C 255 10.19 -4.23 21.92
N VAL C 256 10.28 -5.24 22.78
CA VAL C 256 11.29 -6.29 22.67
C VAL C 256 10.59 -7.64 22.74
N LEU C 257 10.83 -8.48 21.74
CA LEU C 257 10.28 -9.82 21.69
C LEU C 257 11.39 -10.80 22.05
N VAL C 258 11.16 -11.60 23.09
CA VAL C 258 12.19 -12.46 23.67
C VAL C 258 11.82 -13.92 23.43
N LEU C 259 12.71 -14.64 22.76
CA LEU C 259 12.52 -16.08 22.52
C LEU C 259 13.06 -16.87 23.69
N ARG C 260 12.21 -17.70 24.30
N ARG C 260 12.22 -17.72 24.27
CA ARG C 260 12.60 -18.50 25.45
CA ARG C 260 12.57 -18.53 25.44
C ARG C 260 13.38 -19.72 24.96
C ARG C 260 13.38 -19.73 24.94
N ARG C 261 14.67 -19.49 24.68
CA ARG C 261 15.52 -20.54 24.13
C ARG C 261 15.98 -21.52 25.21
N THR C 262 16.54 -21.02 26.31
CA THR C 262 17.09 -21.88 27.35
C THR C 262 16.14 -22.10 28.52
N GLY C 263 15.30 -21.12 28.84
CA GLY C 263 14.41 -21.22 29.98
C GLY C 263 15.00 -20.71 31.27
N ASN C 264 16.29 -20.36 31.30
CA ASN C 264 16.90 -19.81 32.50
C ASN C 264 16.32 -18.45 32.83
N LYS C 265 16.36 -18.10 34.10
CA LYS C 265 15.79 -16.84 34.56
C LYS C 265 16.57 -15.66 33.99
N VAL C 266 15.85 -14.77 33.30
CA VAL C 266 16.43 -13.54 32.77
C VAL C 266 15.51 -12.39 33.17
N PRO C 267 16.04 -11.17 33.35
CA PRO C 267 15.17 -10.04 33.67
C PRO C 267 14.29 -9.67 32.48
N MET C 268 13.05 -9.29 32.79
CA MET C 268 12.09 -8.86 31.78
C MET C 268 11.42 -7.58 32.25
N THR C 269 11.47 -6.55 31.41
CA THR C 269 10.91 -5.25 31.73
C THR C 269 9.42 -5.23 31.42
N GLU C 270 8.61 -4.93 32.43
CA GLU C 270 7.16 -4.90 32.26
C GLU C 270 6.76 -3.91 31.16
N GLY C 271 5.88 -4.37 30.27
CA GLY C 271 5.41 -3.52 29.19
C GLY C 271 6.27 -3.59 27.94
N ARG C 272 7.57 -3.32 28.09
CA ARG C 272 8.45 -3.27 26.93
C ARG C 272 8.78 -4.66 26.42
N ASP C 273 8.99 -5.62 27.32
CA ASP C 273 9.45 -6.96 26.95
C ASP C 273 8.29 -7.95 27.01
N LYS C 274 8.17 -8.77 25.96
CA LYS C 274 7.15 -9.81 25.87
C LYS C 274 7.80 -11.11 25.43
N TRP C 275 7.16 -12.23 25.79
CA TRP C 275 7.69 -13.54 25.45
C TRP C 275 7.24 -13.94 24.05
N TRP C 276 8.20 -14.46 23.26
CA TRP C 276 7.93 -14.90 21.90
C TRP C 276 6.74 -15.86 21.85
N ASP C 277 6.78 -16.90 22.68
CA ASP C 277 5.73 -17.93 22.64
C ASP C 277 4.38 -17.37 23.08
N GLU C 278 4.36 -16.44 24.03
CA GLU C 278 3.10 -15.89 24.50
C GLU C 278 2.48 -14.93 23.50
N GLU C 279 3.31 -14.18 22.76
CA GLU C 279 2.78 -13.26 21.75
C GLU C 279 2.31 -14.00 20.51
N CYS C 280 3.06 -15.00 20.06
CA CYS C 280 2.68 -15.74 18.86
C CYS C 280 1.46 -16.63 19.10
N ALA C 281 1.23 -17.04 20.35
CA ALA C 281 0.08 -17.88 20.64
C ALA C 281 -1.23 -17.14 20.46
N LYS C 282 -1.21 -15.81 20.58
CA LYS C 282 -2.43 -15.02 20.43
C LYS C 282 -2.74 -14.68 18.97
N MET C 283 -1.84 -14.99 18.05
CA MET C 283 -1.95 -14.58 16.65
C MET C 283 -2.28 -15.76 15.75
N PRO C 284 -2.88 -15.49 14.59
CA PRO C 284 -3.14 -16.57 13.62
C PRO C 284 -1.86 -17.04 12.98
N ALA C 285 -1.91 -18.26 12.42
CA ALA C 285 -0.75 -18.88 11.80
C ALA C 285 -0.61 -18.52 10.32
N TYR C 286 -1.44 -17.62 9.80
CA TYR C 286 -1.24 -17.07 8.46
C TYR C 286 -1.25 -15.55 8.54
N CYS C 287 -0.52 -14.93 7.61
CA CYS C 287 -0.40 -13.49 7.51
C CYS C 287 -0.20 -13.15 6.04
N PRO C 288 -0.93 -12.17 5.50
CA PRO C 288 -0.73 -11.81 4.09
C PRO C 288 0.66 -11.25 3.85
N CYS C 289 1.08 -11.33 2.60
CA CYS C 289 2.38 -10.81 2.18
C CYS C 289 2.24 -9.38 1.71
N GLU C 290 3.13 -8.50 2.17
CA GLU C 290 3.17 -7.13 1.69
C GLU C 290 3.80 -7.11 0.30
N ARG C 291 3.08 -6.57 -0.68
CA ARG C 291 3.58 -6.47 -2.04
C ARG C 291 4.68 -5.42 -2.10
N MET C 292 5.91 -5.85 -2.34
CA MET C 292 7.09 -5.00 -2.28
C MET C 292 7.59 -4.68 -3.69
N ALA C 293 8.05 -3.45 -3.87
CA ALA C 293 8.74 -3.10 -5.10
C ALA C 293 10.09 -3.82 -5.15
N SER C 294 10.60 -3.98 -6.38
CA SER C 294 11.88 -4.65 -6.55
CA SER C 294 11.89 -4.65 -6.56
C SER C 294 13.01 -3.92 -5.83
N GLU C 295 12.90 -2.60 -5.69
CA GLU C 295 13.95 -1.79 -5.09
C GLU C 295 13.63 -1.34 -3.67
N ASP C 296 12.58 -1.88 -3.05
CA ASP C 296 12.36 -1.62 -1.65
C ASP C 296 13.44 -2.32 -0.83
N PRO C 297 13.93 -1.69 0.24
CA PRO C 297 15.01 -2.31 1.02
C PRO C 297 14.56 -3.60 1.68
N LEU C 298 15.41 -4.62 1.61
CA LEU C 298 15.12 -5.89 2.27
C LEU C 298 15.75 -5.95 3.67
N PHE C 299 17.02 -5.59 3.79
CA PHE C 299 17.67 -5.63 5.09
C PHE C 299 18.87 -4.70 5.13
N ILE C 300 19.19 -4.28 6.36
CA ILE C 300 20.45 -3.62 6.68
C ILE C 300 21.33 -4.63 7.39
N LEU C 301 22.61 -4.67 7.02
CA LEU C 301 23.57 -5.57 7.67
C LEU C 301 24.88 -4.82 7.87
N TYR C 302 25.28 -4.67 9.13
CA TYR C 302 26.50 -3.95 9.44
C TYR C 302 27.71 -4.87 9.30
N THR C 303 28.78 -4.33 8.71
CA THR C 303 29.99 -5.09 8.47
C THR C 303 30.78 -5.30 9.76
N SER C 304 31.84 -6.09 9.65
CA SER C 304 32.73 -6.35 10.79
C SER C 304 33.66 -5.18 11.02
N LYS C 309 33.28 3.93 12.31
CA LYS C 309 31.85 3.77 12.49
C LYS C 309 31.34 2.51 11.79
N PRO C 310 30.27 1.92 12.32
CA PRO C 310 29.69 0.74 11.66
C PRO C 310 29.07 1.11 10.33
N LYS C 311 29.27 0.25 9.34
CA LYS C 311 28.83 0.48 7.96
C LYS C 311 27.62 -0.39 7.67
N GLY C 312 26.44 0.21 7.67
CA GLY C 312 25.20 -0.51 7.43
C GLY C 312 24.90 -0.72 5.96
N VAL C 313 25.23 -1.91 5.45
CA VAL C 313 25.06 -2.20 4.03
C VAL C 313 23.60 -2.56 3.77
N VAL C 314 23.00 -1.88 2.80
CA VAL C 314 21.59 -2.04 2.47
C VAL C 314 21.45 -2.85 1.18
N HIS C 315 20.48 -3.76 1.17
CA HIS C 315 20.17 -4.57 -0.01
C HIS C 315 18.71 -4.43 -0.37
N SER C 316 18.43 -4.39 -1.67
CA SER C 316 17.06 -4.35 -2.17
C SER C 316 16.49 -5.77 -2.23
N THR C 317 15.28 -5.90 -2.75
CA THR C 317 14.54 -7.15 -2.62
C THR C 317 14.79 -8.10 -3.79
N ALA C 318 14.46 -7.67 -5.00
CA ALA C 318 14.44 -8.59 -6.12
C ALA C 318 15.84 -8.95 -6.60
N GLY C 319 16.70 -7.95 -6.78
CA GLY C 319 18.04 -8.23 -7.27
C GLY C 319 18.84 -9.11 -6.33
N TYR C 320 18.81 -8.79 -5.03
CA TYR C 320 19.52 -9.61 -4.05
C TYR C 320 18.97 -11.04 -4.04
N LEU C 321 17.65 -11.18 -3.99
CA LEU C 321 17.05 -12.50 -3.92
C LEU C 321 17.36 -13.32 -5.17
N LEU C 322 17.32 -12.68 -6.34
CA LEU C 322 17.66 -13.38 -7.57
C LEU C 322 19.13 -13.79 -7.60
N GLY C 323 20.00 -12.94 -7.07
CA GLY C 323 21.43 -13.26 -7.04
C GLY C 323 21.75 -14.42 -6.12
N THR C 324 21.13 -14.44 -4.93
CA THR C 324 21.37 -15.54 -4.00
C THR C 324 20.81 -16.85 -4.55
N ALA C 325 19.69 -16.79 -5.25
CA ALA C 325 19.09 -18.00 -5.82
C ALA C 325 19.93 -18.53 -6.97
N LEU C 326 20.37 -17.66 -7.87
CA LEU C 326 21.15 -18.10 -9.02
C LEU C 326 22.52 -18.61 -8.60
N THR C 327 23.17 -17.93 -7.66
CA THR C 327 24.49 -18.37 -7.21
C THR C 327 24.42 -19.73 -6.53
N LEU C 328 23.49 -19.90 -5.59
CA LEU C 328 23.37 -21.17 -4.89
C LEU C 328 23.09 -22.31 -5.87
N LYS C 329 22.24 -22.06 -6.87
CA LYS C 329 21.89 -23.12 -7.81
C LYS C 329 23.09 -23.55 -8.65
N TYR C 330 23.94 -22.60 -9.05
CA TYR C 330 25.02 -22.92 -9.99
C TYR C 330 26.39 -23.06 -9.32
N VAL C 331 26.67 -22.31 -8.26
CA VAL C 331 27.97 -22.42 -7.61
C VAL C 331 28.06 -23.74 -6.83
N PHE C 332 26.96 -24.18 -6.24
CA PHE C 332 26.93 -25.42 -5.48
C PHE C 332 26.15 -26.53 -6.15
N ASP C 333 25.62 -26.28 -7.35
CA ASP C 333 24.86 -27.28 -8.12
C ASP C 333 23.75 -27.90 -7.27
N ALA C 334 22.78 -27.05 -6.93
CA ALA C 334 21.68 -27.44 -6.08
C ALA C 334 20.56 -28.08 -6.89
N HIS C 335 19.96 -29.12 -6.34
CA HIS C 335 18.88 -29.88 -6.95
C HIS C 335 17.77 -30.07 -5.94
N PRO C 336 16.53 -30.28 -6.40
CA PRO C 336 15.37 -30.13 -5.50
C PRO C 336 15.43 -30.91 -4.19
N ASP C 337 16.15 -32.03 -4.15
CA ASP C 337 16.20 -32.86 -2.96
C ASP C 337 17.52 -32.76 -2.22
N ASP C 338 18.34 -31.75 -2.52
CA ASP C 338 19.60 -31.58 -1.83
C ASP C 338 19.38 -31.08 -0.41
N ARG C 339 20.38 -31.32 0.44
CA ARG C 339 20.37 -30.89 1.84
C ARG C 339 21.60 -30.03 2.04
N PHE C 340 21.46 -28.73 1.81
CA PHE C 340 22.57 -27.79 1.84
C PHE C 340 22.94 -27.46 3.28
N ALA C 341 24.24 -27.50 3.58
CA ALA C 341 24.75 -27.32 4.95
C ALA C 341 25.78 -26.21 4.97
N CYS C 342 25.33 -24.98 5.24
CA CYS C 342 26.21 -23.85 5.49
C CYS C 342 26.31 -23.64 6.99
N MET C 343 27.52 -23.75 7.53
CA MET C 343 27.74 -23.73 8.97
C MET C 343 28.05 -22.33 9.50
N ALA C 344 27.74 -21.29 8.72
CA ALA C 344 28.01 -19.93 9.15
C ALA C 344 26.94 -19.46 10.13
N ASP C 345 27.05 -18.20 10.54
CA ASP C 345 26.11 -17.58 11.46
C ASP C 345 25.26 -16.57 10.70
N ILE C 346 23.96 -16.51 11.02
CA ILE C 346 23.05 -15.62 10.32
C ILE C 346 23.35 -14.15 10.55
N GLY C 347 24.27 -13.84 11.48
CA GLY C 347 24.73 -12.47 11.63
C GLY C 347 25.68 -12.00 10.55
N TRP C 348 26.12 -12.92 9.69
CA TRP C 348 27.04 -12.58 8.62
CA TRP C 348 27.07 -12.66 8.62
C TRP C 348 26.37 -12.77 7.28
N ILE C 349 26.90 -12.04 6.27
CA ILE C 349 26.30 -12.06 4.94
C ILE C 349 26.27 -13.46 4.37
N THR C 350 27.17 -14.34 4.83
CA THR C 350 27.11 -15.74 4.40
C THR C 350 25.84 -16.41 4.89
N GLY C 351 25.41 -16.08 6.11
CA GLY C 351 24.18 -16.66 6.63
C GLY C 351 22.94 -16.10 5.95
N HIS C 352 22.93 -14.80 5.67
CA HIS C 352 21.81 -14.19 4.96
C HIS C 352 21.59 -14.87 3.61
N SER C 353 22.64 -14.98 2.81
CA SER C 353 22.50 -15.38 1.42
C SER C 353 22.52 -16.89 1.20
N TYR C 354 23.19 -17.65 2.06
CA TYR C 354 23.40 -19.07 1.78
C TYR C 354 23.01 -19.97 2.94
N ILE C 355 22.24 -19.44 3.90
CA ILE C 355 21.49 -20.26 4.85
C ILE C 355 19.99 -20.03 4.70
N ILE C 356 19.58 -18.77 4.61
CA ILE C 356 18.16 -18.42 4.59
C ILE C 356 17.70 -18.13 3.17
N TYR C 357 18.10 -16.99 2.61
CA TYR C 357 17.44 -16.49 1.41
C TYR C 357 17.73 -17.36 0.20
N GLY C 358 19.00 -17.69 -0.04
CA GLY C 358 19.38 -18.51 -1.16
C GLY C 358 18.71 -19.87 -1.16
N PRO C 359 18.99 -20.69 -0.14
CA PRO C 359 18.43 -22.05 -0.12
C PRO C 359 16.90 -22.09 -0.08
N LEU C 360 16.27 -21.25 0.74
CA LEU C 360 14.81 -21.32 0.86
C LEU C 360 14.11 -20.80 -0.39
N ALA C 361 14.74 -19.89 -1.13
CA ALA C 361 14.14 -19.44 -2.38
C ALA C 361 14.10 -20.55 -3.41
N ASN C 362 15.12 -21.42 -3.43
CA ASN C 362 15.15 -22.55 -4.35
C ASN C 362 14.31 -23.71 -3.88
N GLY C 363 13.76 -23.65 -2.67
CA GLY C 363 12.90 -24.71 -2.17
C GLY C 363 13.60 -25.93 -1.63
N ILE C 364 14.92 -25.89 -1.47
CA ILE C 364 15.67 -27.04 -0.99
C ILE C 364 15.75 -27.01 0.53
N THR C 365 16.43 -27.99 1.11
CA THR C 365 16.63 -28.06 2.54
C THR C 365 17.93 -27.37 2.93
N THR C 366 17.89 -26.64 4.03
CA THR C 366 19.04 -25.89 4.51
C THR C 366 19.31 -26.22 5.97
N ALA C 367 20.55 -26.01 6.40
CA ALA C 367 20.99 -26.35 7.74
C ALA C 367 21.22 -25.09 8.55
N VAL C 368 20.82 -25.14 9.83
CA VAL C 368 21.07 -24.07 10.79
C VAL C 368 21.90 -24.70 11.91
N PHE C 369 23.20 -24.43 11.90
CA PHE C 369 24.14 -25.05 12.82
C PHE C 369 24.36 -24.14 14.02
N GLU C 370 23.85 -24.54 15.18
CA GLU C 370 23.88 -23.73 16.38
C GLU C 370 25.20 -23.84 17.15
N SER C 371 26.03 -24.83 16.84
CA SER C 371 27.21 -25.15 17.63
C SER C 371 28.48 -24.69 16.93
N THR C 372 29.62 -25.17 17.43
CA THR C 372 30.95 -24.91 16.91
C THR C 372 31.53 -26.16 16.26
N PRO C 373 32.57 -26.00 15.43
CA PRO C 373 33.18 -27.19 14.81
C PRO C 373 33.81 -28.16 15.80
N VAL C 374 34.20 -27.71 16.99
CA VAL C 374 34.96 -28.53 17.91
C VAL C 374 34.12 -28.91 19.14
N TYR C 375 32.80 -28.77 19.08
CA TYR C 375 31.95 -29.13 20.20
C TYR C 375 30.95 -30.20 19.79
N PRO C 376 30.80 -31.28 20.57
CA PRO C 376 31.62 -31.57 21.76
C PRO C 376 33.02 -32.07 21.39
N THR C 377 33.21 -32.54 20.16
CA THR C 377 34.50 -33.00 19.67
C THR C 377 34.78 -32.36 18.32
N PRO C 378 36.04 -32.37 17.86
CA PRO C 378 36.32 -31.87 16.50
C PRO C 378 35.71 -32.70 15.37
N SER C 379 34.97 -33.76 15.67
CA SER C 379 34.28 -34.54 14.64
C SER C 379 32.85 -34.07 14.39
N ARG C 380 32.47 -32.92 14.96
CA ARG C 380 31.06 -32.50 14.92
C ARG C 380 30.59 -32.25 13.48
N TYR C 381 31.42 -31.58 12.68
CA TYR C 381 31.08 -31.38 11.28
C TYR C 381 30.80 -32.72 10.59
N TRP C 382 31.61 -33.74 10.88
CA TRP C 382 31.53 -34.98 10.14
C TRP C 382 30.44 -35.90 10.69
N ASP C 383 30.22 -35.87 12.00
CA ASP C 383 29.04 -36.52 12.56
C ASP C 383 27.76 -35.92 12.00
N PHE C 384 27.75 -34.59 11.83
CA PHE C 384 26.58 -33.92 11.26
C PHE C 384 26.35 -34.33 9.81
N VAL C 385 27.43 -34.38 9.01
CA VAL C 385 27.29 -34.69 7.59
C VAL C 385 26.68 -36.06 7.39
N ASP C 386 27.08 -37.04 8.20
CA ASP C 386 26.57 -38.39 8.05
C ASP C 386 25.23 -38.60 8.73
N LYS C 387 24.88 -37.81 9.74
CA LYS C 387 23.60 -37.97 10.40
C LYS C 387 22.45 -37.49 9.52
N TRP C 388 22.67 -36.47 8.70
CA TRP C 388 21.64 -35.92 7.85
C TRP C 388 21.89 -36.14 6.36
N LYS C 389 23.03 -36.74 6.01
CA LYS C 389 23.40 -36.98 4.61
C LYS C 389 23.42 -35.66 3.82
N ALA C 390 24.26 -34.74 4.29
CA ALA C 390 24.38 -33.44 3.65
C ALA C 390 25.01 -33.57 2.27
N THR C 391 24.46 -32.86 1.30
CA THR C 391 24.96 -32.91 -0.08
C THR C 391 26.01 -31.85 -0.36
N GLN C 392 26.01 -30.73 0.38
CA GLN C 392 27.02 -29.70 0.23
C GLN C 392 27.41 -29.19 1.61
N LEU C 393 28.63 -28.68 1.72
CA LEU C 393 29.14 -28.09 2.95
C LEU C 393 29.78 -26.74 2.63
N TYR C 394 29.37 -25.72 3.35
CA TYR C 394 29.84 -24.35 3.15
C TYR C 394 30.38 -23.84 4.48
N THR C 395 31.68 -23.53 4.53
CA THR C 395 32.31 -23.07 5.75
C THR C 395 33.43 -22.09 5.40
N ALA C 396 34.20 -21.69 6.41
CA ALA C 396 35.24 -20.68 6.30
C ALA C 396 36.62 -21.29 6.50
N PRO C 397 37.67 -20.67 5.95
CA PRO C 397 39.03 -21.23 6.15
C PRO C 397 39.46 -21.30 7.60
N THR C 398 38.98 -20.40 8.45
CA THR C 398 39.35 -20.44 9.87
C THR C 398 38.83 -21.70 10.54
N ALA C 399 37.68 -22.22 10.08
CA ALA C 399 37.18 -23.48 10.61
C ALA C 399 37.94 -24.67 10.02
N ILE C 400 38.42 -24.54 8.78
CA ILE C 400 39.18 -25.62 8.15
C ILE C 400 40.53 -25.78 8.83
N ARG C 401 41.24 -24.66 9.04
CA ARG C 401 42.52 -24.73 9.73
C ARG C 401 42.36 -25.14 11.18
N LEU C 402 41.20 -24.84 11.79
CA LEU C 402 40.95 -25.28 13.16
C LEU C 402 40.82 -26.80 13.24
N LEU C 403 40.08 -27.40 12.30
CA LEU C 403 39.95 -28.85 12.31
C LEU C 403 41.24 -29.54 11.86
N ARG C 404 41.98 -28.91 10.94
CA ARG C 404 43.30 -29.40 10.60
C ARG C 404 44.24 -29.39 11.80
N ARG C 405 43.97 -28.49 12.76
CA ARG C 405 44.80 -28.39 13.95
C ARG C 405 44.61 -29.59 14.86
N MET C 406 43.39 -30.13 14.93
CA MET C 406 43.05 -31.18 15.88
C MET C 406 43.41 -32.58 15.38
N GLY C 407 44.01 -32.70 14.20
CA GLY C 407 44.41 -33.99 13.69
C GLY C 407 43.33 -34.67 12.86
N GLU C 408 43.77 -35.62 12.05
CA GLU C 408 42.88 -36.35 11.15
C GLU C 408 42.15 -37.50 11.81
N ASP C 409 42.28 -37.65 13.13
CA ASP C 409 41.61 -38.75 13.82
C ASP C 409 40.10 -38.57 13.84
N HIS C 410 39.63 -37.33 13.86
CA HIS C 410 38.20 -37.05 13.90
C HIS C 410 37.56 -37.03 12.51
N VAL C 411 38.33 -37.22 11.44
CA VAL C 411 37.80 -37.17 10.09
C VAL C 411 37.94 -38.48 9.34
N LYS C 412 38.88 -39.35 9.74
CA LYS C 412 39.17 -40.54 8.95
C LYS C 412 37.99 -41.50 8.94
N ASN C 413 37.60 -41.99 10.12
CA ASN C 413 36.57 -43.02 10.20
C ASN C 413 35.16 -42.44 10.03
N HIS C 414 34.95 -41.71 8.94
CA HIS C 414 33.64 -41.16 8.61
C HIS C 414 33.29 -41.50 7.17
N ASP C 415 32.00 -41.43 6.86
CA ASP C 415 31.54 -41.72 5.50
C ASP C 415 31.70 -40.51 4.60
N LEU C 416 30.90 -39.47 4.84
CA LEU C 416 30.93 -38.19 4.13
C LEU C 416 30.71 -38.33 2.63
N SER C 417 30.19 -39.47 2.17
CA SER C 417 30.05 -39.71 0.74
C SER C 417 28.83 -39.02 0.14
N SER C 418 27.86 -38.61 0.96
CA SER C 418 26.70 -37.90 0.44
C SER C 418 27.06 -36.51 -0.09
N LEU C 419 28.17 -35.94 0.36
CA LEU C 419 28.62 -34.63 -0.09
C LEU C 419 29.07 -34.68 -1.55
N ARG C 420 29.03 -33.53 -2.21
CA ARG C 420 29.41 -33.48 -3.61
C ARG C 420 30.24 -32.23 -3.83
N VAL C 421 29.92 -31.16 -3.10
CA VAL C 421 30.59 -29.88 -3.24
C VAL C 421 30.93 -29.33 -1.86
N LEU C 422 32.18 -28.96 -1.68
CA LEU C 422 32.66 -28.30 -0.47
C LEU C 422 33.04 -26.86 -0.78
N GLY C 423 32.63 -25.94 0.09
CA GLY C 423 32.78 -24.52 -0.16
C GLY C 423 33.58 -23.82 0.93
N SER C 424 34.28 -22.76 0.54
CA SER C 424 35.08 -21.95 1.45
C SER C 424 34.83 -20.48 1.16
N VAL C 425 34.72 -19.68 2.21
CA VAL C 425 34.35 -18.27 2.09
C VAL C 425 34.88 -17.50 3.29
N GLY C 426 35.34 -16.28 3.06
CA GLY C 426 35.70 -15.39 4.14
C GLY C 426 37.09 -14.81 4.03
N GLU C 427 38.01 -15.60 3.47
CA GLU C 427 39.42 -15.21 3.38
C GLU C 427 40.09 -16.09 2.35
N PRO C 428 41.30 -15.74 1.92
CA PRO C 428 42.06 -16.66 1.05
C PRO C 428 42.32 -17.97 1.76
N ILE C 429 41.99 -19.07 1.08
CA ILE C 429 42.22 -20.40 1.62
C ILE C 429 43.61 -20.84 1.17
N ASN C 430 44.50 -21.03 2.14
CA ASN C 430 45.86 -21.44 1.82
C ASN C 430 45.84 -22.81 1.15
N PRO C 431 46.70 -23.06 0.16
CA PRO C 431 46.72 -24.37 -0.50
C PRO C 431 46.91 -25.53 0.47
N GLU C 432 47.64 -25.33 1.57
CA GLU C 432 47.78 -26.39 2.56
C GLU C 432 46.43 -26.74 3.17
N ALA C 433 45.66 -25.72 3.57
CA ALA C 433 44.31 -25.98 4.05
C ALA C 433 43.39 -26.45 2.93
N TRP C 434 43.67 -26.03 1.69
CA TRP C 434 42.87 -26.49 0.56
C TRP C 434 43.01 -27.99 0.37
N HIS C 435 44.22 -28.52 0.49
CA HIS C 435 44.44 -29.94 0.30
C HIS C 435 43.83 -30.76 1.44
N TRP C 436 43.93 -30.26 2.67
CA TRP C 436 43.32 -30.95 3.81
C TRP C 436 41.81 -31.07 3.61
N TYR C 437 41.17 -29.97 3.20
CA TYR C 437 39.75 -29.99 2.87
C TYR C 437 39.46 -31.07 1.82
N ASN C 438 40.27 -31.11 0.76
CA ASN C 438 40.01 -32.00 -0.36
C ASN C 438 40.30 -33.45 -0.01
N ASP C 439 41.19 -33.70 0.95
CA ASP C 439 41.62 -35.06 1.26
C ASP C 439 40.75 -35.75 2.30
N PHE C 440 40.35 -35.03 3.35
CA PHE C 440 39.64 -35.66 4.46
C PHE C 440 38.16 -35.33 4.49
N ALA C 441 37.77 -34.14 4.05
CA ALA C 441 36.34 -33.82 4.01
C ALA C 441 35.69 -34.36 2.74
N GLY C 442 36.40 -34.33 1.62
CA GLY C 442 35.85 -34.78 0.36
C GLY C 442 36.39 -36.11 -0.12
N LYS C 443 37.49 -36.57 0.50
CA LYS C 443 38.14 -37.83 0.13
C LYS C 443 38.50 -37.86 -1.36
N ASN C 444 38.96 -36.70 -1.85
CA ASN C 444 39.38 -36.53 -3.25
C ASN C 444 38.24 -36.86 -4.22
N GLN C 445 37.00 -36.69 -3.78
CA GLN C 445 35.84 -36.96 -4.61
C GLN C 445 34.84 -35.82 -4.66
N CYS C 446 35.02 -34.77 -3.87
CA CYS C 446 34.16 -33.60 -3.89
C CYS C 446 34.84 -32.46 -4.64
N ALA C 447 34.02 -31.64 -5.31
CA ALA C 447 34.52 -30.43 -5.92
C ALA C 447 34.65 -29.34 -4.88
N ILE C 448 35.74 -28.57 -4.96
CA ILE C 448 36.03 -27.52 -3.99
C ILE C 448 35.77 -26.18 -4.67
N VAL C 449 34.80 -25.43 -4.15
CA VAL C 449 34.46 -24.11 -4.66
C VAL C 449 35.00 -23.07 -3.68
N ASP C 450 35.98 -22.29 -4.13
CA ASP C 450 36.47 -21.13 -3.38
C ASP C 450 35.64 -19.93 -3.80
N THR C 451 34.75 -19.48 -2.93
CA THR C 451 33.78 -18.44 -3.25
C THR C 451 34.28 -17.11 -2.71
N TYR C 452 34.62 -16.20 -3.62
CA TYR C 452 35.01 -14.85 -3.27
C TYR C 452 33.84 -13.90 -3.48
N TRP C 453 33.50 -13.13 -2.45
CA TRP C 453 32.47 -12.10 -2.53
C TRP C 453 32.50 -11.32 -1.22
N MET C 454 31.75 -10.22 -1.19
CA MET C 454 31.71 -9.34 -0.04
C MET C 454 30.26 -9.15 0.40
N THR C 455 30.10 -8.57 1.59
CA THR C 455 28.77 -8.17 2.05
C THR C 455 28.13 -7.20 1.06
N GLU C 456 28.93 -6.31 0.47
CA GLU C 456 28.42 -5.33 -0.48
C GLU C 456 28.07 -5.94 -1.84
N THR C 457 28.51 -7.15 -2.13
CA THR C 457 28.14 -7.79 -3.39
C THR C 457 26.84 -8.58 -3.31
N GLY C 458 26.36 -8.87 -2.11
CA GLY C 458 25.15 -9.69 -1.94
C GLY C 458 25.22 -11.18 -2.24
N SER C 459 25.81 -11.56 -3.37
CA SER C 459 25.96 -12.95 -3.75
C SER C 459 27.39 -13.20 -4.21
N ILE C 460 27.70 -14.48 -4.43
CA ILE C 460 29.06 -14.88 -4.75
C ILE C 460 29.49 -14.25 -6.06
N SER C 461 30.65 -13.59 -6.04
CA SER C 461 31.16 -12.87 -7.21
C SER C 461 32.02 -13.74 -8.10
N ILE C 462 33.03 -14.39 -7.55
CA ILE C 462 33.96 -15.24 -8.29
C ILE C 462 34.04 -16.59 -7.61
N ALA C 463 33.79 -17.66 -8.36
CA ALA C 463 33.79 -19.02 -7.84
C ALA C 463 33.79 -20.02 -8.99
N PRO C 464 34.28 -21.23 -8.78
CA PRO C 464 34.22 -22.24 -9.85
C PRO C 464 32.86 -22.90 -9.91
N LEU C 465 32.37 -23.07 -11.13
CA LEU C 465 31.19 -23.90 -11.32
C LEU C 465 31.60 -25.37 -11.20
N PRO C 466 31.10 -26.10 -10.20
CA PRO C 466 31.75 -27.37 -9.82
C PRO C 466 31.64 -28.45 -10.88
N GLY C 467 30.64 -28.42 -11.75
CA GLY C 467 30.52 -29.39 -12.81
C GLY C 467 31.25 -29.05 -14.09
N ALA C 468 32.01 -27.97 -14.11
CA ALA C 468 32.64 -27.50 -15.35
C ALA C 468 34.01 -26.88 -15.20
N ILE C 469 34.46 -26.53 -13.99
CA ILE C 469 35.71 -25.80 -13.80
C ILE C 469 36.70 -26.72 -13.09
N SER C 470 37.92 -26.78 -13.63
CA SER C 470 39.02 -27.50 -12.99
C SER C 470 39.72 -26.55 -12.03
N THR C 471 39.75 -26.91 -10.75
CA THR C 471 40.15 -25.99 -9.70
C THR C 471 41.65 -26.04 -9.44
N LYS C 472 42.19 -24.89 -9.05
CA LYS C 472 43.54 -24.76 -8.52
C LYS C 472 43.46 -24.41 -7.04
N PRO C 473 44.24 -25.06 -6.18
CA PRO C 473 44.16 -24.77 -4.74
C PRO C 473 44.45 -23.31 -4.43
N GLY C 474 43.44 -22.62 -3.92
CA GLY C 474 43.57 -21.23 -3.52
C GLY C 474 43.05 -20.21 -4.51
N SER C 475 42.56 -20.64 -5.66
CA SER C 475 42.09 -19.73 -6.70
C SER C 475 40.57 -19.70 -6.73
N ALA C 476 40.02 -18.51 -6.98
CA ALA C 476 38.57 -18.33 -7.13
C ALA C 476 38.11 -18.61 -8.55
N THR C 477 39.04 -18.90 -9.46
CA THR C 477 38.76 -19.28 -10.85
C THR C 477 38.10 -18.10 -11.56
N PHE C 478 36.85 -18.20 -12.01
CA PHE C 478 36.31 -17.26 -12.97
C PHE C 478 35.06 -16.56 -12.43
N PRO C 479 34.76 -15.35 -12.91
CA PRO C 479 33.63 -14.61 -12.36
C PRO C 479 32.30 -15.29 -12.64
N PHE C 480 31.33 -15.02 -11.78
CA PHE C 480 29.99 -15.60 -11.89
C PHE C 480 29.19 -14.86 -12.98
N PHE C 481 28.05 -15.44 -13.32
CA PHE C 481 27.09 -14.80 -14.22
C PHE C 481 26.81 -13.37 -13.80
N GLY C 482 26.84 -12.46 -14.76
CA GLY C 482 26.59 -11.05 -14.50
C GLY C 482 27.75 -10.29 -13.92
N MET C 483 28.83 -10.96 -13.55
CA MET C 483 30.02 -10.31 -13.00
C MET C 483 31.08 -10.19 -14.10
N ASP C 484 31.51 -8.96 -14.36
CA ASP C 484 32.54 -8.67 -15.36
C ASP C 484 33.65 -7.92 -14.65
N VAL C 485 34.65 -8.65 -14.16
CA VAL C 485 35.72 -8.07 -13.36
C VAL C 485 36.94 -7.83 -14.23
N ASP C 486 37.74 -6.84 -13.84
CA ASP C 486 38.97 -6.49 -14.53
C ASP C 486 40.03 -6.09 -13.52
N ILE C 487 41.27 -6.05 -13.96
CA ILE C 487 42.41 -5.72 -13.13
C ILE C 487 42.89 -4.32 -13.50
N ILE C 488 43.10 -3.47 -12.50
CA ILE C 488 43.55 -2.10 -12.70
C ILE C 488 44.87 -1.92 -11.95
N ASP C 489 45.87 -1.39 -12.65
CA ASP C 489 47.09 -0.94 -11.99
C ASP C 489 46.75 0.26 -11.12
N PRO C 490 46.87 0.17 -9.80
CA PRO C 490 46.54 1.32 -8.95
C PRO C 490 47.48 2.50 -9.14
N GLN C 491 48.70 2.25 -9.60
CA GLN C 491 49.66 3.34 -9.79
C GLN C 491 49.28 4.22 -10.98
N THR C 492 48.59 3.65 -11.98
CA THR C 492 48.18 4.40 -13.15
C THR C 492 46.67 4.58 -13.27
N GLY C 493 45.88 3.80 -12.55
CA GLY C 493 44.44 3.86 -12.66
C GLY C 493 43.86 3.28 -13.93
N GLN C 494 44.71 2.82 -14.85
CA GLN C 494 44.25 2.22 -16.09
C GLN C 494 44.10 0.72 -15.95
N VAL C 495 43.29 0.14 -16.83
CA VAL C 495 42.98 -1.28 -16.78
C VAL C 495 44.05 -2.06 -17.54
N LEU C 496 44.45 -3.21 -16.98
CA LEU C 496 45.47 -4.05 -17.56
C LEU C 496 44.79 -5.19 -18.32
N GLU C 497 44.97 -5.21 -19.63
CA GLU C 497 44.32 -6.19 -20.49
C GLU C 497 45.18 -7.45 -20.60
N GLY C 498 44.51 -8.56 -20.92
CA GLY C 498 45.19 -9.82 -21.12
C GLY C 498 45.28 -10.65 -19.85
N ASN C 499 46.21 -11.59 -19.87
CA ASN C 499 46.46 -12.49 -18.76
C ASN C 499 47.86 -12.23 -18.18
N ASP C 500 48.19 -12.97 -17.13
CA ASP C 500 49.44 -12.78 -16.39
C ASP C 500 49.58 -11.35 -15.87
N VAL C 501 48.47 -10.80 -15.37
CA VAL C 501 48.42 -9.45 -14.85
C VAL C 501 48.10 -9.50 -13.36
N GLU C 502 48.32 -8.37 -12.69
CA GLU C 502 48.13 -8.29 -11.24
C GLU C 502 47.85 -6.85 -10.86
N GLY C 503 46.95 -6.66 -9.90
CA GLY C 503 46.59 -5.35 -9.43
C GLY C 503 45.43 -5.35 -8.46
N VAL C 504 44.50 -4.40 -8.61
CA VAL C 504 43.32 -4.33 -7.77
C VAL C 504 42.12 -4.81 -8.58
N LEU C 505 41.13 -5.34 -7.88
CA LEU C 505 39.95 -5.92 -8.53
C LEU C 505 38.84 -4.89 -8.63
N VAL C 506 38.28 -4.75 -9.83
CA VAL C 506 37.18 -3.82 -10.08
C VAL C 506 36.16 -4.50 -10.98
N ALA C 507 34.90 -4.09 -10.85
CA ALA C 507 33.82 -4.57 -11.70
C ALA C 507 33.40 -3.47 -12.67
N ARG C 508 33.05 -3.87 -13.89
CA ARG C 508 32.79 -2.88 -14.94
C ARG C 508 31.35 -2.37 -14.90
N ARG C 509 30.39 -3.24 -14.62
CA ARG C 509 28.97 -2.90 -14.66
C ARG C 509 28.30 -3.43 -13.40
N PRO C 510 27.17 -2.84 -13.01
CA PRO C 510 26.44 -3.34 -11.84
C PRO C 510 25.88 -4.74 -12.09
N TRP C 511 25.60 -5.43 -10.99
CA TRP C 511 24.95 -6.73 -11.00
C TRP C 511 23.71 -6.67 -10.11
N PRO C 512 22.76 -7.58 -10.31
CA PRO C 512 21.47 -7.44 -9.60
C PRO C 512 21.58 -7.40 -8.08
N SER C 513 22.48 -8.18 -7.48
CA SER C 513 22.53 -8.32 -6.03
C SER C 513 23.49 -7.32 -5.38
N ILE C 514 23.94 -6.29 -6.10
CA ILE C 514 24.87 -5.33 -5.51
C ILE C 514 24.17 -4.52 -4.44
N ALA C 515 24.93 -4.13 -3.42
CA ALA C 515 24.39 -3.26 -2.38
C ALA C 515 23.99 -1.92 -2.98
N ARG C 516 22.82 -1.41 -2.57
CA ARG C 516 22.29 -0.20 -3.16
C ARG C 516 22.78 1.07 -2.47
N THR C 517 23.10 1.00 -1.17
CA THR C 517 23.57 2.15 -0.42
C THR C 517 24.15 1.67 0.90
N VAL C 518 24.69 2.62 1.66
CA VAL C 518 25.01 2.43 3.07
C VAL C 518 24.02 3.26 3.87
N TYR C 519 23.36 2.64 4.84
CA TYR C 519 22.15 3.20 5.44
C TYR C 519 22.36 4.61 5.96
N ARG C 520 21.60 5.54 5.40
CA ARG C 520 21.63 6.96 5.79
C ARG C 520 23.02 7.55 5.65
N ASP C 521 23.82 7.00 4.74
CA ASP C 521 25.18 7.49 4.50
C ASP C 521 25.62 7.19 3.07
N HIS C 522 24.91 7.74 2.10
CA HIS C 522 25.19 7.44 0.70
C HIS C 522 26.55 8.00 0.27
N LYS C 523 27.00 9.09 0.90
CA LYS C 523 28.28 9.67 0.54
C LYS C 523 29.42 8.71 0.85
N ARG C 524 29.34 8.02 1.99
CA ARG C 524 30.34 6.99 2.30
C ARG C 524 30.27 5.82 1.34
N TYR C 525 29.06 5.49 0.87
CA TYR C 525 28.90 4.43 -0.13
C TYR C 525 29.57 4.80 -1.44
N LEU C 526 29.39 6.05 -1.89
CA LEU C 526 30.03 6.48 -3.12
C LEU C 526 31.54 6.63 -2.97
N GLU C 527 31.98 7.18 -1.84
CA GLU C 527 33.41 7.44 -1.65
C GLU C 527 34.20 6.16 -1.46
N THR C 528 33.61 5.14 -0.82
CA THR C 528 34.36 3.92 -0.54
C THR C 528 34.45 3.02 -1.76
N TYR C 529 33.37 2.90 -2.53
CA TYR C 529 33.31 1.91 -3.61
C TYR C 529 33.35 2.51 -5.01
N MET C 530 32.78 3.71 -5.21
CA MET C 530 32.59 4.23 -6.56
C MET C 530 33.60 5.29 -6.95
N LYS C 531 34.08 6.09 -6.00
CA LYS C 531 35.03 7.17 -6.26
C LYS C 531 36.45 6.71 -6.58
N PRO C 532 37.02 5.71 -5.89
CA PRO C 532 38.44 5.37 -6.13
C PRO C 532 38.81 5.17 -7.59
N TYR C 533 37.97 4.46 -8.35
CA TYR C 533 38.20 4.25 -9.78
C TYR C 533 36.88 4.55 -10.48
N PRO C 534 36.68 5.80 -10.91
CA PRO C 534 35.37 6.20 -11.45
C PRO C 534 34.99 5.39 -12.67
N GLY C 535 33.74 4.92 -12.67
CA GLY C 535 33.22 4.02 -13.68
C GLY C 535 33.27 2.56 -13.31
N TYR C 536 33.84 2.23 -12.15
CA TYR C 536 33.99 0.86 -11.70
C TYR C 536 33.52 0.74 -10.26
N PHE C 537 33.30 -0.50 -9.84
CA PHE C 537 33.09 -0.83 -8.43
C PHE C 537 34.42 -1.35 -7.87
N PHE C 538 34.85 -0.77 -6.75
CA PHE C 538 36.14 -1.09 -6.15
C PHE C 538 35.94 -2.00 -4.96
N PHE C 539 36.44 -3.24 -5.07
CA PHE C 539 36.26 -4.21 -4.00
C PHE C 539 37.10 -3.87 -2.77
N GLY C 540 38.32 -3.40 -2.99
CA GLY C 540 39.28 -3.23 -1.92
C GLY C 540 40.23 -4.39 -1.74
N ASP C 541 40.26 -5.33 -2.68
CA ASP C 541 41.10 -6.51 -2.61
C ASP C 541 42.11 -6.49 -3.75
N GLY C 542 43.35 -6.87 -3.45
CA GLY C 542 44.31 -7.11 -4.51
C GLY C 542 44.05 -8.43 -5.19
N ALA C 543 44.31 -8.47 -6.50
CA ALA C 543 44.01 -9.66 -7.27
C ALA C 543 44.99 -9.79 -8.44
N ALA C 544 45.07 -11.00 -8.97
CA ALA C 544 45.92 -11.30 -10.12
C ALA C 544 45.21 -12.31 -11.00
N ARG C 545 45.59 -12.31 -12.29
CA ARG C 545 44.99 -13.18 -13.29
C ARG C 545 46.13 -13.89 -14.02
N ASP C 546 46.30 -15.19 -13.76
CA ASP C 546 47.47 -15.91 -14.24
C ASP C 546 47.35 -16.19 -15.75
N TYR C 547 48.29 -16.96 -16.28
CA TYR C 547 48.34 -17.20 -17.71
C TYR C 547 47.13 -17.99 -18.20
N ASP C 548 46.52 -18.79 -17.34
CA ASP C 548 45.34 -19.56 -17.69
C ASP C 548 44.04 -18.78 -17.47
N GLY C 549 44.13 -17.47 -17.19
CA GLY C 549 42.96 -16.67 -16.93
C GLY C 549 42.35 -16.84 -15.56
N TYR C 550 42.91 -17.71 -14.72
CA TYR C 550 42.38 -17.90 -13.37
C TYR C 550 42.62 -16.66 -12.53
N MET C 551 41.60 -16.28 -11.75
CA MET C 551 41.68 -15.12 -10.88
CA MET C 551 41.69 -15.12 -10.88
C MET C 551 42.13 -15.57 -9.49
N TRP C 552 43.10 -14.85 -8.92
CA TRP C 552 43.62 -15.14 -7.59
C TRP C 552 43.39 -13.92 -6.71
N ILE C 553 42.69 -14.11 -5.60
CA ILE C 553 42.49 -13.05 -4.62
C ILE C 553 43.65 -13.08 -3.63
N LYS C 554 44.33 -11.95 -3.50
CA LYS C 554 45.60 -11.88 -2.77
C LYS C 554 45.47 -11.32 -1.37
N GLY C 555 44.34 -10.70 -1.03
CA GLY C 555 44.13 -10.10 0.26
C GLY C 555 43.66 -8.67 0.15
N ARG C 556 43.47 -8.05 1.30
CA ARG C 556 43.00 -6.67 1.35
CA ARG C 556 42.99 -6.67 1.33
C ARG C 556 44.10 -5.71 0.92
N VAL C 557 43.71 -4.67 0.17
CA VAL C 557 44.68 -3.69 -0.31
C VAL C 557 45.34 -2.98 0.85
N ASP C 558 44.59 -2.75 1.94
CA ASP C 558 45.15 -2.10 3.11
C ASP C 558 46.22 -2.96 3.80
N ASP C 559 46.26 -4.25 3.52
CA ASP C 559 47.21 -5.16 4.15
C ASP C 559 48.47 -5.36 3.31
N VAL C 560 48.64 -4.61 2.22
CA VAL C 560 49.83 -4.76 1.39
C VAL C 560 51.04 -4.17 2.11
N ILE C 561 52.15 -4.90 2.06
CA ILE C 561 53.41 -4.48 2.65
C ILE C 561 54.39 -4.18 1.52
N ASN C 562 55.03 -3.02 1.58
CA ASN C 562 55.89 -2.53 0.50
C ASN C 562 57.33 -2.53 0.99
N VAL C 563 58.09 -3.55 0.60
CA VAL C 563 59.50 -3.68 0.98
C VAL C 563 60.34 -3.26 -0.22
N SER C 564 60.84 -2.03 -0.17
CA SER C 564 61.70 -1.46 -1.22
C SER C 564 61.05 -1.60 -2.60
N GLY C 565 59.78 -1.22 -2.68
CA GLY C 565 59.04 -1.30 -3.93
C GLY C 565 58.43 -2.64 -4.23
N HIS C 566 58.63 -3.65 -3.38
CA HIS C 566 58.04 -4.97 -3.57
C HIS C 566 56.76 -5.05 -2.77
N ARG C 567 55.63 -5.14 -3.46
CA ARG C 567 54.33 -5.24 -2.80
C ARG C 567 54.06 -6.69 -2.43
N LEU C 568 53.95 -6.95 -1.12
CA LEU C 568 53.68 -8.29 -0.62
C LEU C 568 52.22 -8.39 -0.20
N SER C 569 51.52 -9.38 -0.75
CA SER C 569 50.16 -9.68 -0.32
C SER C 569 50.20 -10.65 0.84
N THR C 570 49.18 -10.58 1.70
CA THR C 570 49.14 -11.43 2.88
C THR C 570 48.93 -12.90 2.53
N ALA C 571 48.20 -13.19 1.46
CA ALA C 571 47.96 -14.57 1.08
C ALA C 571 49.25 -15.28 0.67
N GLU C 572 50.18 -14.56 0.06
CA GLU C 572 51.45 -15.16 -0.34
C GLU C 572 52.23 -15.66 0.88
N VAL C 573 52.53 -14.75 1.81
CA VAL C 573 53.42 -15.07 2.92
C VAL C 573 52.76 -16.06 3.87
N GLU C 574 51.47 -15.86 4.17
CA GLU C 574 50.78 -16.73 5.11
C GLU C 574 50.68 -18.15 4.57
N SER C 575 50.49 -18.29 3.25
CA SER C 575 50.50 -19.63 2.65
C SER C 575 51.88 -20.25 2.66
N ALA C 576 52.93 -19.43 2.56
CA ALA C 576 54.28 -19.96 2.62
C ALA C 576 54.65 -20.39 4.03
N LEU C 577 54.23 -19.62 5.03
CA LEU C 577 54.55 -19.96 6.42
C LEU C 577 53.89 -21.27 6.84
N ILE C 578 52.70 -21.57 6.31
CA ILE C 578 51.98 -22.77 6.73
C ILE C 578 52.54 -24.02 6.07
N LEU C 579 53.34 -23.88 5.01
CA LEU C 579 53.99 -25.04 4.41
C LEU C 579 54.96 -25.72 5.38
N HIS C 580 55.47 -24.97 6.36
CA HIS C 580 56.35 -25.55 7.36
C HIS C 580 55.55 -26.43 8.32
N LYS C 581 56.18 -27.51 8.77
CA LYS C 581 55.50 -28.45 9.66
C LYS C 581 55.23 -27.82 11.02
N GLY C 582 54.11 -28.21 11.61
CA GLY C 582 53.70 -27.70 12.90
C GLY C 582 52.95 -26.39 12.87
N VAL C 583 53.10 -25.60 11.81
CA VAL C 583 52.38 -24.33 11.72
C VAL C 583 50.90 -24.58 11.51
N ALA C 584 50.07 -23.96 12.33
CA ALA C 584 48.62 -24.06 12.21
C ALA C 584 47.99 -22.84 11.56
N GLU C 585 48.45 -21.64 11.91
CA GLU C 585 47.85 -20.41 11.40
C GLU C 585 48.86 -19.28 11.55
N THR C 586 48.77 -18.31 10.63
CA THR C 586 49.71 -17.20 10.62
C THR C 586 48.98 -15.91 10.26
N ALA C 587 49.67 -14.79 10.48
CA ALA C 587 49.16 -13.47 10.14
C ALA C 587 50.34 -12.54 9.92
N VAL C 588 50.39 -11.91 8.75
CA VAL C 588 51.53 -11.11 8.33
C VAL C 588 51.08 -9.66 8.19
N VAL C 589 51.71 -8.76 8.95
CA VAL C 589 51.40 -7.35 8.93
C VAL C 589 52.68 -6.57 8.64
N GLY C 590 52.50 -5.29 8.29
CA GLY C 590 53.63 -4.46 7.93
C GLY C 590 53.93 -3.35 8.91
N CYS C 591 55.15 -2.82 8.85
CA CYS C 591 55.58 -1.71 9.69
C CYS C 591 56.73 -1.00 9.01
N ALA C 592 56.90 0.27 9.35
CA ALA C 592 57.88 1.11 8.66
C ALA C 592 59.29 0.60 8.89
N ASP C 593 60.09 0.57 7.81
CA ASP C 593 61.49 0.20 7.86
C ASP C 593 62.30 1.24 7.10
N ASP C 594 63.53 1.48 7.58
CA ASP C 594 64.37 2.52 6.97
C ASP C 594 65.10 2.01 5.74
N LEU C 595 65.43 0.72 5.69
CA LEU C 595 66.17 0.18 4.56
C LEU C 595 65.28 -0.30 3.43
N THR C 596 64.05 -0.70 3.74
CA THR C 596 63.13 -1.25 2.74
C THR C 596 61.81 -0.51 2.65
N GLY C 597 61.70 0.65 3.30
CA GLY C 597 60.44 1.36 3.31
C GLY C 597 59.49 0.82 4.36
N GLN C 598 59.14 -0.46 4.22
CA GLN C 598 58.37 -1.19 5.22
C GLN C 598 59.07 -2.51 5.49
N ALA C 599 58.62 -3.20 6.54
CA ALA C 599 59.19 -4.48 6.92
C ALA C 599 58.06 -5.44 7.28
N VAL C 600 58.37 -6.74 7.21
CA VAL C 600 57.39 -7.80 7.40
C VAL C 600 57.48 -8.32 8.83
N TYR C 601 56.35 -8.39 9.51
CA TYR C 601 56.25 -8.93 10.86
C TYR C 601 55.19 -10.02 10.87
N ALA C 602 55.58 -11.23 11.24
CA ALA C 602 54.70 -12.40 11.16
C ALA C 602 54.31 -12.86 12.55
N PHE C 603 53.02 -13.18 12.72
CA PHE C 603 52.48 -13.78 13.94
C PHE C 603 52.10 -15.22 13.61
N VAL C 604 52.84 -16.17 14.18
CA VAL C 604 52.72 -17.59 13.85
C VAL C 604 52.08 -18.31 15.04
N THR C 605 51.11 -19.17 14.75
CA THR C 605 50.49 -20.03 15.74
C THR C 605 50.81 -21.47 15.39
N MET C 606 51.45 -22.19 16.31
CA MET C 606 51.82 -23.57 16.09
C MET C 606 50.72 -24.51 16.55
N LYS C 607 50.80 -25.75 16.08
CA LYS C 607 49.89 -26.79 16.56
C LYS C 607 50.15 -27.02 18.05
N PRO C 608 49.10 -27.33 18.82
CA PRO C 608 49.28 -27.46 20.27
C PRO C 608 50.21 -28.59 20.67
N GLU C 609 50.44 -29.58 19.80
CA GLU C 609 51.32 -30.70 20.09
C GLU C 609 52.76 -30.45 19.65
N PHE C 610 53.13 -29.19 19.41
CA PHE C 610 54.49 -28.84 19.01
C PHE C 610 55.28 -28.40 20.23
N ASP C 611 56.36 -29.12 20.52
CA ASP C 611 57.21 -28.81 21.67
C ASP C 611 58.07 -27.60 21.35
N LEU C 612 57.80 -26.49 22.02
CA LEU C 612 58.56 -25.25 21.83
C LEU C 612 59.81 -25.17 22.69
N LYS C 613 60.09 -26.20 23.50
CA LYS C 613 61.30 -26.25 24.31
C LYS C 613 62.39 -27.11 23.70
N ALA C 614 62.02 -28.28 23.15
CA ALA C 614 63.00 -29.09 22.44
C ALA C 614 63.51 -28.37 21.21
N THR C 615 62.61 -27.75 20.45
CA THR C 615 62.99 -26.92 19.32
C THR C 615 63.14 -25.48 19.80
N LYS C 616 64.35 -24.93 19.64
CA LYS C 616 64.61 -23.56 20.08
C LYS C 616 63.72 -22.58 19.33
N GLU C 617 63.21 -21.58 20.06
CA GLU C 617 62.32 -20.59 19.44
C GLU C 617 63.06 -19.75 18.41
N ALA C 618 64.35 -19.44 18.67
CA ALA C 618 65.12 -18.70 17.68
C ALA C 618 65.41 -19.55 16.45
N ASP C 619 65.54 -20.87 16.61
CA ASP C 619 65.82 -21.73 15.48
C ASP C 619 64.59 -21.93 14.60
N LEU C 620 63.39 -21.90 15.20
CA LEU C 620 62.17 -22.03 14.41
C LEU C 620 61.95 -20.80 13.53
N SER C 621 62.23 -19.60 14.05
CA SER C 621 62.09 -18.40 13.26
C SER C 621 62.99 -18.42 12.03
N LYS C 622 64.16 -19.06 12.14
CA LYS C 622 65.06 -19.14 10.99
C LYS C 622 64.49 -20.03 9.90
N GLU C 623 64.01 -21.21 10.27
CA GLU C 623 63.45 -22.13 9.29
C GLU C 623 62.22 -21.54 8.60
N LEU C 624 61.48 -20.68 9.30
CA LEU C 624 60.33 -20.02 8.68
C LEU C 624 60.77 -18.96 7.68
N ALA C 625 61.81 -18.20 8.02
CA ALA C 625 62.30 -17.18 7.10
C ALA C 625 62.96 -17.81 5.87
N ILE C 626 63.47 -19.03 6.01
CA ILE C 626 64.02 -19.74 4.85
C ILE C 626 62.90 -20.20 3.93
N GLN C 627 61.81 -20.73 4.51
CA GLN C 627 60.68 -21.17 3.71
C GLN C 627 60.04 -20.01 2.94
N VAL C 628 60.07 -18.81 3.51
CA VAL C 628 59.49 -17.66 2.84
C VAL C 628 60.37 -17.23 1.67
N ARG C 629 61.68 -17.09 1.91
CA ARG C 629 62.59 -16.69 0.85
C ARG C 629 62.64 -17.74 -0.26
N LYS C 630 62.51 -19.02 0.10
CA LYS C 630 62.57 -20.08 -0.91
C LYS C 630 61.34 -20.09 -1.80
N VAL C 631 60.20 -19.62 -1.29
CA VAL C 631 58.93 -19.74 -2.01
C VAL C 631 58.56 -18.43 -2.67
N ILE C 632 58.96 -17.30 -2.08
CA ILE C 632 58.52 -16.00 -2.55
C ILE C 632 59.70 -15.18 -3.04
N GLY C 633 60.59 -14.78 -2.14
CA GLY C 633 61.74 -13.99 -2.52
C GLY C 633 62.57 -13.52 -1.35
N PRO C 634 63.79 -13.06 -1.63
CA PRO C 634 64.66 -12.58 -0.55
C PRO C 634 64.13 -11.35 0.16
N PHE C 635 63.27 -10.57 -0.49
CA PHE C 635 62.69 -9.38 0.12
C PHE C 635 61.53 -9.70 1.05
N ALA C 636 60.95 -10.89 0.94
CA ALA C 636 59.74 -11.23 1.68
C ALA C 636 60.02 -11.79 3.07
N ALA C 637 61.29 -11.90 3.46
CA ALA C 637 61.63 -12.49 4.75
C ALA C 637 61.11 -11.61 5.88
N PRO C 638 60.40 -12.17 6.87
CA PRO C 638 59.95 -11.36 8.00
C PRO C 638 61.12 -10.94 8.87
N LYS C 639 61.17 -9.65 9.20
CA LYS C 639 62.24 -9.14 10.05
C LYS C 639 62.09 -9.61 11.49
N LYS C 640 60.88 -9.93 11.92
CA LYS C 640 60.63 -10.43 13.26
C LYS C 640 59.42 -11.36 13.23
N ILE C 641 59.46 -12.39 14.06
CA ILE C 641 58.43 -13.41 14.11
C ILE C 641 58.04 -13.64 15.56
N TYR C 642 56.80 -13.31 15.91
CA TYR C 642 56.27 -13.56 17.24
C TYR C 642 55.41 -14.82 17.21
N LEU C 643 55.52 -15.64 18.25
CA LEU C 643 54.78 -16.90 18.36
C LEU C 643 53.68 -16.72 19.40
N VAL C 644 52.47 -16.43 18.93
CA VAL C 644 51.31 -16.26 19.80
C VAL C 644 50.46 -17.51 19.77
N SER C 645 49.71 -17.73 20.84
CA SER C 645 48.84 -18.91 20.92
C SER C 645 47.56 -18.73 20.11
N ASP C 646 47.11 -17.49 19.92
CA ASP C 646 45.93 -17.22 19.12
C ASP C 646 46.06 -15.84 18.50
N LEU C 647 45.28 -15.61 17.44
CA LEU C 647 45.32 -14.37 16.69
C LEU C 647 44.04 -13.57 16.91
N PRO C 648 44.09 -12.25 16.73
CA PRO C 648 42.87 -11.43 16.82
C PRO C 648 42.00 -11.65 15.60
N LYS C 649 40.79 -12.15 15.82
CA LYS C 649 39.85 -12.43 14.74
C LYS C 649 38.47 -11.91 15.13
N THR C 650 37.67 -11.59 14.11
CA THR C 650 36.30 -11.19 14.33
C THR C 650 35.41 -12.42 14.50
N ARG C 651 34.15 -12.16 14.86
CA ARG C 651 33.19 -13.26 15.04
C ARG C 651 32.76 -13.87 13.72
N SER C 652 33.18 -13.31 12.59
CA SER C 652 33.02 -13.94 11.29
C SER C 652 34.26 -14.73 10.85
N GLY C 653 35.33 -14.72 11.65
CA GLY C 653 36.51 -15.51 11.35
C GLY C 653 37.66 -14.75 10.72
N LYS C 654 37.43 -13.53 10.24
N LYS C 654 37.44 -13.52 10.26
CA LYS C 654 38.49 -12.78 9.56
CA LYS C 654 38.49 -12.77 9.58
C LYS C 654 39.56 -12.35 10.56
C LYS C 654 39.56 -12.35 10.56
N ILE C 655 40.83 -12.57 10.19
CA ILE C 655 41.94 -12.15 11.03
C ILE C 655 42.08 -10.64 10.95
N MET C 656 42.04 -9.98 12.11
CA MET C 656 42.17 -8.52 12.18
C MET C 656 43.64 -8.16 12.15
N ARG C 657 44.20 -8.09 10.94
CA ARG C 657 45.59 -7.68 10.78
C ARG C 657 45.79 -6.21 11.09
N ARG C 658 44.73 -5.41 11.05
CA ARG C 658 44.85 -4.01 11.45
C ARG C 658 45.20 -3.88 12.92
N VAL C 659 44.74 -4.82 13.75
CA VAL C 659 45.08 -4.79 15.17
C VAL C 659 46.53 -5.15 15.39
N LEU C 660 46.99 -6.23 14.75
CA LEU C 660 48.38 -6.63 14.86
C LEU C 660 49.32 -5.57 14.30
N ARG C 661 48.88 -4.86 13.26
CA ARG C 661 49.71 -3.81 12.69
C ARG C 661 49.88 -2.64 13.65
N LYS C 662 48.82 -2.31 14.40
CA LYS C 662 48.91 -1.21 15.36
C LYS C 662 49.72 -1.60 16.59
N ILE C 663 49.69 -2.89 16.97
CA ILE C 663 50.50 -3.34 18.10
C ILE C 663 51.98 -3.30 17.75
N VAL C 664 52.33 -3.64 16.50
CA VAL C 664 53.70 -3.49 16.05
C VAL C 664 54.11 -2.03 16.07
N ALA C 665 53.22 -1.14 15.62
CA ALA C 665 53.48 0.29 15.67
C ALA C 665 53.44 0.85 17.09
N GLY C 666 53.04 0.04 18.08
CA GLY C 666 53.03 0.47 19.46
C GLY C 666 51.78 1.20 19.90
N GLU C 667 50.66 0.99 19.22
CA GLU C 667 49.42 1.67 19.58
C GLU C 667 48.54 0.76 20.44
N PRO C 680 39.12 -12.16 22.34
CA PRO C 680 39.03 -10.87 23.02
C PRO C 680 40.22 -10.62 23.94
N GLN C 681 40.56 -11.62 24.77
CA GLN C 681 41.74 -11.54 25.62
C GLN C 681 43.04 -11.77 24.86
N ILE C 682 42.96 -12.13 23.57
CA ILE C 682 44.16 -12.36 22.79
C ILE C 682 44.94 -11.08 22.54
N VAL C 683 44.28 -9.93 22.58
CA VAL C 683 44.97 -8.66 22.33
C VAL C 683 45.97 -8.38 23.44
N GLU C 684 45.58 -8.59 24.70
CA GLU C 684 46.50 -8.39 25.81
C GLU C 684 47.65 -9.38 25.76
N GLU C 685 47.42 -10.58 25.19
CA GLU C 685 48.49 -11.56 25.07
C GLU C 685 49.46 -11.17 23.96
N VAL C 686 48.95 -10.63 22.85
CA VAL C 686 49.82 -10.24 21.75
C VAL C 686 50.63 -9.00 22.12
N LYS C 687 49.99 -8.03 22.76
CA LYS C 687 50.70 -6.81 23.17
C LYS C 687 51.83 -7.12 24.14
N GLN C 688 51.65 -8.13 24.98
CA GLN C 688 52.71 -8.51 25.92
C GLN C 688 53.89 -9.16 25.19
N LYS C 689 53.60 -10.05 24.23
CA LYS C 689 54.65 -10.73 23.50
C LYS C 689 55.41 -9.79 22.57
N VAL C 690 54.81 -8.66 22.19
CA VAL C 690 55.54 -7.69 21.38
C VAL C 690 56.56 -6.94 22.23
N THR C 691 56.31 -6.83 23.53
CA THR C 691 57.24 -6.15 24.43
C THR C 691 58.18 -7.16 25.09
#